data_6T9N
#
_entry.id   6T9N
#
_cell.length_a   1.00
_cell.length_b   1.00
_cell.length_c   1.00
_cell.angle_alpha   90.00
_cell.angle_beta   90.00
_cell.angle_gamma   90.00
#
_symmetry.space_group_name_H-M   'P 1'
#
loop_
_entity.id
_entity.type
_entity.pdbx_description
1 polymer Polycystin-2
2 branched 2-acetamido-2-deoxy-beta-D-glucopyranose-(1-4)-2-acetamido-2-deoxy-beta-D-glucopyranose
3 non-polymer CHOLESTEROL
4 non-polymer 2-acetamido-2-deoxy-beta-D-glucopyranose
5 non-polymer UNDECYL-MALTOSIDE
6 non-polymer 'CALCIUM ION'
#
_entity_poly.entity_id   1
_entity_poly.type   'polypeptide(L)'
_entity_poly.pdbx_seq_one_letter_code
;MPRVAWAERLVRGLRGLWGTRLMEESSTNREKYLKSVLRELVTYLLFLIVLCILTYGMMSSNVYYYTRMMSQLFLDTPVS
KTEKTNFKTLSSMEDFWKFTEGSLLDGLYWKMQPSNQTEADNRSFIFYENLLLGVPRIRQLRVRNGSCSIPQDLRDEIKE
CYDVYSVSSEDRAPFGPRNGTAWIYTSEKDLNGSSHWGIIATYSGAGYYLDLSRTREETAAQVASLKKNVWLDRGTRATF
IDFSVYNANINLFCVVRLLVEFPATGGVIPSWQFQPLKLIRYVTTFDFFLAACEIIFCFFIFYYVVEEILEIRIHKLHYF
RSFWNCLDVVIVVLSVVAIGINIYRTSNVEVLLQFLEDQNTFPNFEHLAYWQIQFNNIAAVTVFFVWIKLFKFINFNRTM
SQLSTTMSRCAKDLFGFAIMFFIIFLAYAQLAYLVFGTQVDDFSTFQECIFTQFRIILGDINFAEIEEANRVLGPIYFTT
FVFFMFFILLNMFLAIINDTYSEVKSDLAQQKAEMELSDLIRKGYHKALVKLKLKKNTVDAENLYFQ
;
_entity_poly.pdbx_strand_id   A,B,C,D
#
loop_
_chem_comp.id
_chem_comp.type
_chem_comp.name
_chem_comp.formula
CA non-polymer 'CALCIUM ION' 'Ca 2'
CLR non-polymer CHOLESTEROL 'C27 H46 O'
NAG D-saccharide, beta linking 2-acetamido-2-deoxy-beta-D-glucopyranose 'C8 H15 N O6'
UMQ non-polymer UNDECYL-MALTOSIDE 'C23 H44 O11'
#
# COMPACT_ATOMS: atom_id res chain seq x y z
N ARG A 30 -19.99 -53.69 -1.80
CA ARG A 30 -19.79 -52.42 -2.50
C ARG A 30 -21.08 -51.60 -2.54
N GLU A 31 -22.22 -52.27 -2.73
CA GLU A 31 -23.49 -51.57 -2.73
C GLU A 31 -23.89 -51.11 -1.35
N LYS A 32 -23.52 -51.87 -0.30
CA LYS A 32 -23.76 -51.44 1.07
C LYS A 32 -22.78 -50.37 1.52
N TYR A 33 -21.54 -50.43 1.04
CA TYR A 33 -20.57 -49.37 1.29
C TYR A 33 -21.02 -48.07 0.64
N LEU A 34 -21.49 -48.17 -0.62
CA LEU A 34 -22.02 -46.99 -1.29
C LEU A 34 -23.31 -46.50 -0.65
N LYS A 35 -24.09 -47.42 -0.08
CA LYS A 35 -25.34 -47.02 0.59
C LYS A 35 -25.05 -46.28 1.89
N SER A 36 -24.06 -46.74 2.66
CA SER A 36 -23.69 -46.05 3.88
C SER A 36 -23.03 -44.70 3.59
N VAL A 37 -22.18 -44.65 2.55
CA VAL A 37 -21.60 -43.38 2.12
C VAL A 37 -22.67 -42.41 1.65
N LEU A 38 -23.69 -42.91 0.95
CA LEU A 38 -24.79 -42.08 0.49
C LEU A 38 -25.64 -41.54 1.63
N ARG A 39 -25.94 -42.36 2.64
CA ARG A 39 -26.77 -41.85 3.71
C ARG A 39 -25.99 -40.88 4.61
N GLU A 40 -24.68 -41.11 4.82
CA GLU A 40 -23.94 -40.12 5.59
C GLU A 40 -23.68 -38.86 4.77
N LEU A 41 -23.63 -38.97 3.44
CA LEU A 41 -23.51 -37.78 2.60
C LEU A 41 -24.76 -36.94 2.63
N VAL A 42 -25.94 -37.55 2.51
CA VAL A 42 -27.16 -36.73 2.56
C VAL A 42 -27.43 -36.20 3.96
N THR A 43 -27.01 -36.92 5.00
CA THR A 43 -27.09 -36.40 6.36
C THR A 43 -26.21 -35.16 6.52
N TYR A 44 -24.98 -35.25 6.05
CA TYR A 44 -24.07 -34.11 6.11
C TYR A 44 -24.54 -32.95 5.24
N LEU A 45 -25.17 -33.22 4.10
CA LEU A 45 -25.63 -32.12 3.24
C LEU A 45 -26.81 -31.40 3.86
N LEU A 46 -27.73 -32.14 4.49
CA LEU A 46 -28.81 -31.50 5.25
C LEU A 46 -28.25 -30.68 6.40
N PHE A 47 -27.25 -31.22 7.09
CA PHE A 47 -26.61 -30.49 8.18
C PHE A 47 -25.92 -29.22 7.72
N LEU A 48 -25.25 -29.28 6.56
CA LEU A 48 -24.58 -28.13 6.01
C LEU A 48 -25.57 -27.07 5.53
N ILE A 49 -26.71 -27.49 4.98
CA ILE A 49 -27.74 -26.55 4.59
C ILE A 49 -28.33 -25.85 5.82
N VAL A 50 -28.60 -26.60 6.88
CA VAL A 50 -29.19 -26.03 8.09
C VAL A 50 -28.22 -25.06 8.75
N LEU A 51 -26.94 -25.42 8.77
CA LEU A 51 -25.93 -24.55 9.36
C LEU A 51 -25.70 -23.29 8.52
N CYS A 52 -25.74 -23.39 7.19
CA CYS A 52 -25.59 -22.20 6.37
C CYS A 52 -26.84 -21.33 6.40
N ILE A 53 -28.00 -21.89 6.73
CA ILE A 53 -29.16 -21.05 6.99
C ILE A 53 -29.00 -20.31 8.31
N LEU A 54 -28.46 -20.99 9.33
CA LEU A 54 -28.26 -20.36 10.63
C LEU A 54 -27.27 -19.21 10.56
N THR A 55 -26.22 -19.35 9.77
CA THR A 55 -25.29 -18.23 9.66
C THR A 55 -25.64 -17.28 8.52
N TYR A 56 -26.75 -17.49 7.84
CA TYR A 56 -27.37 -16.46 7.04
C TYR A 56 -28.21 -15.52 7.88
N GLY A 57 -28.71 -15.98 9.02
CA GLY A 57 -29.52 -15.16 9.89
C GLY A 57 -28.74 -14.56 11.05
N MET A 58 -27.52 -15.03 11.26
CA MET A 58 -26.61 -14.33 12.15
C MET A 58 -26.17 -13.01 11.55
N MET A 59 -25.85 -13.03 10.26
CA MET A 59 -25.47 -11.82 9.54
C MET A 59 -26.71 -11.25 8.89
N SER A 60 -27.22 -10.16 9.45
CA SER A 60 -28.19 -9.36 8.71
C SER A 60 -27.47 -8.67 7.55
N SER A 61 -28.25 -8.16 6.60
CA SER A 61 -27.71 -7.81 5.29
C SER A 61 -26.79 -6.59 5.37
N ASN A 62 -27.13 -5.64 6.23
CA ASN A 62 -26.32 -4.43 6.34
C ASN A 62 -26.22 -4.00 7.79
N VAL A 63 -25.35 -4.68 8.54
CA VAL A 63 -25.04 -4.23 9.89
C VAL A 63 -23.77 -3.41 9.87
N TYR A 64 -22.95 -3.59 8.82
CA TYR A 64 -21.76 -2.78 8.66
C TYR A 64 -22.09 -1.31 8.51
N TYR A 65 -23.20 -1.00 7.84
CA TYR A 65 -23.62 0.38 7.73
C TYR A 65 -24.36 0.86 8.95
N TYR A 66 -24.47 0.01 9.98
CA TYR A 66 -25.01 0.46 11.25
C TYR A 66 -23.89 0.69 12.24
N THR A 67 -22.78 -0.02 12.08
CA THR A 67 -21.64 0.25 12.93
C THR A 67 -20.78 1.38 12.40
N ARG A 68 -20.71 1.57 11.08
CA ARG A 68 -19.84 2.63 10.61
C ARG A 68 -20.45 4.01 10.74
N MET A 69 -21.78 4.12 10.82
CA MET A 69 -22.36 5.42 11.06
C MET A 69 -22.16 5.83 12.51
N MET A 70 -22.27 4.88 13.43
CA MET A 70 -21.95 5.13 14.82
C MET A 70 -20.48 5.43 15.00
N SER A 71 -19.61 4.73 14.29
CA SER A 71 -18.18 4.97 14.36
C SER A 71 -17.80 6.34 13.81
N GLN A 72 -18.31 6.68 12.64
CA GLN A 72 -18.02 7.98 12.08
C GLN A 72 -18.70 9.11 12.81
N LEU A 73 -19.74 8.83 13.59
CA LEU A 73 -20.29 9.87 14.43
C LEU A 73 -19.43 10.09 15.66
N PHE A 74 -18.99 9.03 16.31
CA PHE A 74 -18.26 9.20 17.57
C PHE A 74 -16.76 9.20 17.41
N LEU A 75 -16.19 8.46 16.47
CA LEU A 75 -14.75 8.41 16.41
C LEU A 75 -14.20 9.45 15.45
N ASP A 76 -14.81 9.60 14.28
CA ASP A 76 -14.23 10.37 13.19
C ASP A 76 -14.68 11.82 13.16
N THR A 77 -15.64 12.23 13.99
CA THR A 77 -15.88 13.66 13.93
C THR A 77 -14.83 14.42 14.70
N PRO A 78 -14.43 15.58 14.19
CA PRO A 78 -13.48 16.43 14.91
C PRO A 78 -14.03 16.84 16.26
N VAL A 79 -13.14 16.93 17.24
CA VAL A 79 -13.54 17.02 18.64
C VAL A 79 -14.18 18.36 18.93
N SER A 80 -13.59 19.43 18.42
CA SER A 80 -14.18 20.76 18.53
C SER A 80 -14.16 21.42 17.15
N LYS A 81 -14.89 22.52 17.01
CA LYS A 81 -15.01 23.21 15.74
C LYS A 81 -13.73 23.92 15.31
N THR A 82 -12.82 24.19 16.24
CA THR A 82 -11.50 24.67 15.90
C THR A 82 -10.42 23.61 16.08
N GLU A 83 -10.79 22.37 16.34
CA GLU A 83 -9.83 21.28 16.55
C GLU A 83 -9.97 20.25 15.43
N LYS A 84 -8.86 19.59 15.12
CA LYS A 84 -8.84 18.56 14.10
C LYS A 84 -8.60 17.18 14.66
N THR A 85 -8.47 17.04 15.97
CA THR A 85 -8.28 15.73 16.56
C THR A 85 -9.60 14.97 16.58
N ASN A 86 -9.50 13.66 16.40
CA ASN A 86 -10.63 12.76 16.47
C ASN A 86 -10.76 12.22 17.88
N PHE A 87 -11.55 11.17 18.03
CA PHE A 87 -11.33 10.27 19.15
C PHE A 87 -10.21 9.31 18.82
N LYS A 88 -10.03 8.98 17.55
CA LYS A 88 -8.99 8.04 17.14
C LYS A 88 -7.60 8.62 17.33
N THR A 89 -7.49 9.94 17.31
CA THR A 89 -6.21 10.63 17.40
C THR A 89 -6.14 11.50 18.64
N LEU A 90 -6.73 11.06 19.74
CA LEU A 90 -6.52 11.76 21.01
C LEU A 90 -5.09 11.52 21.47
N SER A 91 -4.47 12.56 21.99
CA SER A 91 -3.09 12.47 22.43
C SER A 91 -2.85 12.97 23.84
N SER A 92 -3.84 13.52 24.51
CA SER A 92 -3.63 14.14 25.81
C SER A 92 -4.92 14.03 26.62
N MET A 93 -4.82 14.36 27.89
CA MET A 93 -5.98 14.35 28.77
C MET A 93 -6.92 15.51 28.49
N GLU A 94 -6.39 16.66 28.07
CA GLU A 94 -7.25 17.78 27.74
C GLU A 94 -8.00 17.58 26.44
N ASP A 95 -7.41 16.83 25.50
CA ASP A 95 -8.16 16.40 24.33
C ASP A 95 -9.29 15.46 24.72
N PHE A 96 -9.09 14.64 25.75
CA PHE A 96 -10.16 13.80 26.24
C PHE A 96 -11.27 14.63 26.89
N TRP A 97 -10.93 15.71 27.59
CA TRP A 97 -12.00 16.55 28.11
C TRP A 97 -12.73 17.31 27.02
N LYS A 98 -12.01 17.72 25.97
CA LYS A 98 -12.67 18.36 24.85
C LYS A 98 -13.60 17.38 24.12
N PHE A 99 -13.23 16.11 24.07
CA PHE A 99 -14.11 15.08 23.50
C PHE A 99 -15.34 14.86 24.36
N THR A 100 -15.15 14.71 25.67
CA THR A 100 -16.26 14.40 26.56
C THR A 100 -17.23 15.58 26.68
N GLU A 101 -16.73 16.81 26.58
CA GLU A 101 -17.59 17.98 26.55
C GLU A 101 -18.13 18.30 25.17
N GLY A 102 -17.60 17.66 24.13
CA GLY A 102 -17.86 18.16 22.79
C GLY A 102 -18.47 17.14 21.85
N SER A 103 -17.63 16.30 21.26
CA SER A 103 -18.11 15.39 20.23
C SER A 103 -18.98 14.29 20.82
N LEU A 104 -18.72 13.89 22.06
CA LEU A 104 -19.54 12.88 22.71
C LEU A 104 -20.94 13.41 22.98
N LEU A 105 -21.05 14.64 23.48
CA LEU A 105 -22.36 15.21 23.75
C LEU A 105 -23.10 15.60 22.48
N ASP A 106 -22.40 16.00 21.44
CA ASP A 106 -23.06 16.30 20.18
C ASP A 106 -23.41 15.06 19.39
N GLY A 107 -22.82 13.92 19.73
CA GLY A 107 -23.20 12.67 19.11
C GLY A 107 -24.32 11.96 19.86
N LEU A 108 -24.31 12.03 21.19
CA LEU A 108 -25.32 11.33 21.96
C LEU A 108 -26.67 12.02 21.91
N TYR A 109 -26.70 13.34 22.02
CA TYR A 109 -27.93 14.06 22.26
C TYR A 109 -28.37 14.79 21.01
N TRP A 110 -29.53 14.41 20.50
CA TRP A 110 -30.10 14.90 19.25
C TRP A 110 -31.46 15.50 19.55
N LYS A 111 -31.67 16.74 19.13
CA LYS A 111 -32.91 17.44 19.44
C LYS A 111 -34.06 16.87 18.62
N MET A 112 -35.18 16.63 19.29
CA MET A 112 -36.32 15.97 18.67
C MET A 112 -37.01 16.90 17.69
N GLN A 113 -37.86 16.32 16.84
CA GLN A 113 -38.62 17.11 15.87
C GLN A 113 -39.75 17.89 16.54
N ASN A 122 -38.22 14.81 26.70
CA ASN A 122 -38.01 13.88 25.60
C ASN A 122 -36.71 13.10 25.73
N ARG A 123 -36.25 12.55 24.62
CA ARG A 123 -35.12 11.64 24.61
C ARG A 123 -34.58 11.58 23.19
N SER A 124 -33.34 11.11 23.06
CA SER A 124 -32.60 11.37 21.84
C SER A 124 -32.58 10.18 20.92
N PHE A 125 -32.87 10.44 19.65
CA PHE A 125 -32.76 9.47 18.57
C PHE A 125 -31.57 9.84 17.72
N ILE A 126 -30.51 9.05 17.81
CA ILE A 126 -29.25 9.29 17.11
C ILE A 126 -29.46 8.98 15.63
N PHE A 127 -29.13 9.95 14.78
CA PHE A 127 -29.43 9.98 13.32
C PHE A 127 -30.92 9.90 13.04
N TYR A 128 -31.71 10.32 14.04
CA TYR A 128 -33.18 10.25 14.07
C TYR A 128 -33.71 8.85 13.83
N GLU A 129 -32.92 7.83 14.19
CA GLU A 129 -33.31 6.45 13.99
C GLU A 129 -33.02 5.65 15.25
N ASN A 130 -31.86 5.91 15.87
CA ASN A 130 -31.30 5.05 16.90
C ASN A 130 -31.60 5.65 18.26
N LEU A 131 -32.49 5.02 19.01
CA LEU A 131 -32.85 5.51 20.33
C LEU A 131 -31.75 5.28 21.35
N LEU A 132 -31.27 6.34 21.97
CA LEU A 132 -30.34 6.19 23.10
C LEU A 132 -31.05 5.56 24.28
N LEU A 133 -30.59 4.40 24.71
CA LEU A 133 -31.25 3.66 25.79
C LEU A 133 -30.72 4.13 27.13
N GLY A 134 -31.59 4.75 27.90
CA GLY A 134 -31.23 5.12 29.26
C GLY A 134 -30.23 6.26 29.27
N VAL A 135 -29.27 6.17 30.18
CA VAL A 135 -28.22 7.16 30.29
C VAL A 135 -26.91 6.47 29.96
N PRO A 136 -25.89 7.18 29.51
CA PRO A 136 -24.56 6.59 29.41
C PRO A 136 -23.88 6.54 30.78
N ARG A 137 -22.63 6.12 30.78
CA ARG A 137 -21.87 5.95 32.01
C ARG A 137 -20.41 6.14 31.72
N ILE A 138 -19.77 7.03 32.48
CA ILE A 138 -18.33 7.19 32.44
C ILE A 138 -17.75 6.60 33.72
N ARG A 139 -16.63 5.88 33.58
CA ARG A 139 -16.03 5.13 34.67
C ARG A 139 -14.52 5.24 34.59
N GLN A 140 -13.88 5.38 35.74
CA GLN A 140 -12.44 5.62 35.83
C GLN A 140 -11.78 4.52 36.65
N LEU A 141 -10.56 4.16 36.27
CA LEU A 141 -9.73 3.26 37.06
C LEU A 141 -8.47 3.99 37.49
N ARG A 142 -8.12 3.87 38.76
CA ARG A 142 -7.04 4.66 39.35
C ARG A 142 -6.01 3.76 40.00
N VAL A 143 -4.77 4.23 40.02
CA VAL A 143 -3.72 3.58 40.78
C VAL A 143 -3.31 4.48 41.93
N ARG A 144 -2.66 3.86 42.92
CA ARG A 144 -2.32 4.56 44.14
C ARG A 144 -1.07 5.41 43.94
N ASN A 145 -1.00 6.49 44.71
CA ASN A 145 0.27 7.14 44.97
C ASN A 145 1.13 6.20 45.80
N GLY A 146 2.42 6.14 45.47
CA GLY A 146 3.29 5.24 46.18
C GLY A 146 3.19 3.81 45.76
N SER A 147 2.55 3.54 44.62
CA SER A 147 2.40 2.17 44.14
C SER A 147 3.64 1.66 43.42
N CYS A 148 4.64 2.50 43.22
CA CYS A 148 5.95 2.09 42.76
C CYS A 148 7.02 2.62 43.71
N SER A 149 8.28 2.36 43.36
CA SER A 149 9.41 2.73 44.20
C SER A 149 10.33 3.67 43.43
N ILE A 150 10.43 4.90 43.92
CA ILE A 150 11.37 5.88 43.38
C ILE A 150 12.76 5.46 43.81
N PRO A 151 13.75 5.43 42.94
CA PRO A 151 15.11 5.03 43.33
C PRO A 151 15.72 6.02 44.31
N GLN A 152 16.70 5.52 45.06
CA GLN A 152 17.16 6.19 46.27
C GLN A 152 17.89 7.50 45.95
N ASP A 153 18.51 7.60 44.79
CA ASP A 153 19.19 8.83 44.41
C ASP A 153 18.24 9.89 43.86
N LEU A 154 16.96 9.57 43.68
CA LEU A 154 15.98 10.49 43.12
C LEU A 154 14.78 10.73 44.02
N ARG A 155 14.86 10.35 45.28
CA ARG A 155 13.75 10.63 46.19
C ARG A 155 13.76 12.07 46.68
N ASP A 156 14.79 12.84 46.33
CA ASP A 156 14.77 14.26 46.61
C ASP A 156 13.99 15.04 45.55
N GLU A 157 14.20 14.71 44.28
CA GLU A 157 13.63 15.50 43.19
C GLU A 157 12.17 15.12 42.93
N ILE A 158 11.89 13.84 42.81
CA ILE A 158 10.57 13.36 42.46
C ILE A 158 9.87 12.88 43.72
N LYS A 159 8.69 13.43 43.99
CA LYS A 159 7.96 13.09 45.21
C LYS A 159 7.13 11.84 45.03
N GLU A 160 6.36 11.77 43.95
CA GLU A 160 5.32 10.76 43.82
C GLU A 160 5.51 9.97 42.54
N CYS A 161 5.10 8.72 42.57
CA CYS A 161 5.10 7.90 41.36
C CYS A 161 3.88 7.00 41.39
N TYR A 162 3.37 6.72 40.19
CA TYR A 162 2.16 5.96 40.00
C TYR A 162 2.47 4.81 39.07
N ASP A 163 2.33 3.59 39.58
CA ASP A 163 2.73 2.39 38.86
C ASP A 163 1.80 2.14 37.67
N VAL A 164 2.24 1.27 36.77
CA VAL A 164 1.39 0.71 35.73
C VAL A 164 0.21 0.00 36.38
N TYR A 165 -0.94 -0.02 35.70
CA TYR A 165 -2.15 -0.60 36.25
C TYR A 165 -2.01 -2.10 36.51
N SER A 166 -2.19 -2.48 37.76
CA SER A 166 -2.48 -3.84 38.15
C SER A 166 -3.60 -3.79 39.18
N VAL A 167 -4.08 -4.96 39.57
CA VAL A 167 -5.13 -5.00 40.58
C VAL A 167 -4.55 -4.71 41.97
N SER A 168 -3.29 -5.07 42.19
CA SER A 168 -2.66 -4.75 43.46
C SER A 168 -2.35 -3.27 43.60
N SER A 169 -2.07 -2.60 42.48
CA SER A 169 -1.77 -1.17 42.50
C SER A 169 -3.02 -0.29 42.51
N GLU A 170 -4.20 -0.87 42.43
CA GLU A 170 -5.41 -0.12 42.19
C GLU A 170 -5.84 0.67 43.42
N ASP A 171 -6.31 1.88 43.19
CA ASP A 171 -6.69 2.79 44.26
C ASP A 171 -8.13 2.49 44.68
N ARG A 172 -8.36 2.35 45.98
CA ARG A 172 -9.69 2.17 46.52
C ARG A 172 -10.19 3.36 47.31
N ALA A 173 -9.37 4.39 47.46
CA ALA A 173 -9.68 5.44 48.41
C ALA A 173 -10.69 6.42 47.81
N PRO A 174 -11.49 7.10 48.63
CA PRO A 174 -12.24 8.23 48.11
C PRO A 174 -11.30 9.38 47.84
N PHE A 175 -11.68 10.29 46.95
CA PHE A 175 -10.83 11.43 46.62
C PHE A 175 -11.71 12.56 46.12
N GLY A 176 -11.08 13.72 45.93
CA GLY A 176 -11.79 14.90 45.49
C GLY A 176 -12.79 15.37 46.51
N PRO A 177 -13.94 15.85 46.05
CA PRO A 177 -15.01 16.27 46.97
C PRO A 177 -15.70 15.16 47.74
N ARG A 178 -15.53 13.91 47.33
CA ARG A 178 -15.95 12.71 48.06
C ARG A 178 -17.46 12.61 48.26
N ASN A 179 -18.28 13.35 47.50
CA ASN A 179 -19.69 13.31 47.80
C ASN A 179 -20.54 12.70 46.67
N GLY A 180 -20.01 11.75 45.91
CA GLY A 180 -20.79 11.10 44.89
C GLY A 180 -20.30 9.70 44.64
N THR A 181 -20.86 9.09 43.59
CA THR A 181 -20.34 7.82 43.10
C THR A 181 -19.13 8.00 42.20
N ALA A 182 -18.92 9.20 41.68
CA ALA A 182 -17.75 9.47 40.86
C ALA A 182 -16.49 9.63 41.69
N TRP A 183 -16.62 9.79 42.99
CA TRP A 183 -15.50 10.10 43.85
C TRP A 183 -15.23 9.01 44.87
N ILE A 184 -15.97 7.90 44.81
CA ILE A 184 -15.91 6.83 45.78
C ILE A 184 -15.83 5.51 45.03
N TYR A 185 -14.94 4.64 45.47
CA TYR A 185 -14.71 3.37 44.79
C TYR A 185 -15.90 2.44 44.94
N THR A 186 -16.27 1.81 43.83
CA THR A 186 -17.33 0.82 43.80
C THR A 186 -16.73 -0.46 43.23
N SER A 187 -16.96 -1.58 43.92
CA SER A 187 -16.34 -2.84 43.56
C SER A 187 -16.90 -3.40 42.26
N GLU A 188 -16.27 -4.47 41.78
CA GLU A 188 -16.73 -5.10 40.54
C GLU A 188 -18.05 -5.82 40.77
N LYS A 189 -18.28 -6.32 41.98
CA LYS A 189 -19.51 -7.04 42.28
C LYS A 189 -20.68 -6.07 42.45
N ASP A 190 -20.39 -4.79 42.65
CA ASP A 190 -21.46 -3.87 43.00
C ASP A 190 -21.90 -3.01 41.83
N LEU A 191 -21.09 -2.88 40.79
CA LEU A 191 -21.54 -2.18 39.60
C LEU A 191 -21.73 -3.14 38.43
N ASN A 192 -21.77 -4.44 38.71
CA ASN A 192 -22.22 -5.51 37.81
C ASN A 192 -21.30 -5.64 36.60
N GLY A 193 -20.05 -5.20 36.75
CA GLY A 193 -19.13 -5.10 35.66
C GLY A 193 -18.33 -6.39 35.53
N SER A 194 -17.39 -6.36 34.59
CA SER A 194 -16.53 -7.48 34.30
C SER A 194 -15.23 -6.96 33.71
N SER A 195 -14.23 -7.81 33.66
CA SER A 195 -12.89 -7.38 33.28
C SER A 195 -12.82 -7.12 31.78
N HIS A 196 -12.18 -6.02 31.41
CA HIS A 196 -12.02 -5.63 30.03
C HIS A 196 -10.56 -5.77 29.63
N TRP A 197 -10.32 -6.41 28.50
CA TRP A 197 -8.97 -6.64 28.00
C TRP A 197 -8.63 -5.55 27.01
N GLY A 198 -7.81 -4.61 27.43
CA GLY A 198 -7.47 -3.45 26.63
C GLY A 198 -6.13 -3.62 25.97
N ILE A 199 -5.57 -2.48 25.54
CA ILE A 199 -4.36 -2.52 24.72
C ILE A 199 -3.13 -2.80 25.56
N ILE A 200 -2.99 -2.11 26.69
CA ILE A 200 -1.79 -2.24 27.52
C ILE A 200 -2.05 -2.97 28.82
N ALA A 201 -3.31 -3.17 29.21
CA ALA A 201 -3.59 -3.91 30.43
C ALA A 201 -4.95 -4.58 30.30
N THR A 202 -5.24 -5.43 31.27
CA THR A 202 -6.58 -5.96 31.46
C THR A 202 -7.19 -5.27 32.66
N TYR A 203 -8.30 -4.59 32.45
CA TYR A 203 -8.86 -3.65 33.39
C TYR A 203 -10.03 -4.26 34.13
N SER A 204 -10.02 -4.19 35.44
CA SER A 204 -11.10 -4.70 36.26
C SER A 204 -12.37 -3.90 36.04
N GLY A 205 -13.50 -4.54 36.29
CA GLY A 205 -14.79 -3.91 36.10
C GLY A 205 -15.23 -3.00 37.21
N ALA A 206 -14.36 -2.67 38.15
CA ALA A 206 -14.67 -1.82 39.27
C ALA A 206 -14.33 -0.38 38.93
N GLY A 207 -14.34 0.48 39.93
CA GLY A 207 -13.86 1.82 39.72
C GLY A 207 -14.74 2.93 40.21
N TYR A 208 -14.61 4.09 39.58
CA TYR A 208 -15.23 5.34 40.00
C TYR A 208 -16.16 5.75 38.87
N TYR A 209 -17.43 5.41 38.98
CA TYR A 209 -18.33 5.60 37.85
C TYR A 209 -19.23 6.79 38.07
N LEU A 210 -19.79 7.29 36.97
CA LEU A 210 -20.79 8.34 37.01
C LEU A 210 -21.79 8.07 35.89
N ASP A 211 -23.03 7.76 36.24
CA ASP A 211 -24.09 7.67 35.24
C ASP A 211 -24.50 9.08 34.84
N LEU A 212 -24.66 9.28 33.55
CA LEU A 212 -24.92 10.61 33.03
C LEU A 212 -26.44 10.84 32.97
N SER A 213 -26.93 11.63 32.03
CA SER A 213 -28.32 12.06 32.06
C SER A 213 -28.99 11.89 30.69
N ARG A 214 -30.30 12.08 30.69
CA ARG A 214 -31.09 11.90 29.47
C ARG A 214 -30.96 13.08 28.54
N THR A 215 -30.67 14.26 29.05
CA THR A 215 -30.60 15.49 28.27
C THR A 215 -29.17 16.01 28.23
N ARG A 216 -28.92 16.91 27.29
CA ARG A 216 -27.55 17.35 27.04
C ARG A 216 -27.08 18.33 28.11
N GLU A 217 -28.00 19.10 28.68
CA GLU A 217 -27.59 20.19 29.56
C GLU A 217 -27.23 19.68 30.94
N GLU A 218 -27.98 18.71 31.45
CA GLU A 218 -27.62 18.06 32.71
C GLU A 218 -26.30 17.30 32.57
N THR A 219 -26.08 16.65 31.43
CA THR A 219 -24.86 15.89 31.21
C THR A 219 -23.67 16.80 31.04
N ALA A 220 -23.86 17.94 30.39
CA ALA A 220 -22.78 18.92 30.26
C ALA A 220 -22.44 19.54 31.60
N ALA A 221 -23.45 19.75 32.45
CA ALA A 221 -23.19 20.20 33.82
C ALA A 221 -22.39 19.18 34.61
N GLN A 222 -22.72 17.90 34.44
CA GLN A 222 -22.00 16.86 35.16
C GLN A 222 -20.55 16.71 34.67
N VAL A 223 -20.34 16.79 33.36
CA VAL A 223 -18.99 16.68 32.82
C VAL A 223 -18.16 17.90 33.19
N ALA A 224 -18.77 19.09 33.22
CA ALA A 224 -18.06 20.28 33.66
C ALA A 224 -17.77 20.23 35.15
N SER A 225 -18.63 19.60 35.93
CA SER A 225 -18.36 19.44 37.35
C SER A 225 -17.28 18.39 37.61
N LEU A 226 -17.14 17.40 36.76
CA LEU A 226 -16.00 16.50 36.87
C LEU A 226 -14.69 17.15 36.45
N LYS A 227 -14.72 17.95 35.39
CA LYS A 227 -13.50 18.64 34.96
C LYS A 227 -13.08 19.73 35.92
N LYS A 228 -14.02 20.41 36.57
CA LYS A 228 -13.69 21.48 37.50
C LYS A 228 -12.99 20.94 38.74
N ASN A 229 -13.51 19.86 39.31
CA ASN A 229 -12.95 19.29 40.53
C ASN A 229 -11.75 18.39 40.28
N VAL A 230 -11.27 18.32 39.04
CA VAL A 230 -10.16 17.49 38.56
C VAL A 230 -10.44 16.04 38.89
N TRP A 231 -11.19 15.36 38.02
CA TRP A 231 -11.53 13.98 38.24
C TRP A 231 -10.48 13.07 37.64
N LEU A 232 -9.92 13.47 36.51
CA LEU A 232 -8.83 12.73 35.92
C LEU A 232 -7.52 13.41 36.25
N ASP A 233 -6.64 12.70 36.96
CA ASP A 233 -5.34 13.27 37.28
C ASP A 233 -4.21 12.29 36.96
N ARG A 234 -3.19 12.26 37.80
CA ARG A 234 -2.03 11.45 37.49
C ARG A 234 -2.22 10.00 37.86
N GLY A 235 -3.22 9.70 38.69
CA GLY A 235 -3.47 8.33 39.04
C GLY A 235 -4.36 7.59 38.09
N THR A 236 -4.96 8.30 37.14
CA THR A 236 -5.89 7.69 36.20
C THR A 236 -5.17 6.78 35.23
N ARG A 237 -5.71 5.57 35.05
CA ARG A 237 -5.13 4.62 34.13
C ARG A 237 -6.07 4.16 33.04
N ALA A 238 -7.37 4.43 33.14
CA ALA A 238 -8.35 4.04 32.15
C ALA A 238 -9.59 4.87 32.35
N THR A 239 -10.30 5.15 31.26
CA THR A 239 -11.60 5.78 31.35
C THR A 239 -12.52 5.14 30.33
N PHE A 240 -13.60 4.55 30.80
CA PHE A 240 -14.57 3.86 29.99
C PHE A 240 -15.78 4.75 29.77
N ILE A 241 -16.30 4.77 28.54
CA ILE A 241 -17.57 5.43 28.25
C ILE A 241 -18.45 4.39 27.59
N ASP A 242 -19.58 4.08 28.22
CA ASP A 242 -20.44 2.99 27.80
C ASP A 242 -21.84 3.54 27.57
N PHE A 243 -22.44 3.18 26.43
CA PHE A 243 -23.84 3.47 26.17
C PHE A 243 -24.35 2.47 25.16
N SER A 244 -25.67 2.45 24.99
CA SER A 244 -26.33 1.49 24.13
C SER A 244 -27.43 2.21 23.36
N VAL A 245 -27.55 1.93 22.07
CA VAL A 245 -28.62 2.47 21.27
C VAL A 245 -29.46 1.32 20.75
N TYR A 246 -30.64 1.64 20.24
CA TYR A 246 -31.54 0.65 19.67
C TYR A 246 -32.13 1.19 18.38
N ASN A 247 -32.06 0.39 17.32
CA ASN A 247 -32.66 0.74 16.05
C ASN A 247 -33.93 -0.06 15.87
N ALA A 248 -35.08 0.61 15.92
CA ALA A 248 -36.36 -0.05 15.75
C ALA A 248 -36.60 -0.50 14.32
N ASN A 249 -35.87 0.05 13.35
CA ASN A 249 -36.15 -0.25 11.95
C ASN A 249 -35.62 -1.61 11.56
N ILE A 250 -34.43 -1.95 12.04
CA ILE A 250 -33.78 -3.21 11.71
C ILE A 250 -33.70 -4.14 12.90
N ASN A 251 -34.17 -3.70 14.08
CA ASN A 251 -34.24 -4.48 15.32
C ASN A 251 -32.86 -4.95 15.76
N LEU A 252 -31.98 -3.98 16.01
CA LEU A 252 -30.66 -4.28 16.55
C LEU A 252 -30.32 -3.27 17.63
N PHE A 253 -29.80 -3.77 18.74
CA PHE A 253 -29.13 -2.94 19.71
C PHE A 253 -27.71 -2.72 19.24
N CYS A 254 -27.02 -1.76 19.83
CA CYS A 254 -25.60 -1.53 19.54
C CYS A 254 -24.93 -1.06 20.81
N VAL A 255 -24.08 -1.90 21.37
CA VAL A 255 -23.45 -1.62 22.65
C VAL A 255 -22.11 -0.97 22.36
N VAL A 256 -21.99 0.30 22.71
CA VAL A 256 -20.79 1.08 22.46
C VAL A 256 -19.98 1.11 23.75
N ARG A 257 -18.69 0.81 23.63
CA ARG A 257 -17.72 1.00 24.71
C ARG A 257 -16.52 1.74 24.15
N LEU A 258 -16.28 2.94 24.68
CA LEU A 258 -15.11 3.75 24.32
C LEU A 258 -14.15 3.66 25.49
N LEU A 259 -12.93 3.22 25.22
CA LEU A 259 -11.90 3.14 26.24
C LEU A 259 -10.77 4.09 25.92
N VAL A 260 -10.32 4.85 26.90
CA VAL A 260 -9.13 5.66 26.80
C VAL A 260 -8.17 5.16 27.87
N GLU A 261 -7.03 4.66 27.44
CA GLU A 261 -6.01 4.19 28.37
C GLU A 261 -4.95 5.25 28.57
N PHE A 262 -4.69 5.54 29.84
CA PHE A 262 -3.72 6.55 30.25
C PHE A 262 -2.50 5.81 30.73
N PRO A 263 -1.42 5.74 29.95
CA PRO A 263 -0.26 4.95 30.36
C PRO A 263 0.51 5.64 31.48
N ALA A 264 1.43 4.90 32.10
CA ALA A 264 2.28 5.49 33.11
C ALA A 264 3.28 6.44 32.48
N THR A 265 3.49 6.28 31.17
CA THR A 265 4.43 7.11 30.43
C THR A 265 3.85 8.47 30.12
N GLY A 266 2.53 8.61 30.25
CA GLY A 266 1.83 9.82 29.90
C GLY A 266 1.24 9.71 28.52
N GLY A 267 0.17 10.47 28.31
CA GLY A 267 -0.52 10.42 27.05
C GLY A 267 -1.84 9.67 27.15
N VAL A 268 -2.30 9.20 25.99
CA VAL A 268 -3.63 8.64 25.80
C VAL A 268 -3.58 7.59 24.71
N ILE A 269 -4.14 6.41 24.96
CA ILE A 269 -4.33 5.41 23.93
C ILE A 269 -5.83 5.15 23.77
N PRO A 270 -6.49 5.70 22.75
CA PRO A 270 -7.93 5.47 22.62
C PRO A 270 -8.22 4.11 22.00
N SER A 271 -9.37 3.55 22.36
CA SER A 271 -9.85 2.28 21.88
C SER A 271 -11.36 2.25 21.95
N TRP A 272 -11.98 1.54 21.03
CA TRP A 272 -13.43 1.56 20.89
C TRP A 272 -13.94 0.17 20.60
N GLN A 273 -15.25 0.02 20.65
CA GLN A 273 -15.91 -1.26 20.42
C GLN A 273 -17.38 -0.98 20.15
N PHE A 274 -17.80 -1.19 18.92
CA PHE A 274 -19.20 -1.01 18.50
C PHE A 274 -19.75 -2.40 18.20
N GLN A 275 -20.66 -2.87 19.02
CA GLN A 275 -21.05 -4.28 18.98
C GLN A 275 -22.56 -4.45 18.88
N PRO A 276 -23.09 -4.91 17.75
CA PRO A 276 -24.53 -5.06 17.62
C PRO A 276 -25.06 -6.35 18.24
N LEU A 277 -26.25 -6.23 18.81
CA LEU A 277 -26.92 -7.35 19.45
C LEU A 277 -28.33 -7.47 18.90
N LYS A 278 -28.80 -8.70 18.75
CA LYS A 278 -30.19 -8.97 18.45
C LYS A 278 -30.78 -9.63 19.69
N LEU A 279 -31.39 -8.81 20.56
CA LEU A 279 -31.83 -9.30 21.85
C LEU A 279 -33.32 -9.61 21.86
N ILE A 280 -34.06 -9.10 20.88
CA ILE A 280 -35.47 -9.38 20.75
C ILE A 280 -35.66 -10.27 19.53
N ARG A 281 -35.86 -11.55 19.76
CA ARG A 281 -35.76 -12.54 18.71
C ARG A 281 -36.98 -12.64 17.84
N TYR A 282 -38.17 -12.84 18.40
CA TYR A 282 -39.32 -13.34 17.66
C TYR A 282 -40.18 -12.16 17.22
N VAL A 283 -39.78 -11.55 16.10
CA VAL A 283 -40.46 -10.37 15.58
C VAL A 283 -40.95 -10.64 14.17
N THR A 284 -40.09 -11.16 13.30
CA THR A 284 -40.45 -11.45 11.93
C THR A 284 -40.55 -12.96 11.73
N THR A 285 -41.11 -13.36 10.59
CA THR A 285 -41.30 -14.76 10.24
C THR A 285 -39.98 -15.49 10.03
N PHE A 286 -39.01 -14.84 9.38
CA PHE A 286 -37.69 -15.42 9.17
C PHE A 286 -36.98 -15.68 10.49
N ASP A 287 -37.28 -14.91 11.54
CA ASP A 287 -36.77 -15.22 12.87
C ASP A 287 -37.35 -16.51 13.43
N PHE A 288 -38.63 -16.79 13.17
CA PHE A 288 -39.20 -18.09 13.57
C PHE A 288 -38.57 -19.22 12.78
N PHE A 289 -38.26 -18.99 11.51
CA PHE A 289 -37.59 -20.02 10.74
C PHE A 289 -36.15 -20.24 11.23
N LEU A 290 -35.50 -19.18 11.69
CA LEU A 290 -34.18 -19.33 12.31
C LEU A 290 -34.25 -20.10 13.61
N ALA A 291 -35.33 -19.92 14.39
CA ALA A 291 -35.49 -20.70 15.61
C ALA A 291 -35.74 -22.18 15.30
N ALA A 292 -36.53 -22.44 14.25
CA ALA A 292 -36.75 -23.81 13.80
C ALA A 292 -35.45 -24.45 13.32
N CYS A 293 -34.60 -23.68 12.63
CA CYS A 293 -33.33 -24.23 12.19
C CYS A 293 -32.36 -24.41 13.37
N GLU A 294 -32.51 -23.62 14.43
CA GLU A 294 -31.72 -23.86 15.64
C GLU A 294 -32.09 -25.18 16.29
N ILE A 295 -33.39 -25.47 16.35
CA ILE A 295 -33.84 -26.75 16.93
C ILE A 295 -33.38 -27.91 16.07
N ILE A 296 -33.51 -27.79 14.74
CA ILE A 296 -33.07 -28.85 13.85
C ILE A 296 -31.54 -29.02 13.91
N PHE A 297 -30.80 -27.93 14.12
CA PHE A 297 -29.36 -28.01 14.32
C PHE A 297 -28.98 -28.75 15.58
N CYS A 298 -29.63 -28.47 16.70
CA CYS A 298 -29.25 -29.17 17.91
C CYS A 298 -29.70 -30.64 17.88
N PHE A 299 -30.70 -30.97 17.06
CA PHE A 299 -30.99 -32.38 16.82
C PHE A 299 -29.90 -33.05 15.98
N PHE A 300 -29.37 -32.34 14.98
CA PHE A 300 -28.21 -32.85 14.24
C PHE A 300 -27.00 -33.07 15.14
N ILE A 301 -26.77 -32.15 16.07
CA ILE A 301 -25.60 -32.28 16.92
C ILE A 301 -25.79 -33.40 17.94
N PHE A 302 -27.03 -33.62 18.38
CA PHE A 302 -27.33 -34.80 19.18
C PHE A 302 -27.05 -36.08 18.40
N TYR A 303 -27.44 -36.10 17.12
CA TYR A 303 -27.20 -37.25 16.27
C TYR A 303 -25.71 -37.52 16.08
N TYR A 304 -24.92 -36.47 15.85
CA TYR A 304 -23.48 -36.68 15.62
C TYR A 304 -22.76 -37.05 16.90
N VAL A 305 -23.21 -36.55 18.05
CA VAL A 305 -22.58 -36.95 19.31
C VAL A 305 -22.88 -38.42 19.60
N VAL A 306 -24.11 -38.86 19.33
CA VAL A 306 -24.45 -40.28 19.47
C VAL A 306 -23.62 -41.15 18.52
N GLU A 307 -23.46 -40.69 17.27
CA GLU A 307 -22.69 -41.46 16.29
C GLU A 307 -21.22 -41.55 16.65
N GLU A 308 -20.61 -40.46 17.10
CA GLU A 308 -19.19 -40.51 17.39
C GLU A 308 -18.91 -41.20 18.73
N ILE A 309 -19.88 -41.20 19.64
CA ILE A 309 -19.72 -42.02 20.85
C ILE A 309 -19.86 -43.50 20.51
N LEU A 310 -20.79 -43.87 19.62
CA LEU A 310 -20.91 -45.27 19.23
C LEU A 310 -19.72 -45.73 18.39
N GLU A 311 -19.02 -44.80 17.73
CA GLU A 311 -17.83 -45.19 16.99
C GLU A 311 -16.60 -45.26 17.88
N ILE A 312 -16.48 -44.37 18.87
CA ILE A 312 -15.31 -44.38 19.73
C ILE A 312 -15.35 -45.51 20.76
N ARG A 313 -16.54 -46.07 21.04
CA ARG A 313 -16.63 -47.12 22.04
C ARG A 313 -16.09 -48.44 21.51
N ILE A 314 -16.12 -48.60 20.18
CA ILE A 314 -15.61 -49.82 19.56
C ILE A 314 -14.09 -49.90 19.70
N HIS A 315 -13.40 -48.79 19.51
CA HIS A 315 -11.94 -48.79 19.53
C HIS A 315 -11.42 -47.46 20.03
N LYS A 316 -10.52 -47.52 21.01
CA LYS A 316 -10.15 -46.36 21.80
C LYS A 316 -9.20 -45.43 21.05
N LEU A 317 -7.89 -45.67 21.17
CA LEU A 317 -6.87 -44.86 20.53
C LEU A 317 -6.74 -45.12 19.04
N HIS A 318 -7.39 -46.18 18.53
CA HIS A 318 -7.45 -46.38 17.09
C HIS A 318 -8.36 -45.36 16.43
N TYR A 319 -9.32 -44.82 17.19
CA TYR A 319 -10.23 -43.79 16.70
C TYR A 319 -9.48 -42.51 16.34
N PHE A 320 -8.51 -42.13 17.16
CA PHE A 320 -7.74 -40.91 16.93
C PHE A 320 -6.60 -41.10 15.93
N ARG A 321 -6.46 -42.29 15.36
CA ARG A 321 -5.51 -42.50 14.26
C ARG A 321 -6.25 -42.34 12.93
N SER A 322 -6.77 -41.12 12.75
CA SER A 322 -7.56 -40.72 11.60
C SER A 322 -7.69 -39.21 11.67
N PHE A 323 -7.89 -38.58 10.52
CA PHE A 323 -8.10 -37.15 10.51
C PHE A 323 -9.57 -36.80 10.62
N TRP A 324 -10.43 -37.64 10.08
CA TRP A 324 -11.84 -37.29 10.02
C TRP A 324 -12.54 -37.54 11.33
N ASN A 325 -12.09 -38.53 12.10
CA ASN A 325 -12.65 -38.71 13.43
C ASN A 325 -12.23 -37.58 14.36
N CYS A 326 -10.97 -37.12 14.24
CA CYS A 326 -10.54 -35.95 15.00
C CYS A 326 -11.29 -34.70 14.58
N LEU A 327 -11.61 -34.56 13.30
CA LEU A 327 -12.36 -33.39 12.85
C LEU A 327 -13.81 -33.47 13.33
N ASP A 328 -14.38 -34.67 13.38
CA ASP A 328 -15.74 -34.83 13.92
C ASP A 328 -15.78 -34.52 15.41
N VAL A 329 -14.73 -34.90 16.14
CA VAL A 329 -14.60 -34.55 17.56
C VAL A 329 -14.54 -33.03 17.73
N VAL A 330 -13.74 -32.35 16.92
CA VAL A 330 -13.63 -30.90 16.97
C VAL A 330 -14.98 -30.22 16.67
N ILE A 331 -15.70 -30.74 15.68
CA ILE A 331 -16.99 -30.14 15.29
C ILE A 331 -18.01 -30.33 16.41
N VAL A 332 -18.10 -31.52 17.01
CA VAL A 332 -19.13 -31.69 18.03
C VAL A 332 -18.76 -30.98 19.34
N VAL A 333 -17.47 -30.83 19.64
CA VAL A 333 -17.08 -30.05 20.82
C VAL A 333 -17.42 -28.57 20.63
N LEU A 334 -17.04 -27.99 19.47
CA LEU A 334 -17.36 -26.60 19.19
C LEU A 334 -18.86 -26.37 19.08
N SER A 335 -19.61 -27.35 18.61
CA SER A 335 -21.05 -27.18 18.50
C SER A 335 -21.73 -27.28 19.85
N VAL A 336 -21.24 -28.13 20.75
CA VAL A 336 -21.79 -28.19 22.10
C VAL A 336 -21.48 -26.91 22.86
N VAL A 337 -20.28 -26.35 22.64
CA VAL A 337 -19.93 -25.06 23.25
C VAL A 337 -20.82 -23.94 22.69
N ALA A 338 -21.16 -24.01 21.41
CA ALA A 338 -22.06 -23.02 20.80
C ALA A 338 -23.47 -23.12 21.38
N ILE A 339 -23.97 -24.33 21.55
CA ILE A 339 -25.30 -24.52 22.15
C ILE A 339 -25.29 -24.08 23.61
N GLY A 340 -24.18 -24.31 24.31
CA GLY A 340 -24.09 -23.90 25.70
C GLY A 340 -24.06 -22.40 25.87
N ILE A 341 -23.34 -21.70 24.99
CA ILE A 341 -23.34 -20.24 25.03
C ILE A 341 -24.70 -19.70 24.65
N ASN A 342 -25.34 -20.28 23.63
CA ASN A 342 -26.63 -19.78 23.18
C ASN A 342 -27.77 -20.09 24.15
N ILE A 343 -27.58 -21.03 25.07
CA ILE A 343 -28.60 -21.26 26.10
C ILE A 343 -28.28 -20.50 27.38
N TYR A 344 -27.11 -20.74 27.97
CA TYR A 344 -26.85 -20.25 29.32
C TYR A 344 -26.36 -18.82 29.37
N ARG A 345 -26.06 -18.22 28.23
CA ARG A 345 -25.48 -16.88 28.23
C ARG A 345 -26.16 -15.92 27.28
N THR A 346 -26.22 -16.25 25.99
CA THR A 346 -26.68 -15.28 24.99
C THR A 346 -28.18 -15.08 25.08
N SER A 347 -28.93 -16.15 25.31
CA SER A 347 -30.36 -16.03 25.50
C SER A 347 -30.75 -15.89 26.96
N ASN A 348 -30.09 -15.00 27.70
CA ASN A 348 -30.52 -14.64 29.04
C ASN A 348 -30.72 -13.12 29.05
N VAL A 349 -31.90 -12.71 28.64
CA VAL A 349 -32.22 -11.28 28.46
C VAL A 349 -32.99 -10.86 29.71
N GLU A 350 -32.41 -11.17 30.87
CA GLU A 350 -32.93 -10.67 32.13
C GLU A 350 -32.65 -9.18 32.33
N VAL A 351 -31.56 -8.65 31.76
CA VAL A 351 -31.25 -7.24 31.95
C VAL A 351 -32.10 -6.37 31.03
N LEU A 352 -32.62 -6.94 29.95
CA LEU A 352 -33.44 -6.16 29.03
C LEU A 352 -34.82 -5.88 29.62
N LEU A 353 -35.48 -6.90 30.14
CA LEU A 353 -36.76 -6.71 30.81
C LEU A 353 -36.60 -5.92 32.11
N GLN A 354 -35.43 -6.01 32.74
CA GLN A 354 -35.16 -5.20 33.92
C GLN A 354 -34.98 -3.73 33.55
N PHE A 355 -34.35 -3.47 32.40
CA PHE A 355 -34.22 -2.11 31.91
C PHE A 355 -35.54 -1.51 31.46
N LEU A 356 -36.42 -2.31 30.85
CA LEU A 356 -37.69 -1.79 30.35
C LEU A 356 -38.63 -1.31 31.45
N GLU A 357 -38.35 -1.62 32.72
CA GLU A 357 -39.11 -1.04 33.82
C GLU A 357 -38.78 0.44 33.99
N ASP A 358 -37.50 0.79 34.02
CA ASP A 358 -37.06 2.16 34.28
C ASP A 358 -36.10 2.62 33.18
N GLN A 359 -36.50 3.64 32.44
CA GLN A 359 -35.74 4.13 31.31
C GLN A 359 -34.69 5.16 31.70
N ASN A 360 -34.49 5.39 32.99
CA ASN A 360 -33.59 6.43 33.48
C ASN A 360 -32.31 5.85 34.09
N THR A 361 -32.05 4.57 33.87
CA THR A 361 -30.87 3.91 34.41
C THR A 361 -29.97 3.44 33.27
N PHE A 362 -28.83 2.91 33.65
CA PHE A 362 -27.85 2.40 32.70
C PHE A 362 -28.14 0.95 32.39
N PRO A 363 -28.31 0.56 31.12
CA PRO A 363 -28.54 -0.85 30.78
C PRO A 363 -27.24 -1.63 30.67
N ASN A 364 -27.08 -2.63 31.52
CA ASN A 364 -25.88 -3.46 31.55
C ASN A 364 -25.88 -4.48 30.43
N PHE A 365 -25.40 -4.10 29.25
CA PHE A 365 -25.31 -5.01 28.13
C PHE A 365 -23.87 -5.44 27.88
N GLU A 366 -23.01 -5.37 28.88
CA GLU A 366 -21.61 -5.70 28.68
C GLU A 366 -21.36 -7.19 28.69
N HIS A 367 -22.26 -7.97 29.28
CA HIS A 367 -22.10 -9.41 29.30
C HIS A 367 -22.70 -10.06 28.08
N LEU A 368 -23.84 -9.52 27.63
CA LEU A 368 -24.48 -10.01 26.41
C LEU A 368 -23.60 -9.77 25.20
N ALA A 369 -22.90 -8.65 25.16
CA ALA A 369 -21.99 -8.37 24.06
C ALA A 369 -20.78 -9.27 24.09
N TYR A 370 -20.28 -9.58 25.29
CA TYR A 370 -19.13 -10.47 25.43
C TYR A 370 -19.47 -11.87 24.95
N TRP A 371 -20.61 -12.40 25.38
CA TRP A 371 -20.95 -13.74 24.96
C TRP A 371 -21.48 -13.79 23.54
N GLN A 372 -21.94 -12.67 22.98
CA GLN A 372 -22.24 -12.62 21.56
C GLN A 372 -20.97 -12.67 20.73
N ILE A 373 -19.90 -12.03 21.20
CA ILE A 373 -18.62 -12.14 20.49
C ILE A 373 -18.07 -13.55 20.58
N GLN A 374 -18.16 -14.18 21.75
CA GLN A 374 -17.71 -15.56 21.89
C GLN A 374 -18.53 -16.51 21.04
N PHE A 375 -19.83 -16.29 20.97
CA PHE A 375 -20.69 -17.14 20.15
C PHE A 375 -20.40 -16.95 18.67
N ASN A 376 -20.09 -15.72 18.24
CA ASN A 376 -19.77 -15.52 16.83
C ASN A 376 -18.43 -16.15 16.47
N ASN A 377 -17.46 -16.11 17.38
CA ASN A 377 -16.18 -16.76 17.12
C ASN A 377 -16.33 -18.27 17.02
N ILE A 378 -17.03 -18.87 17.99
CA ILE A 378 -17.31 -20.31 18.01
C ILE A 378 -18.09 -20.73 16.77
N ALA A 379 -19.12 -19.98 16.39
CA ALA A 379 -19.97 -20.36 15.27
C ALA A 379 -19.24 -20.22 13.95
N ALA A 380 -18.40 -19.20 13.80
CA ALA A 380 -17.63 -19.04 12.58
C ALA A 380 -16.60 -20.15 12.41
N VAL A 381 -15.93 -20.52 13.50
CA VAL A 381 -14.97 -21.62 13.45
C VAL A 381 -15.67 -22.96 13.20
N THR A 382 -16.87 -23.14 13.74
CA THR A 382 -17.63 -24.36 13.50
C THR A 382 -18.06 -24.48 12.04
N VAL A 383 -18.51 -23.38 11.44
CA VAL A 383 -18.89 -23.39 10.02
C VAL A 383 -17.68 -23.68 9.14
N PHE A 384 -16.52 -23.13 9.52
CA PHE A 384 -15.27 -23.40 8.80
C PHE A 384 -14.95 -24.89 8.80
N PHE A 385 -14.96 -25.53 9.98
CA PHE A 385 -14.61 -26.95 9.99
C PHE A 385 -15.71 -27.85 9.43
N VAL A 386 -16.96 -27.41 9.42
CA VAL A 386 -18.00 -28.19 8.77
C VAL A 386 -17.81 -28.16 7.26
N TRP A 387 -17.36 -27.03 6.71
CA TRP A 387 -17.00 -27.03 5.29
C TRP A 387 -15.74 -27.83 5.00
N ILE A 388 -14.80 -27.89 5.95
CA ILE A 388 -13.62 -28.73 5.75
C ILE A 388 -14.01 -30.21 5.79
N LYS A 389 -15.08 -30.55 6.48
CA LYS A 389 -15.52 -31.95 6.57
C LYS A 389 -16.03 -32.49 5.23
N LEU A 390 -16.38 -31.61 4.30
CA LEU A 390 -16.88 -31.95 2.97
C LEU A 390 -15.90 -32.76 2.12
N PHE A 391 -14.63 -32.83 2.52
CA PHE A 391 -13.61 -33.56 1.78
C PHE A 391 -13.62 -35.05 2.02
N LYS A 392 -14.46 -35.55 2.91
CA LYS A 392 -14.71 -36.99 2.94
C LYS A 392 -15.44 -37.46 1.71
N PHE A 393 -16.14 -36.57 1.03
CA PHE A 393 -17.12 -36.93 0.03
C PHE A 393 -16.75 -36.47 -1.36
N ILE A 394 -15.55 -35.93 -1.56
CA ILE A 394 -15.11 -35.66 -2.92
C ILE A 394 -13.87 -36.49 -3.27
N ASN A 395 -13.87 -37.77 -2.89
CA ASN A 395 -12.98 -38.74 -3.52
C ASN A 395 -13.76 -39.52 -4.58
N PHE A 396 -14.53 -38.76 -5.37
CA PHE A 396 -15.44 -39.31 -6.35
C PHE A 396 -14.77 -39.58 -7.69
N ASN A 397 -13.46 -39.41 -7.77
CA ASN A 397 -12.79 -39.37 -9.06
C ASN A 397 -11.37 -39.83 -8.84
N ARG A 398 -10.71 -40.26 -9.91
CA ARG A 398 -9.32 -40.66 -9.79
C ARG A 398 -8.41 -39.45 -9.56
N THR A 399 -8.76 -38.31 -10.17
CA THR A 399 -7.96 -37.10 -10.02
C THR A 399 -8.07 -36.54 -8.61
N MET A 400 -9.29 -36.51 -8.06
CA MET A 400 -9.48 -36.03 -6.70
C MET A 400 -8.81 -36.94 -5.69
N SER A 401 -8.80 -38.25 -5.97
CA SER A 401 -8.08 -39.17 -5.10
C SER A 401 -6.57 -38.97 -5.19
N GLN A 402 -6.05 -38.61 -6.37
CA GLN A 402 -4.62 -38.29 -6.45
C GLN A 402 -4.27 -37.04 -5.66
N LEU A 403 -5.14 -36.03 -5.71
CA LEU A 403 -4.87 -34.80 -4.95
C LEU A 403 -4.94 -35.05 -3.45
N SER A 404 -5.93 -35.83 -3.02
CA SER A 404 -6.08 -36.14 -1.60
C SER A 404 -4.94 -37.01 -1.09
N THR A 405 -4.51 -37.98 -1.88
CA THR A 405 -3.40 -38.84 -1.49
C THR A 405 -2.10 -38.06 -1.46
N THR A 406 -1.94 -37.08 -2.36
CA THR A 406 -0.78 -36.20 -2.35
C THR A 406 -0.68 -35.43 -1.05
N MET A 407 -1.76 -34.75 -0.66
CA MET A 407 -1.64 -33.92 0.53
C MET A 407 -1.61 -34.74 1.81
N SER A 408 -2.27 -35.90 1.84
CA SER A 408 -2.18 -36.75 3.02
C SER A 408 -0.81 -37.39 3.15
N ARG A 409 -0.10 -37.62 2.04
CA ARG A 409 1.24 -38.17 2.17
C ARG A 409 2.30 -37.11 2.40
N CYS A 410 2.04 -35.85 2.04
CA CYS A 410 3.03 -34.84 2.33
C CYS A 410 2.76 -34.09 3.63
N ALA A 411 1.67 -34.42 4.33
CA ALA A 411 1.33 -33.76 5.58
C ALA A 411 2.44 -33.87 6.63
N LYS A 412 3.08 -35.03 6.74
CA LYS A 412 4.10 -35.22 7.77
C LYS A 412 5.35 -34.42 7.48
N ASP A 413 5.78 -34.40 6.23
CA ASP A 413 7.01 -33.68 5.90
C ASP A 413 6.77 -32.18 5.86
N LEU A 414 5.56 -31.75 5.50
CA LEU A 414 5.22 -30.33 5.64
C LEU A 414 5.12 -29.93 7.10
N PHE A 415 4.71 -30.82 7.99
CA PHE A 415 4.70 -30.49 9.41
C PHE A 415 6.11 -30.38 9.97
N GLY A 416 7.00 -31.27 9.52
CA GLY A 416 8.40 -31.16 9.94
C GLY A 416 9.06 -29.88 9.46
N PHE A 417 8.84 -29.52 8.20
CA PHE A 417 9.41 -28.27 7.76
C PHE A 417 8.64 -27.06 8.30
N ALA A 418 7.40 -27.23 8.73
CA ALA A 418 6.72 -26.13 9.41
C ALA A 418 7.33 -25.87 10.78
N ILE A 419 7.76 -26.93 11.47
CA ILE A 419 8.52 -26.76 12.71
C ILE A 419 9.82 -26.01 12.46
N MET A 420 10.58 -26.43 11.45
CA MET A 420 11.87 -25.80 11.15
C MET A 420 11.71 -24.35 10.67
N PHE A 421 10.67 -24.12 9.86
CA PHE A 421 10.36 -22.79 9.35
C PHE A 421 9.95 -21.85 10.47
N PHE A 422 9.15 -22.33 11.41
CA PHE A 422 8.73 -21.45 12.50
C PHE A 422 9.82 -21.23 13.52
N ILE A 423 10.81 -22.13 13.62
CA ILE A 423 11.97 -21.82 14.45
C ILE A 423 12.75 -20.65 13.85
N ILE A 424 13.00 -20.67 12.54
CA ILE A 424 13.73 -19.54 11.95
C ILE A 424 12.85 -18.28 11.93
N PHE A 425 11.55 -18.46 11.83
CA PHE A 425 10.60 -17.36 11.76
C PHE A 425 10.50 -16.65 13.10
N LEU A 426 10.47 -17.40 14.19
CA LEU A 426 10.44 -16.78 15.51
C LEU A 426 11.80 -16.28 15.94
N ALA A 427 12.89 -16.83 15.40
CA ALA A 427 14.19 -16.22 15.59
C ALA A 427 14.24 -14.82 14.99
N TYR A 428 13.74 -14.67 13.76
CA TYR A 428 13.64 -13.34 13.16
C TYR A 428 12.67 -12.44 13.89
N ALA A 429 11.55 -12.97 14.38
CA ALA A 429 10.59 -12.14 15.10
C ALA A 429 11.15 -11.63 16.41
N GLN A 430 11.96 -12.42 17.10
CA GLN A 430 12.57 -11.94 18.32
C GLN A 430 13.71 -10.97 18.05
N LEU A 431 14.47 -11.18 16.96
CA LEU A 431 15.40 -10.17 16.47
C LEU A 431 14.71 -8.83 16.20
N ALA A 432 13.61 -8.86 15.46
CA ALA A 432 12.91 -7.64 15.08
C ALA A 432 12.22 -7.00 16.27
N TYR A 433 11.83 -7.77 17.27
CA TYR A 433 11.27 -7.19 18.48
C TYR A 433 12.33 -6.51 19.31
N LEU A 434 13.52 -7.11 19.42
CA LEU A 434 14.60 -6.45 20.14
C LEU A 434 15.12 -5.22 19.43
N VAL A 435 15.02 -5.16 18.11
CA VAL A 435 15.55 -4.01 17.37
C VAL A 435 14.51 -2.92 17.19
N PHE A 436 13.28 -3.23 16.79
CA PHE A 436 12.30 -2.21 16.45
C PHE A 436 11.18 -2.09 17.46
N GLY A 437 11.26 -2.77 18.59
CA GLY A 437 10.10 -2.87 19.46
C GLY A 437 9.78 -1.62 20.23
N THR A 438 10.68 -0.66 20.25
CA THR A 438 10.45 0.61 20.92
C THR A 438 10.17 1.75 19.95
N GLN A 439 10.27 1.51 18.66
CA GLN A 439 10.23 2.57 17.67
C GLN A 439 9.11 2.41 16.67
N VAL A 440 8.80 1.19 16.26
CA VAL A 440 7.87 0.94 15.16
C VAL A 440 6.57 0.42 15.73
N ASP A 441 5.45 0.90 15.17
CA ASP A 441 4.13 0.44 15.57
C ASP A 441 3.96 -1.04 15.30
N ASP A 442 4.42 -1.51 14.14
CA ASP A 442 4.24 -2.87 13.69
C ASP A 442 5.12 -3.88 14.41
N PHE A 443 6.03 -3.43 15.27
CA PHE A 443 6.89 -4.35 16.00
C PHE A 443 6.79 -4.15 17.50
N SER A 444 5.71 -3.55 17.97
CA SER A 444 5.64 -3.07 19.35
C SER A 444 5.48 -4.19 20.35
N THR A 445 4.77 -5.25 19.98
CA THR A 445 4.63 -6.45 20.78
C THR A 445 5.12 -7.63 19.97
N PHE A 446 5.34 -8.77 20.63
CA PHE A 446 5.99 -9.91 19.97
C PHE A 446 5.06 -10.57 18.97
N GLN A 447 3.78 -10.69 19.30
CA GLN A 447 2.83 -11.24 18.35
C GLN A 447 2.66 -10.31 17.15
N GLU A 448 2.79 -9.01 17.36
CA GLU A 448 2.70 -8.09 16.24
C GLU A 448 3.94 -8.16 15.37
N CYS A 449 5.08 -8.59 15.93
CA CYS A 449 6.25 -8.88 15.11
C CYS A 449 6.02 -10.10 14.24
N ILE A 450 5.36 -11.12 14.79
CA ILE A 450 5.02 -12.30 14.00
C ILE A 450 4.09 -11.95 12.84
N PHE A 451 3.07 -11.14 13.13
CA PHE A 451 2.07 -10.84 12.12
C PHE A 451 2.62 -9.89 11.07
N THR A 452 3.52 -8.99 11.50
CA THR A 452 4.24 -8.13 10.59
C THR A 452 5.12 -8.92 9.65
N GLN A 453 5.72 -10.02 10.13
CA GLN A 453 6.53 -10.82 9.23
C GLN A 453 5.71 -11.62 8.23
N PHE A 454 4.52 -12.07 8.61
CA PHE A 454 3.62 -12.63 7.61
C PHE A 454 3.23 -11.59 6.56
N ARG A 455 3.02 -10.34 6.98
CA ARG A 455 2.75 -9.29 6.02
C ARG A 455 3.95 -8.96 5.14
N ILE A 456 5.16 -9.08 5.66
CA ILE A 456 6.36 -8.83 4.84
C ILE A 456 6.53 -9.94 3.82
N ILE A 457 6.22 -11.17 4.20
CA ILE A 457 6.28 -12.29 3.26
C ILE A 457 5.27 -12.10 2.13
N LEU A 458 4.08 -11.57 2.45
CA LEU A 458 3.15 -11.27 1.37
C LEU A 458 3.58 -10.04 0.58
N GLY A 459 3.84 -8.94 1.25
CA GLY A 459 4.28 -7.75 0.56
C GLY A 459 3.61 -6.50 1.09
N ASP A 460 3.18 -6.56 2.34
CA ASP A 460 2.57 -5.43 3.03
C ASP A 460 3.62 -4.86 3.97
N ILE A 461 4.43 -3.96 3.45
CA ILE A 461 5.58 -3.42 4.15
C ILE A 461 5.35 -1.94 4.38
N ASN A 462 5.79 -1.44 5.51
CA ASN A 462 6.10 -0.02 5.68
C ASN A 462 7.59 0.04 6.00
N PHE A 463 8.41 0.06 4.96
CA PHE A 463 9.85 0.02 5.12
C PHE A 463 10.44 1.36 5.49
N ALA A 464 9.69 2.46 5.31
CA ALA A 464 10.20 3.78 5.65
C ALA A 464 10.43 3.90 7.16
N GLU A 465 9.47 3.45 7.95
CA GLU A 465 9.62 3.52 9.40
C GLU A 465 10.60 2.50 9.95
N ILE A 466 10.74 1.33 9.31
CA ILE A 466 11.76 0.36 9.71
C ILE A 466 13.15 0.92 9.44
N GLU A 467 13.34 1.46 8.26
CA GLU A 467 14.62 2.00 7.84
C GLU A 467 14.99 3.29 8.58
N GLU A 468 14.02 4.04 9.11
CA GLU A 468 14.39 5.17 9.94
C GLU A 468 14.39 4.84 11.43
N ALA A 469 13.92 3.67 11.83
CA ALA A 469 14.09 3.25 13.22
C ALA A 469 15.52 2.84 13.50
N ASN A 470 16.09 2.03 12.61
CA ASN A 470 17.48 1.62 12.68
C ASN A 470 17.97 1.53 11.25
N ARG A 471 18.98 2.34 10.92
CA ARG A 471 19.42 2.46 9.54
C ARG A 471 20.40 1.38 9.12
N VAL A 472 20.90 0.58 10.04
CA VAL A 472 21.80 -0.52 9.71
C VAL A 472 21.10 -1.86 9.81
N LEU A 473 20.45 -2.14 10.94
CA LEU A 473 19.78 -3.42 11.06
C LEU A 473 18.38 -3.44 10.50
N GLY A 474 17.81 -2.29 10.17
CA GLY A 474 16.59 -2.25 9.41
C GLY A 474 16.77 -2.84 8.03
N PRO A 475 17.67 -2.24 7.24
CA PRO A 475 18.20 -2.90 6.04
C PRO A 475 18.62 -4.35 6.15
N ILE A 476 19.46 -4.71 7.12
CA ILE A 476 20.00 -6.06 7.18
C ILE A 476 18.92 -7.07 7.55
N TYR A 477 18.08 -6.73 8.53
CA TYR A 477 16.91 -7.54 8.87
C TYR A 477 16.00 -7.74 7.67
N PHE A 478 15.69 -6.67 6.94
CA PHE A 478 14.73 -6.78 5.86
C PHE A 478 15.30 -7.59 4.70
N THR A 479 16.54 -7.33 4.31
CA THR A 479 17.10 -8.03 3.16
C THR A 479 17.42 -9.48 3.47
N THR A 480 17.90 -9.79 4.68
CA THR A 480 18.15 -11.19 5.00
C THR A 480 16.86 -11.95 5.27
N PHE A 481 15.81 -11.27 5.72
CA PHE A 481 14.53 -11.93 5.86
C PHE A 481 13.90 -12.18 4.51
N VAL A 482 14.08 -11.28 3.54
CA VAL A 482 13.56 -11.53 2.21
C VAL A 482 14.36 -12.63 1.52
N PHE A 483 15.67 -12.63 1.68
CA PHE A 483 16.48 -13.65 1.02
C PHE A 483 16.29 -15.02 1.65
N PHE A 484 16.39 -15.13 2.97
CA PHE A 484 16.37 -16.46 3.55
C PHE A 484 14.97 -17.01 3.69
N MET A 485 13.95 -16.19 3.85
CA MET A 485 12.60 -16.74 3.90
C MET A 485 11.97 -16.82 2.53
N PHE A 486 11.83 -15.68 1.86
CA PHE A 486 11.02 -15.62 0.66
C PHE A 486 11.68 -16.28 -0.53
N PHE A 487 13.01 -16.27 -0.60
CA PHE A 487 13.65 -16.86 -1.77
C PHE A 487 13.92 -18.33 -1.58
N ILE A 488 14.21 -18.75 -0.35
CA ILE A 488 14.79 -20.07 -0.10
C ILE A 488 13.86 -20.95 0.72
N LEU A 489 13.52 -20.54 1.93
CA LEU A 489 12.76 -21.43 2.80
C LEU A 489 11.28 -21.47 2.43
N LEU A 490 10.83 -20.52 1.62
CA LEU A 490 9.44 -20.56 1.18
C LEU A 490 9.31 -21.61 0.09
N ASN A 491 10.40 -21.89 -0.62
CA ASN A 491 10.38 -22.79 -1.75
C ASN A 491 10.55 -24.23 -1.32
N MET A 492 10.76 -24.44 -0.03
CA MET A 492 11.02 -25.78 0.46
C MET A 492 9.73 -26.55 0.72
N PHE A 493 8.69 -25.85 1.20
CA PHE A 493 7.32 -26.40 1.20
C PHE A 493 6.91 -26.82 -0.19
N LEU A 494 7.25 -25.98 -1.15
CA LEU A 494 6.95 -26.22 -2.54
C LEU A 494 7.70 -27.44 -3.07
N ALA A 495 8.95 -27.62 -2.64
CA ALA A 495 9.73 -28.80 -3.02
C ALA A 495 9.14 -30.07 -2.46
N ILE A 496 8.69 -30.04 -1.21
CA ILE A 496 8.02 -31.19 -0.60
C ILE A 496 6.75 -31.56 -1.38
N ILE A 497 5.95 -30.56 -1.73
CA ILE A 497 4.72 -30.82 -2.46
C ILE A 497 4.98 -31.31 -3.89
N ASN A 498 5.98 -30.76 -4.59
CA ASN A 498 6.37 -31.24 -5.92
C ASN A 498 6.77 -32.70 -5.89
N ASP A 499 7.65 -33.06 -4.96
CA ASP A 499 8.16 -34.42 -4.91
C ASP A 499 7.07 -35.40 -4.51
N THR A 500 6.19 -35.01 -3.60
CA THR A 500 5.12 -35.91 -3.18
C THR A 500 4.09 -36.09 -4.29
N TYR A 501 3.81 -35.03 -5.06
CA TYR A 501 2.85 -35.17 -6.15
C TYR A 501 3.42 -36.03 -7.28
N SER A 502 4.69 -35.87 -7.60
CA SER A 502 5.31 -36.72 -8.61
C SER A 502 5.35 -38.17 -8.14
N GLU A 503 5.61 -38.39 -6.86
CA GLU A 503 5.63 -39.75 -6.31
C GLU A 503 4.25 -40.40 -6.35
N VAL A 504 3.21 -39.66 -5.96
CA VAL A 504 1.86 -40.21 -5.93
C VAL A 504 1.35 -40.47 -7.34
N LYS A 505 1.67 -39.58 -8.29
CA LYS A 505 1.23 -39.83 -9.66
C LYS A 505 1.96 -41.01 -10.28
N SER A 506 3.28 -41.10 -10.11
CA SER A 506 4.00 -42.23 -10.67
C SER A 506 3.75 -43.52 -9.93
N ASP A 507 3.20 -43.47 -8.72
CA ASP A 507 2.81 -44.69 -8.03
C ASP A 507 1.40 -45.15 -8.40
N LEU A 508 0.43 -44.24 -8.45
CA LEU A 508 -0.92 -44.63 -8.82
C LEU A 508 -1.07 -44.82 -10.32
N ALA A 509 -0.09 -44.43 -11.12
CA ALA A 509 -0.09 -44.82 -12.52
C ALA A 509 0.52 -46.20 -12.71
N GLN A 510 1.56 -46.53 -11.93
CA GLN A 510 2.12 -47.88 -11.97
C GLN A 510 1.14 -48.90 -11.38
N GLN A 511 0.35 -48.50 -10.40
CA GLN A 511 -0.70 -49.37 -9.89
C GLN A 511 -1.81 -49.59 -10.91
N LYS A 512 -2.16 -48.55 -11.66
CA LYS A 512 -3.18 -48.68 -12.70
C LYS A 512 -2.69 -49.49 -13.89
N ALA A 513 -1.40 -49.39 -14.23
CA ALA A 513 -0.86 -50.12 -15.37
C ALA A 513 -0.54 -51.57 -15.03
N GLU A 514 0.09 -51.82 -13.87
CA GLU A 514 0.52 -53.16 -13.53
C GLU A 514 -0.64 -54.08 -13.19
N MET A 515 -1.79 -53.52 -12.80
CA MET A 515 -3.00 -54.34 -12.72
C MET A 515 -3.56 -54.66 -14.10
N GLU A 516 -3.26 -53.82 -15.10
CA GLU A 516 -3.82 -54.03 -16.43
C GLU A 516 -2.89 -54.89 -17.27
N LEU A 517 -1.71 -55.21 -16.74
CA LEU A 517 -0.77 -56.06 -17.45
C LEU A 517 -0.82 -57.50 -16.94
N ARG B 30 -1.35 -32.96 -46.82
CA ARG B 30 -0.61 -32.00 -46.00
C ARG B 30 -0.66 -30.61 -46.60
N GLU B 31 -0.58 -30.51 -47.92
CA GLU B 31 -0.66 -29.21 -48.59
C GLU B 31 -2.08 -28.64 -48.52
N LYS B 32 -3.09 -29.50 -48.55
CA LYS B 32 -4.47 -29.05 -48.41
C LYS B 32 -4.81 -28.73 -46.96
N TYR B 33 -4.23 -29.47 -46.01
CA TYR B 33 -4.37 -29.16 -44.59
C TYR B 33 -3.71 -27.82 -44.28
N LEU B 34 -2.52 -27.59 -44.84
CA LEU B 34 -1.85 -26.31 -44.66
C LEU B 34 -2.59 -25.19 -45.38
N LYS B 35 -3.25 -25.50 -46.49
CA LYS B 35 -4.01 -24.51 -47.24
C LYS B 35 -5.27 -24.09 -46.47
N SER B 36 -5.95 -25.05 -45.86
CA SER B 36 -7.13 -24.72 -45.06
C SER B 36 -6.74 -23.98 -43.78
N VAL B 37 -5.63 -24.37 -43.14
CA VAL B 37 -5.13 -23.65 -41.98
C VAL B 37 -4.72 -22.23 -42.35
N LEU B 38 -4.13 -22.05 -43.54
CA LEU B 38 -3.74 -20.73 -44.02
C LEU B 38 -4.93 -19.84 -44.32
N ARG B 39 -5.98 -20.37 -44.93
CA ARG B 39 -7.11 -19.51 -45.23
C ARG B 39 -7.91 -19.18 -43.97
N GLU B 40 -8.02 -20.11 -43.01
CA GLU B 40 -8.69 -19.73 -41.77
C GLU B 40 -7.82 -18.82 -40.91
N LEU B 41 -6.50 -18.90 -41.05
CA LEU B 41 -5.61 -17.97 -40.35
C LEU B 41 -5.73 -16.56 -40.89
N VAL B 42 -5.74 -16.40 -42.22
CA VAL B 42 -5.85 -15.04 -42.76
C VAL B 42 -7.26 -14.48 -42.56
N THR B 43 -8.28 -15.34 -42.53
CA THR B 43 -9.63 -14.90 -42.19
C THR B 43 -9.68 -14.38 -40.76
N TYR B 44 -9.12 -15.15 -39.83
CA TYR B 44 -9.06 -14.72 -38.44
C TYR B 44 -8.21 -13.48 -38.24
N LEU B 45 -7.13 -13.32 -39.01
CA LEU B 45 -6.30 -12.13 -38.84
C LEU B 45 -6.99 -10.87 -39.34
N LEU B 46 -7.71 -10.99 -40.47
CA LEU B 46 -8.53 -9.87 -40.92
C LEU B 46 -9.62 -9.53 -39.90
N PHE B 47 -10.24 -10.56 -39.33
CA PHE B 47 -11.25 -10.36 -38.30
C PHE B 47 -10.70 -9.70 -37.05
N LEU B 48 -9.49 -10.09 -36.64
CA LEU B 48 -8.86 -9.49 -35.47
C LEU B 48 -8.43 -8.05 -35.74
N ILE B 49 -7.99 -7.75 -36.97
CA ILE B 49 -7.67 -6.36 -37.32
C ILE B 49 -8.92 -5.49 -37.29
N VAL B 50 -10.02 -5.99 -37.85
CA VAL B 50 -11.27 -5.22 -37.90
C VAL B 50 -11.82 -4.98 -36.50
N LEU B 51 -11.73 -6.01 -35.65
CA LEU B 51 -12.21 -5.87 -34.28
C LEU B 51 -11.34 -4.93 -33.45
N CYS B 52 -10.02 -4.97 -33.66
CA CYS B 52 -9.14 -4.05 -32.93
C CYS B 52 -9.26 -2.63 -33.46
N ILE B 53 -9.70 -2.45 -34.70
CA ILE B 53 -10.03 -1.09 -35.16
C ILE B 53 -11.32 -0.62 -34.50
N LEU B 54 -12.30 -1.51 -34.36
CA LEU B 54 -13.57 -1.12 -33.73
C LEU B 54 -13.39 -0.75 -32.27
N THR B 55 -12.51 -1.43 -31.55
CA THR B 55 -12.29 -1.03 -30.17
C THR B 55 -11.17 -0.01 -30.01
N TYR B 56 -10.59 0.44 -31.11
CA TYR B 56 -9.81 1.67 -31.10
C TYR B 56 -10.71 2.91 -31.18
N GLY B 57 -11.89 2.77 -31.76
CA GLY B 57 -12.80 3.88 -31.88
C GLY B 57 -13.87 3.91 -30.81
N MET B 58 -13.99 2.83 -30.05
CA MET B 58 -14.79 2.86 -28.83
C MET B 58 -14.11 3.72 -27.78
N MET B 59 -12.81 3.56 -27.63
CA MET B 59 -12.02 4.36 -26.70
C MET B 59 -11.47 5.55 -27.45
N SER B 60 -12.03 6.72 -27.21
CA SER B 60 -11.36 7.94 -27.61
C SER B 60 -10.13 8.14 -26.73
N SER B 61 -9.23 9.02 -27.17
CA SER B 61 -7.88 9.04 -26.63
C SER B 61 -7.84 9.54 -25.19
N ASN B 62 -8.70 10.49 -24.85
CA ASN B 62 -8.72 11.03 -23.50
C ASN B 62 -10.13 11.28 -23.04
N VAL B 63 -10.84 10.21 -22.65
CA VAL B 63 -12.14 10.36 -22.03
C VAL B 63 -11.99 10.33 -20.52
N TYR B 64 -10.88 9.75 -20.05
CA TYR B 64 -10.59 9.75 -18.62
C TYR B 64 -10.44 11.15 -18.07
N TYR B 65 -9.86 12.05 -18.87
CA TYR B 65 -9.75 13.43 -18.44
C TYR B 65 -11.02 14.20 -18.68
N TYR B 66 -12.07 13.55 -19.16
CA TYR B 66 -13.37 14.17 -19.24
C TYR B 66 -14.25 13.72 -18.11
N THR B 67 -14.02 12.51 -17.62
CA THR B 67 -14.77 12.06 -16.45
C THR B 67 -14.13 12.52 -15.15
N ARG B 68 -12.80 12.67 -15.10
CA ARG B 68 -12.23 13.07 -13.82
C ARG B 68 -12.38 14.55 -13.54
N MET B 69 -12.56 15.38 -14.56
CA MET B 69 -12.83 16.79 -14.28
C MET B 69 -14.24 16.96 -13.76
N MET B 70 -15.19 16.22 -14.32
CA MET B 70 -16.55 16.21 -13.79
C MET B 70 -16.59 15.62 -12.39
N SER B 71 -15.81 14.57 -12.14
CA SER B 71 -15.77 13.96 -10.82
C SER B 71 -15.16 14.89 -9.79
N GLN B 72 -14.02 15.49 -10.11
CA GLN B 72 -13.41 16.42 -9.19
C GLN B 72 -14.16 17.71 -9.05
N LEU B 73 -15.03 18.05 -9.99
CA LEU B 73 -15.89 19.19 -9.78
C LEU B 73 -17.03 18.86 -8.84
N PHE B 74 -17.67 17.72 -9.03
CA PHE B 74 -18.85 17.42 -8.23
C PHE B 74 -18.58 16.57 -7.00
N LEU B 75 -17.60 15.67 -7.05
CA LEU B 75 -17.42 14.80 -5.89
C LEU B 75 -16.41 15.38 -4.93
N ASP B 76 -15.28 15.87 -5.45
CA ASP B 76 -14.13 16.22 -4.63
C ASP B 76 -14.10 17.67 -4.18
N THR B 77 -15.00 18.51 -4.66
CA THR B 77 -14.92 19.84 -4.07
C THR B 77 -15.58 19.84 -2.70
N PRO B 78 -15.01 20.60 -1.76
CA PRO B 78 -15.63 20.75 -0.45
C PRO B 78 -17.00 21.36 -0.55
N VAL B 79 -17.90 20.90 0.31
CA VAL B 79 -19.32 21.16 0.15
C VAL B 79 -19.64 22.63 0.41
N SER B 80 -19.06 23.19 1.45
CA SER B 80 -19.17 24.61 1.73
C SER B 80 -17.79 25.18 2.01
N LYS B 81 -17.69 26.51 2.01
CA LYS B 81 -16.41 27.18 2.20
C LYS B 81 -15.86 27.04 3.61
N THR B 82 -16.69 26.74 4.60
CA THR B 82 -16.22 26.39 5.92
C THR B 82 -16.34 24.90 6.23
N GLU B 83 -16.66 24.07 5.24
CA GLU B 83 -16.81 22.64 5.42
C GLU B 83 -15.74 21.90 4.64
N LYS B 84 -15.36 20.73 5.14
CA LYS B 84 -14.36 19.90 4.50
C LYS B 84 -14.94 18.61 3.96
N THR B 85 -16.24 18.39 4.10
CA THR B 85 -16.85 17.19 3.56
C THR B 85 -17.00 17.30 2.06
N ASN B 86 -16.84 16.17 1.38
CA ASN B 86 -17.02 16.06 -0.04
C ASN B 86 -18.46 15.65 -0.34
N PHE B 87 -18.70 15.23 -1.57
CA PHE B 87 -19.82 14.34 -1.80
C PHE B 87 -19.43 12.91 -1.45
N LYS B 88 -18.15 12.57 -1.61
CA LYS B 88 -17.68 11.22 -1.32
C LYS B 88 -17.73 10.92 0.17
N THR B 89 -17.66 11.93 1.00
CA THR B 89 -17.63 11.78 2.45
C THR B 89 -18.84 12.43 3.11
N LEU B 90 -20.01 12.38 2.47
CA LEU B 90 -21.22 12.79 3.15
C LEU B 90 -21.57 11.78 4.22
N SER B 91 -22.01 12.27 5.36
CA SER B 91 -22.33 11.41 6.48
C SER B 91 -23.69 11.64 7.08
N SER B 92 -24.44 12.65 6.63
CA SER B 92 -25.71 13.00 7.26
C SER B 92 -26.62 13.60 6.22
N MET B 93 -27.87 13.80 6.59
CA MET B 93 -28.85 14.42 5.71
C MET B 93 -28.62 15.91 5.56
N GLU B 94 -28.12 16.57 6.62
CA GLU B 94 -27.84 17.99 6.52
C GLU B 94 -26.62 18.28 5.68
N ASP B 95 -25.65 17.36 5.66
CA ASP B 95 -24.56 17.46 4.70
C ASP B 95 -25.06 17.32 3.27
N PHE B 96 -26.09 16.49 3.07
CA PHE B 96 -26.69 16.41 1.75
C PHE B 96 -27.41 17.68 1.36
N TRP B 97 -28.05 18.37 2.32
CA TRP B 97 -28.64 19.66 1.96
C TRP B 97 -27.59 20.72 1.69
N LYS B 98 -26.49 20.69 2.43
CA LYS B 98 -25.40 21.60 2.15
C LYS B 98 -24.78 21.35 0.78
N PHE B 99 -24.73 20.09 0.35
CA PHE B 99 -24.27 19.76 -1.00
C PHE B 99 -25.23 20.24 -2.06
N THR B 100 -26.52 19.98 -1.87
CA THR B 100 -27.51 20.33 -2.89
C THR B 100 -27.69 21.84 -3.00
N GLU B 101 -27.51 22.57 -1.91
CA GLU B 101 -27.53 24.03 -1.96
C GLU B 101 -26.18 24.63 -2.33
N GLY B 102 -25.12 23.85 -2.34
CA GLY B 102 -23.81 24.42 -2.40
C GLY B 102 -22.94 23.97 -3.55
N SER B 103 -22.30 22.81 -3.40
CA SER B 103 -21.33 22.35 -4.38
C SER B 103 -22.03 21.92 -5.67
N LEU B 104 -23.26 21.41 -5.58
CA LEU B 104 -23.99 21.03 -6.77
C LEU B 104 -24.37 22.25 -7.59
N LEU B 105 -24.84 23.31 -6.95
CA LEU B 105 -25.21 24.52 -7.67
C LEU B 105 -24.01 25.29 -8.17
N ASP B 106 -22.89 25.25 -7.46
CA ASP B 106 -21.69 25.91 -7.93
C ASP B 106 -20.96 25.11 -8.99
N GLY B 107 -21.28 23.82 -9.12
CA GLY B 107 -20.74 23.01 -10.20
C GLY B 107 -21.59 23.04 -11.44
N LEU B 108 -22.91 23.06 -11.29
CA LEU B 108 -23.79 23.03 -12.45
C LEU B 108 -23.83 24.36 -13.17
N TYR B 109 -23.90 25.47 -12.43
CA TYR B 109 -24.24 26.75 -13.03
C TYR B 109 -23.00 27.63 -13.08
N TRP B 110 -22.60 27.99 -14.29
CA TRP B 110 -21.40 28.76 -14.58
C TRP B 110 -21.80 30.01 -15.33
N LYS B 111 -21.37 31.16 -14.84
CA LYS B 111 -21.76 32.43 -15.44
C LYS B 111 -21.06 32.63 -16.77
N MET B 112 -21.83 33.05 -17.78
CA MET B 112 -21.32 33.16 -19.14
C MET B 112 -20.37 34.35 -19.27
N GLN B 113 -19.61 34.37 -20.35
CA GLN B 113 -18.70 35.47 -20.62
C GLN B 113 -19.44 36.74 -21.05
N ASN B 122 -29.51 33.07 -20.67
CA ASN B 122 -28.42 32.21 -21.12
C ASN B 122 -28.47 30.83 -20.47
N ARG B 123 -27.33 30.15 -20.51
CA ARG B 123 -27.24 28.76 -20.09
C ARG B 123 -25.79 28.44 -19.80
N SER B 124 -25.56 27.36 -19.07
CA SER B 124 -24.28 27.18 -18.40
C SER B 124 -23.39 26.22 -19.14
N PHE B 125 -22.14 26.63 -19.34
CA PHE B 125 -21.08 25.80 -19.89
C PHE B 125 -20.12 25.45 -18.77
N ILE B 126 -20.14 24.20 -18.35
CA ILE B 126 -19.33 23.71 -17.23
C ILE B 126 -17.89 23.60 -17.71
N PHE B 127 -16.98 24.25 -16.96
CA PHE B 127 -15.57 24.48 -17.31
C PHE B 127 -15.42 25.26 -18.62
N TYR B 128 -16.47 26.02 -18.94
CA TYR B 128 -16.61 26.79 -20.18
C TYR B 128 -16.46 25.94 -21.43
N GLU B 129 -16.78 24.66 -21.32
CA GLU B 129 -16.65 23.73 -22.44
C GLU B 129 -17.90 22.89 -22.54
N ASN B 130 -18.41 22.43 -21.40
CA ASN B 130 -19.41 21.37 -21.34
C ASN B 130 -20.78 22.00 -21.12
N LEU B 131 -21.62 21.96 -22.14
CA LEU B 131 -22.95 22.53 -22.06
C LEU B 131 -23.88 21.70 -21.19
N LEU B 132 -24.44 22.29 -20.15
CA LEU B 132 -25.48 21.60 -19.38
C LEU B 132 -26.73 21.45 -20.21
N LEU B 133 -27.15 20.23 -20.46
CA LEU B 133 -28.30 19.96 -21.33
C LEU B 133 -29.57 20.01 -20.52
N GLY B 134 -30.41 21.00 -20.80
CA GLY B 134 -31.72 21.06 -20.17
C GLY B 134 -31.61 21.43 -18.72
N VAL B 135 -32.44 20.80 -17.91
CA VAL B 135 -32.44 21.01 -16.47
C VAL B 135 -32.01 19.71 -15.82
N PRO B 136 -31.44 19.73 -14.62
CA PRO B 136 -31.26 18.49 -13.87
C PRO B 136 -32.57 18.05 -13.23
N ARG B 137 -32.47 16.98 -12.44
CA ARG B 137 -33.63 16.38 -11.82
C ARG B 137 -33.22 15.72 -10.52
N ILE B 138 -33.90 16.06 -9.44
CA ILE B 138 -33.73 15.38 -8.16
C ILE B 138 -34.97 14.54 -7.91
N ARG B 139 -34.76 13.32 -7.41
CA ARG B 139 -35.82 12.33 -7.25
C ARG B 139 -35.60 11.57 -5.96
N GLN B 140 -36.69 11.30 -5.25
CA GLN B 140 -36.65 10.68 -3.93
C GLN B 140 -37.44 9.38 -3.94
N LEU B 141 -36.98 8.40 -3.17
CA LEU B 141 -37.70 7.16 -2.92
C LEU B 141 -38.01 7.05 -1.45
N ARG B 142 -39.25 6.71 -1.12
CA ARG B 142 -39.72 6.74 0.25
C ARG B 142 -40.30 5.40 0.65
N VAL B 143 -40.21 5.09 1.94
CA VAL B 143 -40.89 3.94 2.50
C VAL B 143 -41.98 4.41 3.44
N ARG B 144 -42.93 3.52 3.71
CA ARG B 144 -44.09 3.87 4.49
C ARG B 144 -43.77 3.86 5.97
N ASN B 145 -44.50 4.70 6.70
CA ASN B 145 -44.64 4.51 8.13
C ASN B 145 -45.41 3.23 8.39
N GLY B 146 -44.99 2.46 9.38
CA GLY B 146 -45.64 1.20 9.65
C GLY B 146 -45.25 0.09 8.71
N SER B 147 -44.18 0.26 7.94
CA SER B 147 -43.76 -0.77 7.01
C SER B 147 -42.95 -1.87 7.67
N CYS B 148 -42.64 -1.73 8.95
CA CYS B 148 -42.09 -2.82 9.75
C CYS B 148 -42.92 -3.01 11.02
N SER B 149 -42.48 -3.91 11.88
CA SER B 149 -43.21 -4.27 13.08
C SER B 149 -42.35 -3.99 14.30
N ILE B 150 -42.78 -3.05 15.12
CA ILE B 150 -42.13 -2.75 16.40
C ILE B 150 -42.47 -3.91 17.34
N PRO B 151 -41.51 -4.47 18.07
CA PRO B 151 -41.81 -5.57 18.98
C PRO B 151 -42.70 -5.12 20.13
N GLN B 152 -43.38 -6.12 20.71
CA GLN B 152 -44.52 -5.85 21.58
C GLN B 152 -44.11 -5.18 22.88
N ASP B 153 -42.90 -5.42 23.35
CA ASP B 153 -42.43 -4.77 24.57
C ASP B 153 -41.94 -3.34 24.35
N LEU B 154 -41.88 -2.88 23.09
CA LEU B 154 -41.37 -1.55 22.77
C LEU B 154 -42.36 -0.70 22.00
N ARG B 155 -43.63 -1.11 21.95
CA ARG B 155 -44.61 -0.27 21.27
C ARG B 155 -45.07 0.91 22.14
N ASP B 156 -44.61 0.97 23.39
CA ASP B 156 -44.86 2.15 24.19
C ASP B 156 -43.85 3.26 23.92
N GLU B 157 -42.57 2.90 23.79
CA GLU B 157 -41.52 3.90 23.67
C GLU B 157 -41.39 4.42 22.25
N ILE B 158 -41.32 3.52 21.28
CA ILE B 158 -41.09 3.89 19.89
C ILE B 158 -42.43 3.85 19.14
N LYS B 159 -42.79 4.96 18.52
CA LYS B 159 -44.07 5.06 17.83
C LYS B 159 -43.99 4.50 16.43
N GLU B 160 -42.99 4.91 15.67
CA GLU B 160 -42.96 4.68 14.24
C GLU B 160 -41.69 3.95 13.83
N CYS B 161 -41.79 3.14 12.79
CA CYS B 161 -40.61 2.51 12.22
C CYS B 161 -40.76 2.45 10.72
N TYR B 162 -39.63 2.53 10.04
CA TYR B 162 -39.56 2.61 8.59
C TYR B 162 -38.63 1.50 8.12
N ASP B 163 -39.18 0.56 7.36
CA ASP B 163 -38.46 -0.63 6.95
C ASP B 163 -37.38 -0.28 5.94
N VAL B 164 -36.46 -1.24 5.74
CA VAL B 164 -35.51 -1.18 4.64
C VAL B 164 -36.27 -1.12 3.32
N TYR B 165 -35.69 -0.47 2.32
CA TYR B 165 -36.37 -0.27 1.03
C TYR B 165 -36.64 -1.59 0.33
N SER B 166 -37.92 -1.84 0.07
CA SER B 166 -38.36 -2.81 -0.90
C SER B 166 -39.48 -2.16 -1.70
N VAL B 167 -39.93 -2.87 -2.74
CA VAL B 167 -41.04 -2.33 -3.53
C VAL B 167 -42.36 -2.45 -2.77
N SER B 168 -42.49 -3.48 -1.92
CA SER B 168 -43.70 -3.61 -1.12
C SER B 168 -43.76 -2.56 -0.02
N SER B 169 -42.61 -2.13 0.50
CA SER B 169 -42.56 -1.12 1.56
C SER B 169 -42.66 0.29 1.04
N GLU B 170 -42.69 0.49 -0.28
CA GLU B 170 -42.53 1.81 -0.86
C GLU B 170 -43.78 2.66 -0.67
N ASP B 171 -43.57 3.94 -0.39
CA ASP B 171 -44.64 4.87 -0.10
C ASP B 171 -45.18 5.43 -1.41
N ARG B 172 -46.50 5.40 -1.57
CA ARG B 172 -47.16 6.00 -2.72
C ARG B 172 -47.97 7.23 -2.38
N ALA B 173 -48.01 7.62 -1.12
CA ALA B 173 -48.96 8.64 -0.71
C ALA B 173 -48.41 10.03 -1.02
N PRO B 174 -49.27 11.01 -1.24
CA PRO B 174 -48.79 12.39 -1.25
C PRO B 174 -48.42 12.82 0.15
N PHE B 175 -47.54 13.80 0.28
CA PHE B 175 -47.11 14.28 1.58
C PHE B 175 -46.66 15.71 1.47
N GLY B 176 -46.38 16.32 2.61
CA GLY B 176 -45.98 17.70 2.67
C GLY B 176 -47.07 18.63 2.20
N PRO B 177 -46.70 19.69 1.48
CA PRO B 177 -47.69 20.62 0.93
C PRO B 177 -48.54 20.08 -0.20
N ARG B 178 -48.15 18.95 -0.81
CA ARG B 178 -48.94 18.18 -1.76
C ARG B 178 -49.27 18.94 -3.05
N ASN B 179 -48.56 20.03 -3.36
CA ASN B 179 -48.98 20.79 -4.53
C ASN B 179 -47.95 20.80 -5.66
N GLY B 180 -47.18 19.74 -5.82
CA GLY B 180 -46.24 19.68 -6.92
C GLY B 180 -45.98 18.25 -7.33
N THR B 181 -45.00 18.09 -8.22
CA THR B 181 -44.51 16.77 -8.56
C THR B 181 -43.51 16.25 -7.54
N ALA B 182 -42.94 17.13 -6.73
CA ALA B 182 -42.01 16.72 -5.69
C ALA B 182 -42.71 16.13 -4.49
N TRP B 183 -44.03 16.30 -4.40
CA TRP B 183 -44.78 15.88 -3.23
C TRP B 183 -45.81 14.80 -3.54
N ILE B 184 -45.84 14.32 -4.77
CA ILE B 184 -46.83 13.37 -5.25
C ILE B 184 -46.10 12.26 -6.00
N TYR B 185 -46.48 11.02 -5.71
CA TYR B 185 -45.82 9.86 -6.30
C TYR B 185 -46.10 9.77 -7.80
N THR B 186 -45.04 9.49 -8.55
CA THR B 186 -45.13 9.27 -9.98
C THR B 186 -44.55 7.90 -10.26
N SER B 187 -45.28 7.08 -11.02
CA SER B 187 -44.91 5.70 -11.24
C SER B 187 -43.66 5.59 -12.13
N GLU B 188 -43.16 4.37 -12.27
CA GLU B 188 -41.99 4.14 -13.10
C GLU B 188 -42.35 4.28 -14.58
N LYS B 189 -43.58 3.96 -14.94
CA LYS B 189 -44.00 4.07 -16.33
C LYS B 189 -44.24 5.51 -16.74
N ASP B 190 -44.39 6.41 -15.76
CA ASP B 190 -44.81 7.77 -16.08
C ASP B 190 -43.65 8.75 -16.07
N LEU B 191 -42.54 8.42 -15.41
CA LEU B 191 -41.38 9.29 -15.49
C LEU B 191 -40.25 8.63 -16.28
N ASN B 192 -40.58 7.57 -17.03
CA ASN B 192 -39.74 6.98 -18.08
C ASN B 192 -38.47 6.37 -17.50
N GLY B 193 -38.50 6.04 -16.22
CA GLY B 193 -37.32 5.62 -15.49
C GLY B 193 -37.16 4.11 -15.57
N SER B 194 -36.15 3.63 -14.85
CA SER B 194 -35.81 2.22 -14.81
C SER B 194 -35.10 1.94 -13.51
N SER B 195 -35.00 0.66 -13.16
CA SER B 195 -34.49 0.28 -11.86
C SER B 195 -32.98 0.50 -11.78
N HIS B 196 -32.53 1.05 -10.66
CA HIS B 196 -31.13 1.32 -10.42
C HIS B 196 -30.62 0.39 -9.34
N TRP B 197 -29.48 -0.24 -9.60
CA TRP B 197 -28.88 -1.19 -8.67
C TRP B 197 -27.83 -0.45 -7.86
N GLY B 198 -28.17 -0.14 -6.62
CA GLY B 198 -27.30 0.63 -5.76
C GLY B 198 -26.53 -0.24 -4.79
N ILE B 199 -26.03 0.39 -3.74
CA ILE B 199 -25.11 -0.30 -2.84
C ILE B 199 -25.85 -1.25 -1.91
N ILE B 200 -26.94 -0.78 -1.30
CA ILE B 200 -27.67 -1.60 -0.34
C ILE B 200 -29.01 -2.09 -0.85
N ALA B 201 -29.52 -1.55 -1.96
CA ALA B 201 -30.77 -2.03 -2.51
C ALA B 201 -30.78 -1.82 -4.00
N THR B 202 -31.79 -2.38 -4.65
CA THR B 202 -32.09 -2.05 -6.03
C THR B 202 -33.34 -1.18 -6.04
N TYR B 203 -33.20 0.01 -6.59
CA TYR B 203 -34.16 1.08 -6.43
C TYR B 203 -35.00 1.21 -7.68
N SER B 204 -36.31 1.24 -7.51
CA SER B 204 -37.23 1.39 -8.63
C SER B 204 -37.10 2.78 -9.22
N GLY B 205 -37.46 2.89 -10.50
CA GLY B 205 -37.37 4.13 -11.22
C GLY B 205 -38.49 5.11 -10.97
N ALA B 206 -39.34 4.87 -9.99
CA ALA B 206 -40.46 5.71 -9.68
C ALA B 206 -40.06 6.72 -8.61
N GLY B 207 -41.04 7.40 -8.04
CA GLY B 207 -40.74 8.24 -6.90
C GLY B 207 -41.28 9.65 -6.97
N TYR B 208 -40.62 10.54 -6.25
CA TYR B 208 -41.05 11.91 -6.02
C TYR B 208 -40.00 12.80 -6.65
N TYR B 209 -40.21 13.24 -7.88
CA TYR B 209 -39.16 13.94 -8.59
C TYR B 209 -39.43 15.43 -8.65
N LEU B 210 -38.37 16.18 -8.91
CA LEU B 210 -38.46 17.61 -9.15
C LEU B 210 -37.44 17.98 -10.21
N ASP B 211 -37.91 18.42 -11.37
CA ASP B 211 -37.00 18.97 -12.37
C ASP B 211 -36.60 20.37 -11.95
N LEU B 212 -35.32 20.67 -12.08
CA LEU B 212 -34.78 21.93 -11.59
C LEU B 212 -34.85 22.97 -12.71
N SER B 213 -33.93 23.92 -12.74
CA SER B 213 -34.08 25.07 -13.65
C SER B 213 -32.78 25.34 -14.40
N ARG B 214 -32.88 26.23 -15.38
CA ARG B 214 -31.74 26.56 -16.23
C ARG B 214 -30.76 27.49 -15.53
N THR B 215 -31.23 28.28 -14.57
CA THR B 215 -30.41 29.28 -13.90
C THR B 215 -30.23 28.90 -12.44
N ARG B 216 -29.25 29.53 -11.79
CA ARG B 216 -28.88 29.12 -10.45
C ARG B 216 -29.87 29.65 -9.42
N GLU B 217 -30.50 30.78 -9.69
CA GLU B 217 -31.31 31.43 -8.66
C GLU B 217 -32.68 30.77 -8.53
N GLU B 218 -33.27 30.37 -9.65
CA GLU B 218 -34.50 29.59 -9.62
C GLU B 218 -34.28 28.23 -8.97
N THR B 219 -33.14 27.60 -9.27
CA THR B 219 -32.85 26.29 -8.72
C THR B 219 -32.55 26.37 -7.23
N ALA B 220 -31.88 27.44 -6.81
CA ALA B 220 -31.63 27.64 -5.38
C ALA B 220 -32.93 27.92 -4.63
N ALA B 221 -33.85 28.64 -5.27
CA ALA B 221 -35.18 28.84 -4.68
C ALA B 221 -35.93 27.52 -4.54
N GLN B 222 -35.82 26.65 -5.54
CA GLN B 222 -36.50 25.35 -5.48
C GLN B 222 -35.90 24.44 -4.41
N VAL B 223 -34.58 24.42 -4.30
CA VAL B 223 -33.93 23.58 -3.30
C VAL B 223 -34.20 24.10 -1.90
N ALA B 224 -34.24 25.43 -1.74
CA ALA B 224 -34.59 26.00 -0.44
C ALA B 224 -36.05 25.77 -0.10
N SER B 225 -36.92 25.71 -1.10
CA SER B 225 -38.31 25.37 -0.84
C SER B 225 -38.51 23.91 -0.53
N LEU B 226 -37.66 23.02 -1.05
CA LEU B 226 -37.71 21.63 -0.61
C LEU B 226 -37.16 21.44 0.79
N LYS B 227 -36.08 22.14 1.14
CA LYS B 227 -35.53 22.04 2.48
C LYS B 227 -36.43 22.68 3.53
N LYS B 228 -37.13 23.75 3.19
CA LYS B 228 -38.01 24.42 4.14
C LYS B 228 -39.20 23.55 4.52
N ASN B 229 -39.84 22.94 3.53
CA ASN B 229 -41.02 22.11 3.78
C ASN B 229 -40.70 20.70 4.22
N VAL B 230 -39.42 20.40 4.48
CA VAL B 230 -38.87 19.10 4.88
C VAL B 230 -39.26 18.06 3.85
N TRP B 231 -38.48 17.95 2.80
CA TRP B 231 -38.76 17.00 1.74
C TRP B 231 -38.10 15.67 2.04
N LEU B 232 -36.91 15.72 2.63
CA LEU B 232 -36.24 14.50 3.05
C LEU B 232 -36.46 14.31 4.55
N ASP B 233 -37.09 13.22 4.93
CA ASP B 233 -37.29 12.94 6.34
C ASP B 233 -36.90 11.51 6.69
N ARG B 234 -37.66 10.87 7.58
CA ARG B 234 -37.26 9.56 8.06
C ARG B 234 -37.70 8.46 7.11
N GLY B 235 -38.60 8.76 6.19
CA GLY B 235 -39.02 7.76 5.24
C GLY B 235 -38.16 7.68 4.01
N THR B 236 -37.25 8.62 3.84
CA THR B 236 -36.41 8.68 2.65
C THR B 236 -35.40 7.54 2.64
N ARG B 237 -35.31 6.86 1.51
CA ARG B 237 -34.36 5.77 1.36
C ARG B 237 -33.37 5.96 0.23
N ALA B 238 -33.58 6.90 -0.67
CA ALA B 238 -32.68 7.16 -1.78
C ALA B 238 -32.97 8.55 -2.31
N THR B 239 -31.93 9.20 -2.82
CA THR B 239 -32.11 10.46 -3.53
C THR B 239 -31.19 10.47 -4.73
N PHE B 240 -31.77 10.60 -5.91
CA PHE B 240 -31.05 10.58 -7.17
C PHE B 240 -30.91 12.01 -7.68
N ILE B 241 -29.74 12.35 -8.20
CA ILE B 241 -29.54 13.62 -8.88
C ILE B 241 -28.98 13.28 -10.26
N ASP B 242 -29.71 13.65 -11.30
CA ASP B 242 -29.39 13.26 -12.66
C ASP B 242 -29.28 14.49 -13.53
N PHE B 243 -28.21 14.57 -14.30
CA PHE B 243 -28.06 15.61 -15.31
C PHE B 243 -27.12 15.10 -16.39
N SER B 244 -27.06 15.83 -17.50
CA SER B 244 -26.29 15.43 -18.66
C SER B 244 -25.60 16.67 -19.21
N VAL B 245 -24.32 16.53 -19.57
CA VAL B 245 -23.60 17.62 -20.22
C VAL B 245 -23.19 17.15 -21.61
N TYR B 246 -22.77 18.10 -22.43
CA TYR B 246 -22.30 17.81 -23.78
C TYR B 246 -21.05 18.62 -24.07
N ASN B 247 -20.02 17.95 -24.54
CA ASN B 247 -18.79 18.61 -24.95
C ASN B 247 -18.75 18.67 -26.47
N ALA B 248 -18.88 19.87 -27.02
CA ALA B 248 -18.83 20.04 -28.46
C ALA B 248 -17.43 19.85 -29.04
N ASN B 249 -16.39 19.92 -28.21
CA ASN B 249 -15.04 19.87 -28.73
C ASN B 249 -14.63 18.46 -29.09
N ILE B 250 -15.01 17.50 -28.26
CA ILE B 250 -14.67 16.10 -28.47
C ILE B 250 -15.87 15.26 -28.84
N ASN B 251 -17.07 15.85 -28.87
CA ASN B 251 -18.33 15.22 -29.25
C ASN B 251 -18.67 14.04 -28.35
N LEU B 252 -18.82 14.33 -27.07
CA LEU B 252 -19.25 13.34 -26.10
C LEU B 252 -20.28 13.93 -25.17
N PHE B 253 -21.34 13.20 -24.94
CA PHE B 253 -22.23 13.48 -23.83
C PHE B 253 -21.63 12.86 -22.58
N CYS B 254 -22.14 13.25 -21.41
CA CYS B 254 -21.73 12.66 -20.15
C CYS B 254 -22.92 12.63 -19.23
N VAL B 255 -23.43 11.44 -18.96
CA VAL B 255 -24.64 11.28 -18.18
C VAL B 255 -24.23 11.07 -16.73
N VAL B 256 -24.54 12.04 -15.89
CA VAL B 256 -24.17 12.01 -14.48
C VAL B 256 -25.37 11.54 -13.68
N ARG B 257 -25.15 10.57 -12.80
CA ARG B 257 -26.14 10.15 -11.82
C ARG B 257 -25.47 10.10 -10.46
N LEU B 258 -25.93 10.93 -9.54
CA LEU B 258 -25.47 10.96 -8.16
C LEU B 258 -26.55 10.31 -7.31
N LEU B 259 -26.19 9.26 -6.58
CA LEU B 259 -27.12 8.58 -5.70
C LEU B 259 -26.67 8.74 -4.26
N VAL B 260 -27.59 9.09 -3.39
CA VAL B 260 -27.37 9.08 -1.95
C VAL B 260 -28.37 8.10 -1.36
N GLU B 261 -27.86 7.05 -0.73
CA GLU B 261 -28.72 6.07 -0.09
C GLU B 261 -28.80 6.33 1.39
N PHE B 262 -30.03 6.40 1.89
CA PHE B 262 -30.33 6.67 3.28
C PHE B 262 -30.72 5.35 3.91
N PRO B 263 -29.85 4.71 4.69
CA PRO B 263 -30.18 3.39 5.22
C PRO B 263 -31.22 3.50 6.34
N ALA B 264 -31.78 2.35 6.72
CA ALA B 264 -32.70 2.34 7.85
C ALA B 264 -31.95 2.56 9.16
N THR B 265 -30.64 2.35 9.13
CA THR B 265 -29.80 2.52 10.30
C THR B 265 -29.51 3.99 10.57
N GLY B 266 -29.74 4.84 9.57
CA GLY B 266 -29.42 6.24 9.66
C GLY B 266 -28.10 6.52 8.99
N GLY B 267 -27.97 7.75 8.53
CA GLY B 267 -26.77 8.14 7.81
C GLY B 267 -26.99 8.26 6.32
N VAL B 268 -25.90 8.16 5.58
CA VAL B 268 -25.84 8.46 4.15
C VAL B 268 -24.77 7.60 3.52
N ILE B 269 -25.10 6.94 2.40
CA ILE B 269 -24.11 6.24 1.60
C ILE B 269 -24.08 6.88 0.22
N PRO B 270 -23.12 7.73 -0.11
CA PRO B 270 -23.11 8.35 -1.43
C PRO B 270 -22.55 7.42 -2.50
N SER B 271 -23.03 7.61 -3.72
CA SER B 271 -22.61 6.83 -4.87
C SER B 271 -22.82 7.66 -6.12
N TRP B 272 -21.98 7.46 -7.11
CA TRP B 272 -21.96 8.29 -8.30
C TRP B 272 -21.75 7.43 -9.52
N GLN B 273 -21.91 8.06 -10.69
CA GLN B 273 -21.78 7.37 -11.97
C GLN B 273 -21.63 8.45 -13.04
N PHE B 274 -20.43 8.55 -13.61
CA PHE B 274 -20.14 9.49 -14.69
C PHE B 274 -19.92 8.66 -15.95
N GLN B 275 -20.84 8.76 -16.90
CA GLN B 275 -20.86 7.83 -18.02
C GLN B 275 -20.89 8.56 -19.36
N PRO B 276 -19.83 8.49 -20.14
CA PRO B 276 -19.81 9.18 -21.43
C PRO B 276 -20.51 8.42 -22.54
N LEU B 277 -21.18 9.16 -23.39
CA LEU B 277 -21.89 8.60 -24.52
C LEU B 277 -21.48 9.32 -25.80
N LYS B 278 -21.40 8.56 -26.89
CA LYS B 278 -21.24 9.14 -28.21
C LYS B 278 -22.54 8.90 -28.97
N LEU B 279 -23.42 9.89 -28.93
CA LEU B 279 -24.76 9.70 -29.47
C LEU B 279 -24.90 10.29 -30.85
N ILE B 280 -23.97 11.15 -31.24
CA ILE B 280 -23.98 11.72 -32.58
C ILE B 280 -22.80 11.13 -33.33
N ARG B 281 -23.09 10.18 -34.21
CA ARG B 281 -22.05 9.34 -34.78
C ARG B 281 -21.28 9.97 -35.91
N TYR B 282 -21.96 10.46 -36.95
CA TYR B 282 -21.32 10.72 -38.24
C TYR B 282 -20.92 12.19 -38.31
N VAL B 283 -19.78 12.50 -37.73
CA VAL B 283 -19.27 13.87 -37.67
C VAL B 283 -17.92 13.95 -38.35
N THR B 284 -17.00 13.06 -38.01
CA THR B 284 -15.66 13.06 -38.59
C THR B 284 -15.52 11.88 -39.54
N THR B 285 -14.44 11.91 -40.32
CA THR B 285 -14.15 10.86 -41.30
C THR B 285 -13.83 9.51 -40.64
N PHE B 286 -13.09 9.54 -39.53
CA PHE B 286 -12.79 8.31 -38.80
C PHE B 286 -14.05 7.65 -38.25
N ASP B 287 -15.10 8.43 -37.97
CA ASP B 287 -16.38 7.85 -37.62
C ASP B 287 -17.03 7.10 -38.78
N PHE B 288 -16.89 7.60 -40.01
CA PHE B 288 -17.37 6.84 -41.16
C PHE B 288 -16.56 5.57 -41.36
N PHE B 289 -15.26 5.63 -41.08
CA PHE B 289 -14.46 4.41 -41.18
C PHE B 289 -14.82 3.41 -40.09
N LEU B 290 -15.21 3.90 -38.91
CA LEU B 290 -15.71 3.01 -37.86
C LEU B 290 -17.04 2.39 -38.26
N ALA B 291 -17.90 3.12 -38.96
CA ALA B 291 -19.15 2.54 -39.43
C ALA B 291 -18.90 1.47 -40.50
N ALA B 292 -17.93 1.73 -41.37
CA ALA B 292 -17.53 0.73 -42.37
C ALA B 292 -16.96 -0.52 -41.71
N CYS B 293 -16.19 -0.34 -40.64
CA CYS B 293 -15.66 -1.50 -39.94
C CYS B 293 -16.74 -2.23 -39.15
N GLU B 294 -17.79 -1.52 -38.72
CA GLU B 294 -18.94 -2.19 -38.11
C GLU B 294 -19.66 -3.09 -39.11
N ILE B 295 -19.84 -2.61 -40.34
CA ILE B 295 -20.47 -3.41 -41.38
C ILE B 295 -19.61 -4.62 -41.74
N ILE B 296 -18.31 -4.40 -41.88
CA ILE B 296 -17.40 -5.51 -42.19
C ILE B 296 -17.34 -6.51 -41.04
N PHE B 297 -17.45 -6.04 -39.79
CA PHE B 297 -17.53 -6.92 -38.64
C PHE B 297 -18.77 -7.78 -38.64
N CYS B 298 -19.94 -7.20 -38.93
CA CYS B 298 -21.13 -8.04 -38.90
C CYS B 298 -21.17 -8.99 -40.09
N PHE B 299 -20.47 -8.68 -41.18
CA PHE B 299 -20.29 -9.67 -42.23
C PHE B 299 -19.37 -10.81 -41.79
N PHE B 300 -18.31 -10.50 -41.04
CA PHE B 300 -17.49 -11.56 -40.45
C PHE B 300 -18.28 -12.45 -39.49
N ILE B 301 -19.17 -11.85 -38.71
CA ILE B 301 -19.92 -12.63 -37.75
C ILE B 301 -20.97 -13.47 -38.45
N PHE B 302 -21.52 -12.97 -39.56
CA PHE B 302 -22.39 -13.80 -40.40
C PHE B 302 -21.61 -14.99 -40.96
N TYR B 303 -20.38 -14.74 -41.39
CA TYR B 303 -19.53 -15.82 -41.92
C TYR B 303 -19.23 -16.87 -40.87
N TYR B 304 -18.90 -16.45 -39.64
CA TYR B 304 -18.56 -17.42 -38.61
C TYR B 304 -19.78 -18.17 -38.11
N VAL B 305 -20.96 -17.53 -38.10
CA VAL B 305 -22.16 -18.26 -37.70
C VAL B 305 -22.52 -19.30 -38.75
N VAL B 306 -22.36 -18.96 -40.04
CA VAL B 306 -22.57 -19.95 -41.11
C VAL B 306 -21.57 -21.10 -40.99
N GLU B 307 -20.31 -20.79 -40.72
CA GLU B 307 -19.28 -21.83 -40.60
C GLU B 307 -19.51 -22.75 -39.41
N GLU B 308 -19.88 -22.19 -38.26
CA GLU B 308 -20.05 -23.05 -37.08
C GLU B 308 -21.37 -23.82 -37.14
N ILE B 309 -22.37 -23.30 -37.86
CA ILE B 309 -23.58 -24.10 -38.09
C ILE B 309 -23.30 -25.23 -39.07
N LEU B 310 -22.51 -24.98 -40.12
CA LEU B 310 -22.16 -26.06 -41.04
C LEU B 310 -21.22 -27.08 -40.40
N GLU B 311 -20.50 -26.69 -39.35
CA GLU B 311 -19.66 -27.67 -38.66
C GLU B 311 -20.45 -28.45 -37.61
N ILE B 312 -21.39 -27.80 -36.93
CA ILE B 312 -22.16 -28.50 -35.89
C ILE B 312 -23.21 -29.43 -36.48
N ARG B 313 -23.60 -29.24 -37.74
CA ARG B 313 -24.65 -30.08 -38.33
C ARG B 313 -24.10 -31.45 -38.69
N ILE B 314 -22.79 -31.54 -38.91
CA ILE B 314 -22.16 -32.82 -39.23
C ILE B 314 -22.17 -33.74 -38.02
N HIS B 315 -21.88 -33.21 -36.84
CA HIS B 315 -21.78 -34.04 -35.64
C HIS B 315 -22.20 -33.24 -34.41
N LYS B 316 -23.11 -33.83 -33.63
CA LYS B 316 -23.83 -33.10 -32.60
C LYS B 316 -22.98 -32.86 -31.36
N LEU B 317 -22.99 -33.79 -30.43
CA LEU B 317 -22.25 -33.68 -29.18
C LEU B 317 -20.76 -33.93 -29.35
N HIS B 318 -20.33 -34.43 -30.51
CA HIS B 318 -18.90 -34.52 -30.80
C HIS B 318 -18.30 -33.14 -31.03
N TYR B 319 -19.12 -32.18 -31.45
CA TYR B 319 -18.68 -30.81 -31.64
C TYR B 319 -18.24 -30.16 -30.34
N PHE B 320 -18.97 -30.42 -29.25
CA PHE B 320 -18.64 -29.85 -27.96
C PHE B 320 -17.55 -30.61 -27.23
N ARG B 321 -16.99 -31.67 -27.82
CA ARG B 321 -15.83 -32.34 -27.26
C ARG B 321 -14.56 -31.75 -27.89
N SER B 322 -14.40 -30.46 -27.64
CA SER B 322 -13.31 -29.63 -28.16
C SER B 322 -13.34 -28.33 -27.40
N PHE B 323 -12.19 -27.67 -27.31
CA PHE B 323 -12.17 -26.36 -26.67
C PHE B 323 -12.40 -25.25 -27.68
N TRP B 324 -11.95 -25.44 -28.91
CA TRP B 324 -12.00 -24.35 -29.86
C TRP B 324 -13.38 -24.20 -30.47
N ASN B 325 -14.13 -25.29 -30.60
CA ASN B 325 -15.50 -25.16 -31.05
C ASN B 325 -16.37 -24.50 -29.98
N CYS B 326 -16.12 -24.81 -28.71
CA CYS B 326 -16.82 -24.12 -27.62
C CYS B 326 -16.43 -22.65 -27.56
N LEU B 327 -15.18 -22.32 -27.85
CA LEU B 327 -14.77 -20.92 -27.86
C LEU B 327 -15.36 -20.18 -29.04
N ASP B 328 -15.51 -20.85 -30.19
CA ASP B 328 -16.16 -20.23 -31.34
C ASP B 328 -17.63 -19.99 -31.08
N VAL B 329 -18.28 -20.91 -30.37
CA VAL B 329 -19.67 -20.73 -29.95
C VAL B 329 -19.81 -19.52 -29.03
N VAL B 330 -18.91 -19.39 -28.05
CA VAL B 330 -18.91 -18.25 -27.13
C VAL B 330 -18.71 -16.94 -27.88
N ILE B 331 -17.79 -16.92 -28.85
CA ILE B 331 -17.52 -15.70 -29.61
C ILE B 331 -18.71 -15.30 -30.46
N VAL B 332 -19.35 -16.25 -31.15
CA VAL B 332 -20.46 -15.84 -32.00
C VAL B 332 -21.70 -15.50 -31.19
N VAL B 333 -21.90 -16.11 -30.01
CA VAL B 333 -23.02 -15.71 -29.16
C VAL B 333 -22.82 -14.30 -28.62
N LEU B 334 -21.62 -14.01 -28.07
CA LEU B 334 -21.32 -12.67 -27.59
C LEU B 334 -21.35 -11.63 -28.68
N SER B 335 -20.96 -12.00 -29.90
CA SER B 335 -20.97 -11.04 -31.00
C SER B 335 -22.38 -10.77 -31.49
N VAL B 336 -23.25 -11.78 -31.50
CA VAL B 336 -24.64 -11.55 -31.87
C VAL B 336 -25.34 -10.69 -30.82
N VAL B 337 -25.00 -10.89 -29.54
CA VAL B 337 -25.55 -10.05 -28.49
C VAL B 337 -25.05 -8.61 -28.62
N ALA B 338 -23.79 -8.44 -29.05
CA ALA B 338 -23.24 -7.11 -29.27
C ALA B 338 -23.93 -6.40 -30.44
N ILE B 339 -24.19 -7.12 -31.53
CA ILE B 339 -24.90 -6.54 -32.67
C ILE B 339 -26.34 -6.22 -32.29
N GLY B 340 -26.95 -7.06 -31.45
CA GLY B 340 -28.32 -6.81 -31.03
C GLY B 340 -28.45 -5.60 -30.14
N ILE B 341 -27.49 -5.40 -29.23
CA ILE B 341 -27.50 -4.20 -28.40
C ILE B 341 -27.21 -2.97 -29.25
N ASN B 342 -26.26 -3.07 -30.18
CA ASN B 342 -25.91 -1.91 -31.00
C ASN B 342 -26.99 -1.56 -32.01
N ILE B 343 -27.92 -2.45 -32.33
CA ILE B 343 -29.03 -2.09 -33.20
C ILE B 343 -30.26 -1.69 -32.41
N TYR B 344 -30.75 -2.55 -31.53
CA TYR B 344 -32.06 -2.34 -30.93
C TYR B 344 -32.02 -1.44 -29.71
N ARG B 345 -30.85 -1.08 -29.21
CA ARG B 345 -30.78 -0.30 -27.99
C ARG B 345 -29.86 0.90 -28.09
N THR B 346 -28.59 0.70 -28.42
CA THR B 346 -27.61 1.77 -28.33
C THR B 346 -27.82 2.80 -29.45
N SER B 347 -28.13 2.33 -30.65
CA SER B 347 -28.44 3.23 -31.75
C SER B 347 -29.92 3.52 -31.86
N ASN B 348 -30.57 3.86 -30.75
CA ASN B 348 -31.95 4.37 -30.78
C ASN B 348 -31.94 5.73 -30.09
N VAL B 349 -31.61 6.76 -30.87
CA VAL B 349 -31.44 8.10 -30.34
C VAL B 349 -32.72 8.86 -30.62
N GLU B 350 -33.84 8.25 -30.23
CA GLU B 350 -35.12 8.92 -30.26
C GLU B 350 -35.26 9.98 -29.18
N VAL B 351 -34.59 9.82 -28.03
CA VAL B 351 -34.72 10.81 -26.96
C VAL B 351 -33.85 12.03 -27.24
N LEU B 352 -32.83 11.88 -28.09
CA LEU B 352 -31.97 13.01 -28.40
C LEU B 352 -32.67 14.01 -29.31
N LEU B 353 -33.26 13.52 -30.39
CA LEU B 353 -34.04 14.39 -31.28
C LEU B 353 -35.30 14.91 -30.59
N GLN B 354 -35.83 14.16 -29.63
CA GLN B 354 -36.96 14.64 -28.85
C GLN B 354 -36.54 15.76 -27.90
N PHE B 355 -35.34 15.66 -27.34
CA PHE B 355 -34.80 16.72 -26.50
C PHE B 355 -34.44 17.97 -27.28
N LEU B 356 -33.93 17.82 -28.51
CA LEU B 356 -33.53 18.99 -29.30
C LEU B 356 -34.70 19.87 -29.71
N GLU B 357 -35.94 19.43 -29.55
CA GLU B 357 -37.09 20.31 -29.74
C GLU B 357 -37.19 21.34 -28.63
N ASP B 358 -37.10 20.90 -27.37
CA ASP B 358 -37.28 21.77 -26.22
C ASP B 358 -36.09 21.64 -25.27
N GLN B 359 -35.37 22.73 -25.09
CA GLN B 359 -34.15 22.73 -24.28
C GLN B 359 -34.44 22.98 -22.80
N ASN B 360 -35.71 23.02 -22.39
CA ASN B 360 -36.08 23.36 -21.03
C ASN B 360 -36.59 22.14 -20.26
N THR B 361 -36.39 20.95 -20.79
CA THR B 361 -36.84 19.73 -20.14
C THR B 361 -35.65 18.86 -19.75
N PHE B 362 -35.95 17.75 -19.09
CA PHE B 362 -34.92 16.82 -18.66
C PHE B 362 -34.68 15.78 -19.75
N PRO B 363 -33.44 15.60 -20.21
CA PRO B 363 -33.15 14.58 -21.22
C PRO B 363 -32.95 13.20 -20.61
N ASN B 364 -33.82 12.26 -20.97
CA ASN B 364 -33.76 10.91 -20.45
C ASN B 364 -32.67 10.09 -21.11
N PHE B 365 -31.45 10.17 -20.61
CA PHE B 365 -30.35 9.39 -21.15
C PHE B 365 -29.98 8.22 -20.24
N GLU B 366 -30.92 7.78 -19.40
CA GLU B 366 -30.60 6.71 -18.46
C GLU B 366 -30.63 5.34 -19.10
N HIS B 367 -31.31 5.19 -20.22
CA HIS B 367 -31.36 3.91 -20.90
C HIS B 367 -30.21 3.76 -21.87
N LEU B 368 -29.84 4.85 -22.53
CA LEU B 368 -28.70 4.85 -23.43
C LEU B 368 -27.42 4.58 -22.68
N ALA B 369 -27.28 5.11 -21.47
CA ALA B 369 -26.10 4.86 -20.67
C ALA B 369 -26.05 3.43 -20.18
N TYR B 370 -27.21 2.86 -19.84
CA TYR B 370 -27.28 1.47 -19.39
C TYR B 370 -26.86 0.53 -20.51
N TRP B 371 -27.41 0.72 -21.69
CA TRP B 371 -27.04 -0.18 -22.77
C TRP B 371 -25.68 0.11 -23.35
N GLN B 372 -25.14 1.31 -23.15
CA GLN B 372 -23.75 1.56 -23.50
C GLN B 372 -22.81 0.82 -22.54
N ILE B 373 -23.16 0.73 -21.26
CA ILE B 373 -22.36 -0.06 -20.33
C ILE B 373 -22.43 -1.54 -20.67
N GLN B 374 -23.63 -2.03 -21.00
CA GLN B 374 -23.77 -3.44 -21.40
C GLN B 374 -23.02 -3.74 -22.68
N PHE B 375 -23.04 -2.81 -23.63
CA PHE B 375 -22.32 -3.01 -24.89
C PHE B 375 -20.82 -2.97 -24.67
N ASN B 376 -20.33 -2.13 -23.75
CA ASN B 376 -18.90 -2.11 -23.50
C ASN B 376 -18.44 -3.37 -22.79
N ASN B 377 -19.26 -3.91 -21.89
CA ASN B 377 -18.90 -5.17 -21.23
C ASN B 377 -18.87 -6.32 -22.22
N ILE B 378 -19.91 -6.44 -23.06
CA ILE B 378 -19.98 -7.47 -24.08
C ILE B 378 -18.83 -7.35 -25.07
N ALA B 379 -18.52 -6.14 -25.51
CA ALA B 379 -17.49 -5.95 -26.53
C ALA B 379 -16.10 -6.20 -25.97
N ALA B 380 -15.86 -5.83 -24.71
CA ALA B 380 -14.57 -6.11 -24.09
C ALA B 380 -14.35 -7.59 -23.89
N VAL B 381 -15.38 -8.31 -23.45
CA VAL B 381 -15.27 -9.76 -23.28
C VAL B 381 -15.12 -10.46 -24.64
N THR B 382 -15.77 -9.93 -25.69
CA THR B 382 -15.63 -10.51 -27.02
C THR B 382 -14.21 -10.34 -27.57
N VAL B 383 -13.62 -9.15 -27.37
CA VAL B 383 -12.24 -8.91 -27.79
C VAL B 383 -11.28 -9.80 -27.04
N PHE B 384 -11.53 -10.02 -25.75
CA PHE B 384 -10.73 -10.94 -24.95
C PHE B 384 -10.73 -12.35 -25.52
N PHE B 385 -11.92 -12.89 -25.79
CA PHE B 385 -11.94 -14.26 -26.31
C PHE B 385 -11.49 -14.37 -27.76
N VAL B 386 -11.60 -13.31 -28.54
CA VAL B 386 -11.04 -13.34 -29.88
C VAL B 386 -9.52 -13.38 -29.85
N TRP B 387 -8.91 -12.68 -28.89
CA TRP B 387 -7.47 -12.86 -28.70
C TRP B 387 -7.09 -14.22 -28.15
N ILE B 388 -7.96 -14.82 -27.33
CA ILE B 388 -7.68 -16.18 -26.85
C ILE B 388 -7.78 -17.19 -28.00
N LYS B 389 -8.59 -16.87 -29.02
CA LYS B 389 -8.75 -17.78 -30.17
C LYS B 389 -7.47 -17.90 -31.00
N LEU B 390 -6.54 -16.96 -30.85
CA LEU B 390 -5.28 -16.92 -31.59
C LEU B 390 -4.36 -18.11 -31.30
N PHE B 391 -4.66 -18.90 -30.28
CA PHE B 391 -3.85 -20.05 -29.91
C PHE B 391 -4.13 -21.28 -30.74
N LYS B 392 -5.11 -21.25 -31.64
CA LYS B 392 -5.20 -22.29 -32.65
C LYS B 392 -4.04 -22.24 -33.62
N PHE B 393 -3.40 -21.09 -33.75
CA PHE B 393 -2.50 -20.82 -34.84
C PHE B 393 -1.07 -20.60 -34.40
N ILE B 394 -0.74 -20.82 -33.13
CA ILE B 394 0.64 -20.83 -32.72
C ILE B 394 1.07 -22.20 -32.21
N ASN B 395 0.66 -23.25 -32.89
CA ASN B 395 1.35 -24.55 -32.76
C ASN B 395 2.32 -24.72 -33.94
N PHE B 396 3.06 -23.64 -34.20
CA PHE B 396 3.94 -23.56 -35.35
C PHE B 396 5.32 -24.11 -35.07
N ASN B 397 5.53 -24.71 -33.90
CA ASN B 397 6.87 -25.02 -33.44
C ASN B 397 6.75 -26.22 -32.52
N ARG B 398 7.86 -26.91 -32.30
CA ARG B 398 7.85 -28.03 -31.38
C ARG B 398 7.74 -27.55 -29.94
N THR B 399 8.35 -26.40 -29.63
CA THR B 399 8.29 -25.86 -28.27
C THR B 399 6.90 -25.37 -27.93
N MET B 400 6.24 -24.68 -28.85
CA MET B 400 4.88 -24.20 -28.63
C MET B 400 3.91 -25.36 -28.52
N SER B 401 4.15 -26.44 -29.26
CA SER B 401 3.33 -27.63 -29.12
C SER B 401 3.54 -28.31 -27.78
N GLN B 402 4.78 -28.28 -27.24
CA GLN B 402 4.99 -28.82 -25.90
C GLN B 402 4.26 -28.01 -24.85
N LEU B 403 4.26 -26.68 -24.98
CA LEU B 403 3.56 -25.83 -24.01
C LEU B 403 2.05 -26.05 -24.08
N SER B 404 1.52 -26.14 -25.29
CA SER B 404 0.09 -26.35 -25.48
C SER B 404 -0.34 -27.72 -24.99
N THR B 405 0.46 -28.75 -25.25
CA THR B 405 0.15 -30.09 -24.79
C THR B 405 0.24 -30.19 -23.28
N THR B 406 1.18 -29.44 -22.68
CA THR B 406 1.28 -29.38 -21.22
C THR B 406 0.01 -28.84 -20.60
N MET B 407 -0.45 -27.67 -21.06
CA MET B 407 -1.60 -27.08 -20.40
C MET B 407 -2.90 -27.81 -20.73
N SER B 408 -3.01 -28.40 -21.93
CA SER B 408 -4.21 -29.18 -22.22
C SER B 408 -4.23 -30.50 -21.45
N ARG B 409 -3.07 -31.04 -21.09
CA ARG B 409 -3.10 -32.26 -20.31
C ARG B 409 -3.21 -31.99 -18.81
N CYS B 410 -2.84 -30.80 -18.35
CA CYS B 410 -3.02 -30.53 -16.93
C CYS B 410 -4.32 -29.80 -16.62
N ALA B 411 -5.11 -29.47 -17.64
CA ALA B 411 -6.38 -28.77 -17.43
C ALA B 411 -7.33 -29.51 -16.50
N LYS B 412 -7.42 -30.83 -16.63
CA LYS B 412 -8.36 -31.60 -15.82
C LYS B 412 -7.94 -31.64 -14.36
N ASP B 413 -6.66 -31.83 -14.09
CA ASP B 413 -6.21 -31.92 -12.72
C ASP B 413 -6.15 -30.55 -12.06
N LEU B 414 -5.88 -29.50 -12.84
CA LEU B 414 -6.02 -28.15 -12.31
C LEU B 414 -7.47 -27.78 -12.04
N PHE B 415 -8.41 -28.32 -12.81
CA PHE B 415 -9.82 -28.07 -12.49
C PHE B 415 -10.25 -28.81 -11.23
N GLY B 416 -9.76 -30.03 -11.04
CA GLY B 416 -10.04 -30.73 -9.80
C GLY B 416 -9.49 -30.04 -8.58
N PHE B 417 -8.24 -29.59 -8.65
CA PHE B 417 -7.71 -28.86 -7.52
C PHE B 417 -8.29 -27.45 -7.43
N ALA B 418 -8.84 -26.89 -8.50
CA ALA B 418 -9.54 -25.63 -8.39
C ALA B 418 -10.83 -25.79 -7.62
N ILE B 419 -11.52 -26.92 -7.80
CA ILE B 419 -12.69 -27.25 -6.97
C ILE B 419 -12.30 -27.35 -5.50
N MET B 420 -11.24 -28.11 -5.21
CA MET B 420 -10.82 -28.31 -3.82
C MET B 420 -10.32 -27.01 -3.18
N PHE B 421 -9.59 -26.20 -3.96
CA PHE B 421 -9.07 -24.93 -3.51
C PHE B 421 -10.20 -23.96 -3.22
N PHE B 422 -11.23 -23.92 -4.07
CA PHE B 422 -12.32 -22.98 -3.83
C PHE B 422 -13.24 -23.45 -2.73
N ILE B 423 -13.27 -24.75 -2.41
CA ILE B 423 -13.99 -25.17 -1.21
C ILE B 423 -13.30 -24.64 0.04
N ILE B 424 -11.97 -24.76 0.12
CA ILE B 424 -11.30 -24.21 1.31
C ILE B 424 -11.32 -22.69 1.30
N PHE B 425 -11.33 -22.09 0.12
CA PHE B 425 -11.32 -20.64 -0.04
C PHE B 425 -12.64 -20.04 0.40
N LEU B 426 -13.75 -20.67 0.04
CA LEU B 426 -15.05 -20.18 0.47
C LEU B 426 -15.35 -20.55 1.91
N ALA B 427 -14.73 -21.60 2.44
CA ALA B 427 -14.79 -21.84 3.88
C ALA B 427 -14.16 -20.69 4.66
N TYR B 428 -12.97 -20.25 4.23
CA TYR B 428 -12.35 -19.09 4.84
C TYR B 428 -13.13 -17.82 4.62
N ALA B 429 -13.73 -17.63 3.44
CA ALA B 429 -14.51 -16.42 3.18
C ALA B 429 -15.75 -16.36 4.05
N GLN B 430 -16.39 -17.49 4.32
CA GLN B 430 -17.54 -17.46 5.19
C GLN B 430 -17.15 -17.30 6.66
N LEU B 431 -16.01 -17.87 7.07
CA LEU B 431 -15.41 -17.55 8.36
C LEU B 431 -15.17 -16.06 8.52
N ALA B 432 -14.52 -15.43 7.54
CA ALA B 432 -14.19 -14.03 7.62
C ALA B 432 -15.40 -13.14 7.52
N TYR B 433 -16.45 -13.58 6.85
CA TYR B 433 -17.68 -12.81 6.83
C TYR B 433 -18.41 -12.88 8.15
N LEU B 434 -18.44 -14.04 8.80
CA LEU B 434 -19.04 -14.14 10.12
C LEU B 434 -18.25 -13.40 11.18
N VAL B 435 -16.94 -13.25 11.02
CA VAL B 435 -16.14 -12.60 12.04
C VAL B 435 -16.01 -11.09 11.79
N PHE B 436 -15.74 -10.65 10.57
CA PHE B 436 -15.45 -9.24 10.32
C PHE B 436 -16.54 -8.53 9.55
N GLY B 437 -17.69 -9.17 9.33
CA GLY B 437 -18.65 -8.63 8.40
C GLY B 437 -19.40 -7.42 8.90
N THR B 438 -19.33 -7.15 10.19
CA THR B 438 -19.98 -5.99 10.77
C THR B 438 -19.02 -4.86 11.10
N GLN B 439 -17.72 -5.08 10.93
CA GLN B 439 -16.71 -4.16 11.42
C GLN B 439 -15.81 -3.63 10.31
N VAL B 440 -15.47 -4.45 9.34
CA VAL B 440 -14.46 -4.10 8.36
C VAL B 440 -15.15 -3.82 7.04
N ASP B 441 -14.68 -2.77 6.34
CA ASP B 441 -15.20 -2.41 5.03
C ASP B 441 -14.98 -3.53 4.02
N ASP B 442 -13.81 -4.15 4.05
CA ASP B 442 -13.40 -5.16 3.09
C ASP B 442 -14.07 -6.50 3.30
N PHE B 443 -14.84 -6.68 4.38
CA PHE B 443 -15.51 -7.94 4.63
C PHE B 443 -17.01 -7.76 4.77
N SER B 444 -17.56 -6.65 4.28
CA SER B 444 -18.92 -6.27 4.61
C SER B 444 -19.96 -7.13 3.92
N THR B 445 -19.69 -7.59 2.71
CA THR B 445 -20.53 -8.52 1.99
C THR B 445 -19.70 -9.75 1.64
N PHE B 446 -20.38 -10.83 1.25
CA PHE B 446 -19.69 -12.11 1.08
C PHE B 446 -18.79 -12.12 -0.15
N GLN B 447 -19.24 -11.49 -1.24
CA GLN B 447 -18.38 -11.39 -2.40
C GLN B 447 -17.19 -10.49 -2.12
N GLU B 448 -17.34 -9.50 -1.26
CA GLU B 448 -16.21 -8.66 -0.90
C GLU B 448 -15.24 -9.40 0.00
N CYS B 449 -15.71 -10.40 0.73
CA CYS B 449 -14.81 -11.28 1.47
C CYS B 449 -13.98 -12.13 0.51
N ILE B 450 -14.61 -12.62 -0.56
CA ILE B 450 -13.89 -13.38 -1.57
C ILE B 450 -12.80 -12.53 -2.23
N PHE B 451 -13.15 -11.30 -2.59
CA PHE B 451 -12.22 -10.46 -3.33
C PHE B 451 -11.11 -9.96 -2.43
N THR B 452 -11.44 -9.74 -1.15
CA THR B 452 -10.44 -9.41 -0.15
C THR B 452 -9.46 -10.54 0.05
N GLN B 453 -9.92 -11.78 -0.04
CA GLN B 453 -8.97 -12.88 0.10
C GLN B 453 -8.06 -13.05 -1.11
N PHE B 454 -8.57 -12.77 -2.31
CA PHE B 454 -7.66 -12.69 -3.45
C PHE B 454 -6.61 -11.59 -3.27
N ARG B 455 -7.02 -10.46 -2.71
CA ARG B 455 -6.06 -9.40 -2.41
C ARG B 455 -5.06 -9.79 -1.32
N ILE B 456 -5.49 -10.57 -0.34
CA ILE B 456 -4.57 -11.02 0.71
C ILE B 456 -3.56 -12.01 0.14
N ILE B 457 -4.00 -12.87 -0.78
CA ILE B 457 -3.08 -13.80 -1.45
C ILE B 457 -2.04 -13.04 -2.26
N LEU B 458 -2.44 -11.95 -2.91
CA LEU B 458 -1.44 -11.14 -3.60
C LEU B 458 -0.58 -10.35 -2.63
N GLY B 459 -1.20 -9.60 -1.73
CA GLY B 459 -0.44 -8.85 -0.75
C GLY B 459 -1.00 -7.46 -0.55
N ASP B 460 -2.28 -7.30 -0.83
CA ASP B 460 -2.99 -6.04 -0.63
C ASP B 460 -3.83 -6.18 0.63
N ILE B 461 -3.21 -5.88 1.77
CA ILE B 461 -3.80 -6.12 3.07
C ILE B 461 -4.01 -4.76 3.74
N ASN B 462 -5.09 -4.63 4.48
CA ASN B 462 -5.19 -3.64 5.54
C ASN B 462 -5.39 -4.44 6.83
N PHE B 463 -4.28 -4.86 7.43
CA PHE B 463 -4.32 -5.72 8.60
C PHE B 463 -4.60 -4.95 9.88
N ALA B 464 -4.45 -3.61 9.86
CA ALA B 464 -4.72 -2.82 11.06
C ALA B 464 -6.19 -2.89 11.44
N GLU B 465 -7.08 -2.74 10.47
CA GLU B 465 -8.51 -2.81 10.75
C GLU B 465 -9.00 -4.22 11.02
N ILE B 466 -8.38 -5.24 10.43
CA ILE B 466 -8.73 -6.62 10.75
C ILE B 466 -8.32 -6.94 12.18
N GLU B 467 -7.10 -6.57 12.55
CA GLU B 467 -6.57 -6.85 13.87
C GLU B 467 -7.23 -6.01 14.96
N GLU B 468 -7.82 -4.86 14.63
CA GLU B 468 -8.60 -4.16 15.64
C GLU B 468 -10.10 -4.47 15.59
N ALA B 469 -10.56 -5.18 14.57
CA ALA B 469 -11.94 -5.66 14.59
C ALA B 469 -12.10 -6.81 15.56
N ASN B 470 -11.20 -7.78 15.49
CA ASN B 470 -11.16 -8.91 16.41
C ASN B 470 -9.70 -9.22 16.64
N ARG B 471 -9.26 -9.11 17.89
CA ARG B 471 -7.85 -9.24 18.21
C ARG B 471 -7.37 -10.66 18.36
N VAL B 472 -8.27 -11.63 18.41
CA VAL B 472 -7.88 -13.03 18.50
C VAL B 472 -8.08 -13.74 17.16
N LEU B 473 -9.27 -13.64 16.58
CA LEU B 473 -9.49 -14.32 15.31
C LEU B 473 -9.04 -13.52 14.09
N GLY B 474 -8.73 -12.25 14.26
CA GLY B 474 -8.07 -11.50 13.21
C GLY B 474 -6.69 -12.06 12.91
N PRO B 475 -5.82 -12.05 13.92
CA PRO B 475 -4.59 -12.86 13.88
C PRO B 475 -4.71 -14.30 13.41
N ILE B 476 -5.62 -15.10 13.99
CA ILE B 476 -5.67 -16.53 13.67
C ILE B 476 -6.15 -16.75 12.25
N TYR B 477 -7.19 -16.02 11.83
CA TYR B 477 -7.64 -16.03 10.45
C TYR B 477 -6.54 -15.66 9.48
N PHE B 478 -5.81 -14.58 9.76
CA PHE B 478 -4.82 -14.10 8.82
C PHE B 478 -3.63 -15.05 8.73
N THR B 479 -3.13 -15.54 9.87
CA THR B 479 -1.96 -16.39 9.85
C THR B 479 -2.27 -17.78 9.30
N THR B 480 -3.44 -18.34 9.62
CA THR B 480 -3.78 -19.65 9.07
C THR B 480 -4.18 -19.55 7.60
N PHE B 481 -4.70 -18.41 7.17
CA PHE B 481 -4.97 -18.23 5.76
C PHE B 481 -3.68 -18.04 4.98
N VAL B 482 -2.68 -17.38 5.56
CA VAL B 482 -1.40 -17.27 4.87
C VAL B 482 -0.67 -18.60 4.85
N PHE B 483 -0.72 -19.35 5.93
CA PHE B 483 -0.03 -20.62 5.97
C PHE B 483 -0.70 -21.66 5.10
N PHE B 484 -2.01 -21.84 5.23
CA PHE B 484 -2.62 -22.95 4.51
C PHE B 484 -2.89 -22.62 3.05
N MET B 485 -3.12 -21.36 2.70
CA MET B 485 -3.31 -21.06 1.29
C MET B 485 -1.99 -20.72 0.61
N PHE B 486 -1.30 -19.69 1.09
CA PHE B 486 -0.19 -19.15 0.34
C PHE B 486 1.05 -20.04 0.41
N PHE B 487 1.22 -20.77 1.51
CA PHE B 487 2.43 -21.58 1.59
C PHE B 487 2.23 -22.96 1.00
N ILE B 488 1.02 -23.51 1.10
CA ILE B 488 0.79 -24.93 0.86
C ILE B 488 -0.13 -25.16 -0.33
N LEU B 489 -1.36 -24.65 -0.28
CA LEU B 489 -2.31 -24.98 -1.33
C LEU B 489 -2.06 -24.17 -2.59
N LEU B 490 -1.29 -23.11 -2.50
CA LEU B 490 -0.96 -22.35 -3.70
C LEU B 490 0.08 -23.11 -4.50
N ASN B 491 0.87 -23.93 -3.81
CA ASN B 491 1.98 -24.63 -4.44
C ASN B 491 1.53 -25.93 -5.07
N MET B 492 0.26 -26.26 -4.91
CA MET B 492 -0.24 -27.52 -5.41
C MET B 492 -0.64 -27.43 -6.88
N PHE B 493 -1.18 -26.28 -7.31
CA PHE B 493 -1.31 -25.96 -8.73
C PHE B 493 0.02 -26.05 -9.42
N LEU B 494 1.04 -25.53 -8.76
CA LEU B 494 2.39 -25.51 -9.26
C LEU B 494 2.96 -26.91 -9.38
N ALA B 495 2.62 -27.79 -8.42
CA ALA B 495 3.04 -29.19 -8.47
C ALA B 495 2.40 -29.93 -9.64
N ILE B 496 1.11 -29.67 -9.88
CA ILE B 496 0.42 -30.26 -11.02
C ILE B 496 1.07 -29.84 -12.33
N ILE B 497 1.39 -28.55 -12.46
CA ILE B 497 2.01 -28.04 -13.68
C ILE B 497 3.44 -28.56 -13.86
N ASN B 498 4.23 -28.65 -12.78
CA ASN B 498 5.58 -29.23 -12.85
C ASN B 498 5.54 -30.66 -13.35
N ASP B 499 4.68 -31.48 -12.75
CA ASP B 499 4.63 -32.89 -13.09
C ASP B 499 4.13 -33.09 -14.51
N THR B 500 3.15 -32.29 -14.93
CA THR B 500 2.63 -32.44 -16.29
C THR B 500 3.64 -31.98 -17.33
N TYR B 501 4.41 -30.93 -17.03
CA TYR B 501 5.41 -30.48 -17.98
C TYR B 501 6.55 -31.47 -18.11
N SER B 502 6.99 -32.06 -16.98
CA SER B 502 8.02 -33.08 -17.04
C SER B 502 7.54 -34.31 -17.79
N GLU B 503 6.26 -34.68 -17.60
CA GLU B 503 5.68 -35.83 -18.30
C GLU B 503 5.59 -35.58 -19.80
N VAL B 504 5.13 -34.40 -20.20
CA VAL B 504 4.97 -34.08 -21.61
C VAL B 504 6.32 -33.97 -22.31
N LYS B 505 7.32 -33.39 -21.63
CA LYS B 505 8.65 -33.31 -22.24
C LYS B 505 9.29 -34.68 -22.37
N SER B 506 9.23 -35.50 -21.31
CA SER B 506 9.83 -36.83 -21.40
C SER B 506 9.03 -37.77 -22.29
N ASP B 507 7.78 -37.45 -22.60
CA ASP B 507 7.02 -38.25 -23.56
C ASP B 507 7.27 -37.83 -24.99
N LEU B 508 7.25 -36.53 -25.28
CA LEU B 508 7.50 -36.07 -26.65
C LEU B 508 8.97 -36.10 -27.01
N ALA B 509 9.87 -36.32 -26.04
CA ALA B 509 11.25 -36.61 -26.39
C ALA B 509 11.45 -38.08 -26.68
N GLN B 510 10.76 -38.96 -25.95
CA GLN B 510 10.81 -40.39 -26.25
C GLN B 510 10.11 -40.70 -27.58
N GLN B 511 9.07 -39.93 -27.93
CA GLN B 511 8.45 -40.09 -29.24
C GLN B 511 9.38 -39.61 -30.35
N LYS B 512 10.12 -38.52 -30.12
CA LYS B 512 11.06 -38.04 -31.12
C LYS B 512 12.28 -38.95 -31.27
N ALA B 513 12.73 -39.58 -30.19
CA ALA B 513 13.88 -40.46 -30.25
C ALA B 513 13.53 -41.85 -30.78
N GLU B 514 12.43 -42.45 -30.31
CA GLU B 514 12.09 -43.81 -30.68
C GLU B 514 11.63 -43.92 -32.13
N MET B 515 11.16 -42.82 -32.73
CA MET B 515 10.95 -42.80 -34.17
C MET B 515 12.27 -42.71 -34.92
N GLU B 516 13.31 -42.15 -34.30
CA GLU B 516 14.59 -41.99 -34.99
C GLU B 516 15.48 -43.20 -34.77
N LEU B 517 15.04 -44.14 -33.95
CA LEU B 517 15.81 -45.36 -33.71
C LEU B 517 15.27 -46.53 -34.52
N ARG C 30 45.64 -25.23 -23.74
CA ARG C 30 44.91 -24.90 -22.52
C ARG C 30 45.54 -23.69 -21.83
N GLU C 31 46.87 -23.62 -21.83
CA GLU C 31 47.55 -22.48 -21.22
C GLU C 31 47.38 -21.22 -22.06
N LYS C 32 47.31 -21.35 -23.38
CA LYS C 32 47.05 -20.22 -24.26
C LYS C 32 45.59 -19.80 -24.22
N TYR C 33 44.68 -20.76 -24.07
CA TYR C 33 43.27 -20.46 -23.89
C TYR C 33 43.05 -19.72 -22.57
N LEU C 34 43.70 -20.19 -21.51
CA LEU C 34 43.62 -19.52 -20.22
C LEU C 34 44.30 -18.16 -20.27
N LYS C 35 45.36 -18.02 -21.08
CA LYS C 35 46.05 -16.74 -21.21
C LYS C 35 45.19 -15.71 -21.94
N SER C 36 44.49 -16.14 -23.00
CA SER C 36 43.60 -15.23 -23.71
C SER C 36 42.39 -14.86 -22.87
N VAL C 37 41.84 -15.83 -22.12
CA VAL C 37 40.74 -15.56 -21.19
C VAL C 37 41.19 -14.60 -20.09
N LEU C 38 42.42 -14.76 -19.61
CA LEU C 38 42.96 -13.88 -18.60
C LEU C 38 43.18 -12.45 -19.10
N ARG C 39 43.69 -12.29 -20.32
CA ARG C 39 43.91 -10.93 -20.78
C ARG C 39 42.60 -10.24 -21.15
N GLU C 40 41.61 -10.97 -21.67
CA GLU C 40 40.33 -10.32 -21.91
C GLU C 40 39.57 -10.08 -20.60
N LEU C 41 39.83 -10.88 -19.56
CA LEU C 41 39.23 -10.63 -18.26
C LEU C 41 39.80 -9.38 -17.61
N VAL C 42 41.13 -9.20 -17.64
CA VAL C 42 41.69 -8.01 -17.02
C VAL C 42 41.38 -6.77 -17.84
N THR C 43 41.24 -6.90 -19.17
CA THR C 43 40.79 -5.78 -20.00
C THR C 43 39.38 -5.36 -19.63
N TYR C 44 38.48 -6.34 -19.50
CA TYR C 44 37.11 -6.06 -19.10
C TYR C 44 37.02 -5.50 -17.68
N LEU C 45 37.89 -5.96 -16.77
CA LEU C 45 37.82 -5.46 -15.41
C LEU C 45 38.30 -4.02 -15.32
N LEU C 46 39.35 -3.67 -16.06
CA LEU C 46 39.77 -2.27 -16.15
C LEU C 46 38.67 -1.42 -16.76
N PHE C 47 38.01 -1.93 -17.80
CA PHE C 47 36.91 -1.22 -18.44
C PHE C 47 35.73 -1.02 -17.49
N LEU C 48 35.41 -2.02 -16.69
CA LEU C 48 34.32 -1.93 -15.73
C LEU C 48 34.67 -0.97 -14.60
N ILE C 49 35.93 -0.93 -14.16
CA ILE C 49 36.34 0.04 -13.15
C ILE C 49 36.23 1.47 -13.69
N VAL C 50 36.68 1.69 -14.93
CA VAL C 50 36.65 3.04 -15.52
C VAL C 50 35.21 3.49 -15.72
N LEU C 51 34.34 2.58 -16.16
CA LEU C 51 32.94 2.92 -16.35
C LEU C 51 32.22 3.18 -15.02
N CYS C 52 32.54 2.41 -13.97
CA CYS C 52 31.92 2.67 -12.69
C CYS C 52 32.47 3.92 -12.02
N ILE C 53 33.67 4.36 -12.39
CA ILE C 53 34.14 5.66 -11.96
C ILE C 53 33.38 6.76 -12.68
N LEU C 54 33.13 6.59 -13.98
CA LEU C 54 32.40 7.59 -14.75
C LEU C 54 30.97 7.76 -14.26
N THR C 55 30.31 6.69 -13.86
CA THR C 55 28.97 6.85 -13.33
C THR C 55 28.93 7.06 -11.83
N TYR C 56 30.08 7.14 -11.18
CA TYR C 56 30.18 7.72 -9.85
C TYR C 56 30.22 9.24 -9.91
N GLY C 57 30.69 9.81 -11.01
CA GLY C 57 30.76 11.25 -11.14
C GLY C 57 29.60 11.85 -11.91
N MET C 58 28.81 11.00 -12.56
CA MET C 58 27.53 11.44 -13.08
C MET C 58 26.57 11.74 -11.95
N MET C 59 26.52 10.87 -10.95
CA MET C 59 25.68 11.07 -9.78
C MET C 59 26.52 11.75 -8.72
N SER C 60 26.26 13.05 -8.51
CA SER C 60 26.75 13.68 -7.30
C SER C 60 25.99 13.13 -6.10
N SER C 61 26.52 13.37 -4.91
CA SER C 61 26.11 12.61 -3.74
C SER C 61 24.69 12.95 -3.30
N ASN C 62 24.31 14.22 -3.44
CA ASN C 62 22.97 14.63 -3.03
C ASN C 62 22.39 15.62 -4.02
N VAL C 63 21.92 15.13 -5.16
CA VAL C 63 21.19 15.97 -6.09
C VAL C 63 19.70 15.82 -5.85
N TYR C 64 19.31 14.71 -5.23
CA TYR C 64 17.91 14.50 -4.88
C TYR C 64 17.42 15.55 -3.91
N TYR C 65 18.29 15.99 -3.00
CA TYR C 65 17.91 17.06 -2.09
C TYR C 65 18.06 18.42 -2.71
N TYR C 66 18.42 18.48 -3.99
CA TYR C 66 18.41 19.74 -4.71
C TYR C 66 17.19 19.83 -5.61
N THR C 67 16.68 18.69 -6.04
CA THR C 67 15.45 18.70 -6.81
C THR C 67 14.22 18.69 -5.91
N ARG C 68 14.28 18.07 -4.74
CA ARG C 68 13.08 18.04 -3.93
C ARG C 68 12.83 19.34 -3.20
N MET C 69 13.85 20.16 -2.97
CA MET C 69 13.59 21.46 -2.37
C MET C 69 12.96 22.39 -3.38
N MET C 70 13.41 22.33 -4.63
CA MET C 70 12.76 23.06 -5.71
C MET C 70 11.35 22.57 -5.96
N SER C 71 11.13 21.26 -5.89
CA SER C 71 9.81 20.69 -6.08
C SER C 71 8.86 21.09 -4.96
N GLN C 72 9.29 20.96 -3.72
CA GLN C 72 8.45 21.34 -2.61
C GLN C 72 8.28 22.85 -2.49
N LEU C 73 9.15 23.63 -3.10
CA LEU C 73 8.90 25.06 -3.14
C LEU C 73 7.86 25.40 -4.19
N PHE C 74 7.95 24.81 -5.38
CA PHE C 74 7.05 25.21 -6.44
C PHE C 74 5.83 24.32 -6.59
N LEU C 75 5.94 23.03 -6.30
CA LEU C 75 4.77 22.18 -6.53
C LEU C 75 3.92 22.05 -5.29
N ASP C 76 4.55 21.85 -4.13
CA ASP C 76 3.84 21.47 -2.92
C ASP C 76 3.44 22.63 -2.04
N THR C 77 3.87 23.85 -2.34
CA THR C 77 3.32 24.89 -1.48
C THR C 77 1.90 25.23 -1.90
N PRO C 78 1.03 25.51 -0.92
CA PRO C 78 -0.33 25.94 -1.24
C PRO C 78 -0.32 27.22 -2.03
N VAL C 79 -1.28 27.32 -2.95
CA VAL C 79 -1.24 28.34 -4.00
C VAL C 79 -1.48 29.72 -3.40
N SER C 80 -2.45 29.84 -2.51
CA SER C 80 -2.69 31.07 -1.79
C SER C 80 -2.84 30.75 -0.30
N LYS C 81 -2.80 31.79 0.53
CA LYS C 81 -2.85 31.62 1.97
C LYS C 81 -4.21 31.16 2.47
N THR C 82 -5.28 31.36 1.70
CA THR C 82 -6.57 30.76 2.01
C THR C 82 -6.92 29.60 1.09
N GLU C 83 -5.99 29.12 0.28
CA GLU C 83 -6.22 28.01 -0.63
C GLU C 83 -5.37 26.82 -0.24
N LYS C 84 -5.87 25.63 -0.54
CA LYS C 84 -5.17 24.40 -0.24
C LYS C 84 -4.71 23.67 -1.49
N THR C 85 -4.97 24.21 -2.67
CA THR C 85 -4.52 23.58 -3.90
C THR C 85 -3.03 23.80 -4.08
N ASN C 86 -2.39 22.79 -4.65
CA ASN C 86 -0.98 22.84 -4.99
C ASN C 86 -0.82 23.31 -6.42
N PHE C 87 0.38 23.13 -6.96
CA PHE C 87 0.49 23.03 -8.41
C PHE C 87 0.13 21.63 -8.86
N LYS C 88 0.38 20.63 -8.01
CA LYS C 88 0.10 19.25 -8.36
C LYS C 88 -1.39 18.98 -8.45
N THR C 89 -2.19 19.77 -7.74
CA THR C 89 -3.64 19.58 -7.67
C THR C 89 -4.38 20.78 -8.25
N LEU C 90 -3.84 21.41 -9.28
CA LEU C 90 -4.61 22.41 -9.99
C LEU C 90 -5.73 21.74 -10.76
N SER C 91 -6.90 22.37 -10.74
CA SER C 91 -8.07 21.81 -11.40
C SER C 91 -8.77 22.75 -12.33
N SER C 92 -8.36 24.01 -12.42
CA SER C 92 -9.09 24.99 -13.21
C SER C 92 -8.12 26.04 -13.71
N MET C 93 -8.59 26.90 -14.60
CA MET C 93 -7.78 27.98 -15.13
C MET C 93 -7.58 29.09 -14.12
N GLU C 94 -8.57 29.32 -13.25
CA GLU C 94 -8.40 30.35 -12.22
C GLU C 94 -7.45 29.91 -11.13
N ASP C 95 -7.37 28.61 -10.84
CA ASP C 95 -6.32 28.11 -9.97
C ASP C 95 -4.95 28.31 -10.60
N PHE C 96 -4.85 28.22 -11.92
CA PHE C 96 -3.60 28.51 -12.59
C PHE C 96 -3.25 29.99 -12.49
N TRP C 97 -4.22 30.88 -12.55
CA TRP C 97 -3.88 32.29 -12.34
C TRP C 97 -3.50 32.58 -10.91
N LYS C 98 -4.13 31.92 -9.95
CA LYS C 98 -3.74 32.08 -8.56
C LYS C 98 -2.34 31.55 -8.31
N PHE C 99 -1.94 30.49 -9.02
CA PHE C 99 -0.56 30.00 -8.95
C PHE C 99 0.43 30.97 -9.56
N THR C 100 0.12 31.48 -10.75
CA THR C 100 1.05 32.35 -11.45
C THR C 100 1.19 33.69 -10.77
N GLU C 101 0.14 34.17 -10.10
CA GLU C 101 0.23 35.38 -9.31
C GLU C 101 0.73 35.14 -7.90
N GLY C 102 0.82 33.89 -7.47
CA GLY C 102 1.01 33.63 -6.06
C GLY C 102 2.21 32.79 -5.71
N SER C 103 2.08 31.48 -5.82
CA SER C 103 3.15 30.58 -5.38
C SER C 103 4.35 30.64 -6.29
N LEU C 104 4.13 30.91 -7.58
CA LEU C 104 5.24 31.05 -8.51
C LEU C 104 6.07 32.28 -8.21
N LEU C 105 5.41 33.41 -7.94
CA LEU C 105 6.13 34.64 -7.62
C LEU C 105 6.76 34.61 -6.25
N ASP C 106 6.14 33.94 -5.29
CA ASP C 106 6.74 33.82 -3.97
C ASP C 106 7.84 32.76 -3.92
N GLY C 107 7.90 31.89 -4.91
CA GLY C 107 9.00 30.95 -5.01
C GLY C 107 10.17 31.48 -5.80
N LEU C 108 9.90 32.24 -6.87
CA LEU C 108 10.98 32.74 -7.71
C LEU C 108 11.73 33.89 -7.05
N TYR C 109 11.02 34.81 -6.44
CA TYR C 109 11.61 36.08 -6.04
C TYR C 109 11.80 36.11 -4.53
N TRP C 110 13.04 36.22 -4.11
CA TRP C 110 13.46 36.18 -2.71
C TRP C 110 14.21 37.47 -2.41
N LYS C 111 13.78 38.16 -1.36
CA LYS C 111 14.39 39.44 -1.02
C LYS C 111 15.78 39.25 -0.45
N MET C 112 16.72 40.05 -0.93
CA MET C 112 18.13 39.90 -0.57
C MET C 112 18.37 40.35 0.86
N GLN C 113 19.52 39.97 1.41
CA GLN C 113 19.89 40.37 2.76
C GLN C 113 20.29 41.85 2.82
N ASN C 122 18.93 44.47 -7.49
CA ASN C 122 19.45 43.16 -7.12
C ASN C 122 18.77 42.03 -7.87
N ARG C 123 18.89 40.83 -7.33
CA ARG C 123 18.43 39.62 -8.00
C ARG C 123 18.27 38.53 -6.95
N SER C 124 17.53 37.49 -7.31
CA SER C 124 16.98 36.60 -6.30
C SER C 124 17.77 35.32 -6.17
N PHE C 125 18.07 34.97 -4.93
CA PHE C 125 18.69 33.71 -4.58
C PHE C 125 17.66 32.84 -3.88
N ILE C 126 17.21 31.80 -4.57
CA ILE C 126 16.15 30.92 -4.09
C ILE C 126 16.74 30.03 -3.00
N PHE C 127 16.10 30.02 -1.83
CA PHE C 127 16.57 29.43 -0.56
C PHE C 127 17.90 30.04 -0.11
N TYR C 128 18.16 31.27 -0.58
CA TYR C 128 19.40 32.02 -0.37
C TYR C 128 20.64 31.26 -0.83
N GLU C 129 20.47 30.37 -1.81
CA GLU C 129 21.56 29.57 -2.32
C GLU C 129 21.53 29.57 -3.84
N ASN C 130 20.34 29.45 -4.41
CA ASN C 130 20.16 29.14 -5.82
C ASN C 130 19.85 30.43 -6.57
N LEU C 131 20.79 30.89 -7.38
CA LEU C 131 20.61 32.11 -8.15
C LEU C 131 19.64 31.92 -9.29
N LEU C 132 18.56 32.68 -9.33
CA LEU C 132 17.69 32.69 -10.50
C LEU C 132 18.41 33.30 -11.69
N LEU C 133 18.58 32.52 -12.75
CA LEU C 133 19.34 32.97 -13.92
C LEU C 133 18.42 33.71 -14.87
N GLY C 134 18.66 35.00 -15.03
CA GLY C 134 17.92 35.77 -16.01
C GLY C 134 16.50 35.98 -15.60
N VAL C 135 15.60 35.91 -16.56
CA VAL C 135 14.17 36.04 -16.31
C VAL C 135 13.52 34.70 -16.63
N PRO C 136 12.38 34.38 -16.06
CA PRO C 136 11.62 33.23 -16.53
C PRO C 136 10.85 33.57 -17.81
N ARG C 137 10.05 32.62 -18.25
CA ARG C 137 9.31 32.76 -19.49
C ARG C 137 8.03 31.95 -19.41
N ILE C 138 6.90 32.59 -19.68
CA ILE C 138 5.63 31.89 -19.80
C ILE C 138 5.25 31.88 -21.28
N ARG C 139 4.74 30.74 -21.75
CA ARG C 139 4.47 30.52 -23.17
C ARG C 139 3.17 29.73 -23.30
N GLN C 140 2.36 30.09 -24.30
CA GLN C 140 1.04 29.54 -24.49
C GLN C 140 0.94 28.91 -25.87
N LEU C 141 0.18 27.81 -25.97
CA LEU C 141 -0.15 27.20 -27.24
C LEU C 141 -1.66 27.23 -27.43
N ARG C 142 -2.10 27.65 -28.61
CA ARG C 142 -3.51 27.89 -28.86
C ARG C 142 -3.99 27.11 -30.07
N VAL C 143 -5.26 26.76 -30.05
CA VAL C 143 -5.92 26.17 -31.21
C VAL C 143 -6.94 27.16 -31.75
N ARG C 144 -7.31 26.95 -33.02
CA ARG C 144 -8.18 27.87 -33.71
C ARG C 144 -9.63 27.65 -33.32
N ASN C 145 -10.40 28.72 -33.37
CA ASN C 145 -11.85 28.60 -33.47
C ASN C 145 -12.19 27.97 -34.81
N GLY C 146 -13.17 27.08 -34.80
CA GLY C 146 -13.52 26.39 -36.02
C GLY C 146 -12.59 25.28 -36.42
N SER C 147 -11.72 24.85 -35.50
CA SER C 147 -10.79 23.78 -35.82
C SER C 147 -11.42 22.39 -35.71
N CYS C 148 -12.66 22.30 -35.28
CA CYS C 148 -13.43 21.07 -35.35
C CYS C 148 -14.77 21.35 -36.03
N SER C 149 -15.61 20.33 -36.11
CA SER C 149 -16.88 20.41 -36.80
C SER C 149 -18.02 20.12 -35.83
N ILE C 150 -18.86 21.13 -35.59
CA ILE C 150 -20.06 20.98 -34.78
C ILE C 150 -21.05 20.19 -35.62
N PRO C 151 -21.70 19.16 -35.07
CA PRO C 151 -22.66 18.39 -35.86
C PRO C 151 -23.88 19.23 -36.25
N GLN C 152 -24.55 18.78 -37.31
CA GLN C 152 -25.50 19.62 -38.03
C GLN C 152 -26.74 19.91 -37.20
N ASP C 153 -27.12 19.01 -36.29
CA ASP C 153 -28.27 19.25 -35.44
C ASP C 153 -27.97 20.17 -34.25
N LEU C 154 -26.70 20.55 -34.05
CA LEU C 154 -26.29 21.35 -32.92
C LEU C 154 -25.59 22.65 -33.31
N ARG C 155 -25.66 23.03 -34.59
CA ARG C 155 -25.06 24.29 -35.00
C ARG C 155 -25.92 25.49 -34.63
N ASP C 156 -27.12 25.26 -34.11
CA ASP C 156 -27.91 26.36 -33.58
C ASP C 156 -27.52 26.69 -32.15
N GLU C 157 -27.29 25.69 -31.31
CA GLU C 157 -27.06 25.93 -29.89
C GLU C 157 -25.61 26.32 -29.61
N ILE C 158 -24.67 25.58 -30.16
CA ILE C 158 -23.26 25.79 -29.88
C ILE C 158 -22.63 26.52 -31.07
N LYS C 159 -22.01 27.67 -30.78
CA LYS C 159 -21.44 28.48 -31.85
C LYS C 159 -20.04 28.01 -32.23
N GLU C 160 -19.19 27.80 -31.23
CA GLU C 160 -17.77 27.64 -31.47
C GLU C 160 -17.28 26.33 -30.87
N CYS C 161 -16.26 25.75 -31.49
CA CYS C 161 -15.62 24.57 -30.94
C CYS C 161 -14.13 24.65 -31.22
N TYR C 162 -13.36 24.10 -30.30
CA TYR C 162 -11.91 24.16 -30.33
C TYR C 162 -11.38 22.75 -30.23
N ASP C 163 -10.71 22.29 -31.27
CA ASP C 163 -10.27 20.91 -31.39
C ASP C 163 -9.16 20.61 -30.38
N VAL C 164 -8.90 19.32 -30.18
CA VAL C 164 -7.72 18.86 -29.47
C VAL C 164 -6.47 19.38 -30.19
N TYR C 165 -5.40 19.61 -29.42
CA TYR C 165 -4.19 20.18 -29.98
C TYR C 165 -3.54 19.28 -31.01
N SER C 166 -3.40 19.79 -32.22
CA SER C 166 -2.49 19.26 -33.21
C SER C 166 -1.78 20.45 -33.84
N VAL C 167 -0.80 20.16 -34.71
CA VAL C 167 -0.10 21.24 -35.37
C VAL C 167 -0.97 21.85 -36.46
N SER C 168 -1.86 21.06 -37.07
CA SER C 168 -2.77 21.61 -38.07
C SER C 168 -3.84 22.49 -37.43
N SER C 169 -4.24 22.19 -36.21
CA SER C 169 -5.26 22.96 -35.51
C SER C 169 -4.71 24.20 -34.83
N GLU C 170 -3.41 24.41 -34.87
CA GLU C 170 -2.78 25.43 -34.05
C GLU C 170 -3.06 26.83 -34.58
N ASP C 171 -3.28 27.76 -33.66
CA ASP C 171 -3.64 29.13 -33.99
C ASP C 171 -2.36 29.93 -34.24
N ARG C 172 -2.32 30.64 -35.35
CA ARG C 172 -1.21 31.54 -35.66
C ARG C 172 -1.59 33.00 -35.59
N ALA C 173 -2.84 33.31 -35.31
CA ALA C 173 -3.31 34.68 -35.48
C ALA C 173 -2.90 35.53 -34.27
N PRO C 174 -2.74 36.84 -34.44
CA PRO C 174 -2.64 37.70 -33.27
C PRO C 174 -3.99 37.82 -32.61
N PHE C 175 -4.02 38.13 -31.32
CA PHE C 175 -5.27 38.24 -30.58
C PHE C 175 -5.07 39.18 -29.42
N GLY C 176 -6.18 39.50 -28.75
CA GLY C 176 -6.16 40.41 -27.63
C GLY C 176 -5.76 41.80 -28.05
N PRO C 177 -4.99 42.49 -27.21
CA PRO C 177 -4.50 43.82 -27.55
C PRO C 177 -3.46 43.88 -28.66
N ARG C 178 -2.86 42.75 -29.02
CA ARG C 178 -1.99 42.59 -30.19
C ARG C 178 -0.72 43.44 -30.14
N ASN C 179 -0.32 43.95 -28.97
CA ASN C 179 0.83 44.85 -29.00
C ASN C 179 2.04 44.30 -28.24
N GLY C 180 2.25 42.99 -28.21
CA GLY C 180 3.42 42.44 -27.58
C GLY C 180 3.81 41.13 -28.20
N THR C 181 4.78 40.47 -27.56
CA THR C 181 5.12 39.10 -27.94
C THR C 181 4.19 38.09 -27.31
N ALA C 182 3.44 38.48 -26.28
CA ALA C 182 2.48 37.59 -25.65
C ALA C 182 1.21 37.46 -26.47
N TRP C 183 1.01 38.33 -27.44
CA TRP C 183 -0.23 38.39 -28.19
C TRP C 183 -0.04 38.08 -29.66
N ILE C 184 1.18 37.73 -30.07
CA ILE C 184 1.54 37.52 -31.47
C ILE C 184 2.31 36.21 -31.55
N TYR C 185 1.96 35.39 -32.54
CA TYR C 185 2.58 34.08 -32.69
C TYR C 185 4.03 34.19 -33.11
N THR C 186 4.87 33.39 -32.46
CA THR C 186 6.29 33.29 -32.78
C THR C 186 6.58 31.84 -33.11
N SER C 187 7.25 31.60 -34.22
CA SER C 187 7.46 30.25 -34.72
C SER C 187 8.46 29.49 -33.83
N GLU C 188 8.59 28.20 -34.12
CA GLU C 188 9.53 27.38 -33.36
C GLU C 188 10.97 27.73 -33.69
N LYS C 189 11.22 28.17 -34.93
CA LYS C 189 12.57 28.53 -35.34
C LYS C 189 12.99 29.88 -34.76
N ASP C 190 12.02 30.67 -34.29
CA ASP C 190 12.34 32.03 -33.90
C ASP C 190 12.46 32.20 -32.40
N LEU C 191 11.89 31.28 -31.61
CA LEU C 191 12.10 31.35 -30.17
C LEU C 191 12.96 30.20 -29.68
N ASN C 192 13.65 29.52 -30.61
CA ASN C 192 14.75 28.59 -30.35
C ASN C 192 14.27 27.36 -29.58
N GLY C 193 12.98 27.06 -29.69
CA GLY C 193 12.35 26.04 -28.90
C GLY C 193 12.40 24.70 -29.62
N SER C 194 11.77 23.72 -29.00
CA SER C 194 11.72 22.36 -29.50
C SER C 194 10.47 21.69 -28.96
N SER C 195 10.10 20.57 -29.56
CA SER C 195 8.83 19.92 -29.25
C SER C 195 8.90 19.26 -27.89
N HIS C 196 7.84 19.44 -27.11
CA HIS C 196 7.73 18.87 -25.77
C HIS C 196 6.68 17.78 -25.78
N TRP C 197 7.00 16.63 -25.23
CA TRP C 197 6.11 15.48 -25.18
C TRP C 197 5.41 15.48 -23.84
N GLY C 198 4.16 15.89 -23.83
CA GLY C 198 3.39 16.02 -22.61
C GLY C 198 2.49 14.84 -22.39
N ILE C 199 1.50 15.04 -21.52
CA ILE C 199 0.66 13.93 -21.08
C ILE C 199 -0.35 13.55 -22.14
N ILE C 200 -1.04 14.53 -22.72
CA ILE C 200 -2.10 14.24 -23.69
C ILE C 200 -1.71 14.61 -25.12
N ALA C 201 -0.64 15.36 -25.33
CA ALA C 201 -0.21 15.68 -26.68
C ALA C 201 1.29 15.91 -26.69
N THR C 202 1.82 16.02 -27.90
CA THR C 202 3.18 16.51 -28.09
C THR C 202 3.11 17.93 -28.62
N TYR C 203 3.70 18.85 -27.88
CA TYR C 203 3.48 20.27 -28.06
C TYR C 203 4.66 20.89 -28.78
N SER C 204 4.37 21.63 -29.84
CA SER C 204 5.41 22.31 -30.60
C SER C 204 6.05 23.40 -29.76
N GLY C 205 7.29 23.72 -30.11
CA GLY C 205 8.05 24.72 -29.39
C GLY C 205 7.73 26.15 -29.75
N ALA C 206 6.68 26.40 -30.49
CA ALA C 206 6.29 27.73 -30.91
C ALA C 206 5.29 28.29 -29.93
N GLY C 207 4.65 29.41 -30.30
CA GLY C 207 3.57 29.90 -29.48
C GLY C 207 3.63 31.37 -29.14
N TYR C 208 2.99 31.71 -28.03
CA TYR C 208 2.77 33.08 -27.59
C TYR C 208 3.51 33.25 -26.28
N TYR C 209 4.74 33.76 -26.33
CA TYR C 209 5.55 33.77 -25.13
C TYR C 209 5.62 35.14 -24.51
N LEU C 210 6.00 35.18 -23.24
CA LEU C 210 6.27 36.42 -22.53
C LEU C 210 7.42 36.18 -21.58
N ASP C 211 8.55 36.83 -21.82
CA ASP C 211 9.64 36.81 -20.85
C ASP C 211 9.30 37.73 -19.69
N LEU C 212 9.54 37.26 -18.49
CA LEU C 212 9.13 37.98 -17.30
C LEU C 212 10.27 38.92 -16.87
N SER C 213 10.41 39.19 -15.58
CA SER C 213 11.32 40.23 -15.13
C SER C 213 12.19 39.75 -13.98
N ARG C 214 13.19 40.57 -13.64
CA ARG C 214 14.14 40.23 -12.60
C ARG C 214 13.56 40.43 -11.21
N THR C 215 12.59 41.32 -11.05
CA THR C 215 12.02 41.66 -9.76
C THR C 215 10.56 41.22 -9.71
N ARG C 216 10.02 41.17 -8.49
CA ARG C 216 8.70 40.59 -8.30
C ARG C 216 7.60 41.54 -8.73
N GLU C 217 7.86 42.84 -8.63
CA GLU C 217 6.78 43.80 -8.84
C GLU C 217 6.50 44.02 -10.33
N GLU C 218 7.57 44.06 -11.13
CA GLU C 218 7.40 44.11 -12.58
C GLU C 218 6.75 42.85 -13.11
N THR C 219 7.12 41.69 -12.56
CA THR C 219 6.55 40.43 -13.00
C THR C 219 5.10 40.28 -12.58
N ALA C 220 4.76 40.79 -11.39
CA ALA C 220 3.37 40.77 -10.95
C ALA C 220 2.53 41.71 -11.80
N ALA C 221 3.10 42.85 -12.21
CA ALA C 221 2.41 43.73 -13.13
C ALA C 221 2.16 43.07 -14.48
N GLN C 222 3.14 42.31 -14.97
CA GLN C 222 2.98 41.62 -16.25
C GLN C 222 1.96 40.50 -16.18
N VAL C 223 1.97 39.73 -15.09
CA VAL C 223 1.00 38.64 -14.95
C VAL C 223 -0.41 39.19 -14.74
N ALA C 224 -0.54 40.32 -14.02
CA ALA C 224 -1.84 40.94 -13.87
C ALA C 224 -2.32 41.55 -15.18
N SER C 225 -1.40 42.03 -16.01
CA SER C 225 -1.78 42.53 -17.32
C SER C 225 -2.15 41.42 -18.29
N LEU C 226 -1.58 40.22 -18.13
CA LEU C 226 -2.06 39.09 -18.91
C LEU C 226 -3.41 38.59 -18.45
N LYS C 227 -3.65 38.56 -17.14
CA LYS C 227 -4.95 38.12 -16.62
C LYS C 227 -6.05 39.13 -16.91
N LYS C 228 -5.74 40.43 -16.91
CA LYS C 228 -6.76 41.43 -17.17
C LYS C 228 -7.25 41.38 -18.62
N ASN C 229 -6.34 41.26 -19.56
CA ASN C 229 -6.70 41.24 -20.98
C ASN C 229 -7.17 39.88 -21.47
N VAL C 230 -7.32 38.90 -20.56
CA VAL C 230 -7.70 37.51 -20.80
C VAL C 230 -6.75 36.89 -21.81
N TRP C 231 -5.62 36.39 -21.32
CA TRP C 231 -4.63 35.80 -22.18
C TRP C 231 -4.91 34.31 -22.36
N LEU C 232 -5.38 33.67 -21.30
CA LEU C 232 -5.78 32.27 -21.39
C LEU C 232 -7.29 32.19 -21.55
N ASP C 233 -7.75 31.65 -22.65
CA ASP C 233 -9.19 31.48 -22.85
C ASP C 233 -9.53 30.08 -23.31
N ARG C 234 -10.51 29.95 -24.20
CA ARG C 234 -10.99 28.63 -24.58
C ARG C 234 -10.10 28.00 -25.63
N GLY C 235 -9.26 28.78 -26.29
CA GLY C 235 -8.38 28.21 -27.27
C GLY C 235 -7.08 27.70 -26.72
N THR C 236 -6.80 27.97 -25.45
CA THR C 236 -5.55 27.57 -24.84
C THR C 236 -5.48 26.07 -24.66
N ARG C 237 -4.37 25.48 -25.05
CA ARG C 237 -4.16 24.05 -24.91
C ARG C 237 -2.96 23.67 -24.08
N ALA C 238 -2.05 24.59 -23.80
CA ALA C 238 -0.86 24.33 -23.01
C ALA C 238 -0.31 25.65 -22.52
N THR C 239 0.30 25.64 -21.35
CA THR C 239 1.02 26.79 -20.85
C THR C 239 2.31 26.31 -20.19
N PHE C 240 3.43 26.77 -20.70
CA PHE C 240 4.75 26.40 -20.22
C PHE C 240 5.29 27.51 -19.35
N ILE C 241 5.93 27.15 -18.24
CA ILE C 241 6.67 28.10 -17.41
C ILE C 241 8.07 27.54 -17.28
N ASP C 242 9.06 28.28 -17.76
CA ASP C 242 10.43 27.82 -17.84
C ASP C 242 11.33 28.79 -17.12
N PHE C 243 12.21 28.28 -16.26
CA PHE C 243 13.25 29.08 -15.64
C PHE C 243 14.40 28.16 -15.25
N SER C 244 15.52 28.76 -14.90
CA SER C 244 16.74 28.02 -14.57
C SER C 244 17.38 28.67 -13.36
N VAL C 245 17.85 27.86 -12.43
CA VAL C 245 18.58 28.37 -11.28
C VAL C 245 19.99 27.78 -11.32
N TYR C 246 20.87 28.36 -10.52
CA TYR C 246 22.25 27.89 -10.41
C TYR C 246 22.66 27.86 -8.96
N ASN C 247 23.21 26.74 -8.52
CA ASN C 247 23.74 26.60 -7.18
C ASN C 247 25.26 26.68 -7.24
N ALA C 248 25.83 27.75 -6.73
CA ALA C 248 27.27 27.91 -6.71
C ALA C 248 27.96 26.97 -5.72
N ASN C 249 27.24 26.43 -4.76
CA ASN C 249 27.87 25.64 -3.71
C ASN C 249 28.23 24.26 -4.20
N ILE C 250 27.34 23.64 -4.99
CA ILE C 250 27.53 22.31 -5.51
C ILE C 250 27.77 22.29 -7.00
N ASN C 251 27.71 23.46 -7.65
CA ASN C 251 27.98 23.66 -9.09
C ASN C 251 27.01 22.85 -9.95
N LEU C 252 25.73 23.15 -9.80
CA LEU C 252 24.70 22.54 -10.62
C LEU C 252 23.70 23.58 -11.05
N PHE C 253 23.36 23.57 -12.33
CA PHE C 253 22.18 24.27 -12.79
C PHE C 253 20.97 23.39 -12.54
N CYS C 254 19.78 23.97 -12.64
CA CYS C 254 18.55 23.20 -12.52
C CYS C 254 17.52 23.84 -13.44
N VAL C 255 17.17 23.12 -14.50
CA VAL C 255 16.28 23.65 -15.52
C VAL C 255 14.88 23.21 -15.18
N VAL C 256 14.04 24.16 -14.81
CA VAL C 256 12.67 23.89 -14.40
C VAL C 256 11.75 24.17 -15.58
N ARG C 257 10.87 23.21 -15.87
CA ARG C 257 9.79 23.39 -16.83
C ARG C 257 8.49 22.94 -16.19
N LEU C 258 7.56 23.87 -16.03
CA LEU C 258 6.23 23.58 -15.51
C LEU C 258 5.27 23.64 -16.69
N LEU C 259 4.55 22.55 -16.92
CA LEU C 259 3.57 22.49 -17.99
C LEU C 259 2.17 22.33 -17.40
N VAL C 260 1.24 23.11 -17.89
CA VAL C 260 -0.17 22.94 -17.59
C VAL C 260 -0.88 22.68 -18.90
N GLU C 261 -1.48 21.51 -19.02
CA GLU C 261 -2.21 21.16 -20.22
C GLU C 261 -3.70 21.38 -20.01
N PHE C 262 -4.29 22.12 -20.95
CA PHE C 262 -5.70 22.47 -20.91
C PHE C 262 -6.40 21.58 -21.92
N PRO C 263 -7.12 20.55 -21.50
CA PRO C 263 -7.72 19.63 -22.47
C PRO C 263 -8.91 20.27 -23.16
N ALA C 264 -9.37 19.63 -24.24
CA ALA C 264 -10.58 20.10 -24.90
C ALA C 264 -11.81 19.83 -24.05
N THR C 265 -11.67 18.92 -23.09
CA THR C 265 -12.76 18.56 -22.20
C THR C 265 -12.97 19.60 -21.11
N GLY C 266 -11.97 20.46 -20.91
CA GLY C 266 -11.98 21.44 -19.86
C GLY C 266 -11.19 20.95 -18.68
N GLY C 267 -10.70 21.89 -17.91
CA GLY C 267 -9.87 21.56 -16.76
C GLY C 267 -8.39 21.83 -17.02
N VAL C 268 -7.57 21.15 -16.24
CA VAL C 268 -6.13 21.40 -16.14
C VAL C 268 -5.43 20.10 -15.80
N ILE C 269 -4.37 19.78 -16.54
CA ILE C 269 -3.49 18.67 -16.19
C ILE C 269 -2.11 19.22 -15.93
N PRO C 270 -1.67 19.38 -14.68
CA PRO C 270 -0.34 19.94 -14.44
C PRO C 270 0.74 18.88 -14.60
N SER C 271 1.93 19.33 -15.00
CA SER C 271 3.09 18.49 -15.20
C SER C 271 4.34 19.33 -15.01
N TRP C 272 5.40 18.70 -14.51
CA TRP C 272 6.60 19.42 -14.14
C TRP C 272 7.81 18.62 -14.55
N GLN C 273 8.98 19.26 -14.44
CA GLN C 273 10.25 18.65 -14.81
C GLN C 273 11.35 19.48 -14.18
N PHE C 274 12.03 18.92 -13.19
CA PHE C 274 13.15 19.55 -12.51
C PHE C 274 14.40 18.78 -12.91
N GLN C 275 15.27 19.40 -13.69
CA GLN C 275 16.37 18.67 -14.34
C GLN C 275 17.71 19.32 -14.07
N PRO C 276 18.59 18.70 -13.29
CA PRO C 276 19.89 19.30 -13.02
C PRO C 276 20.91 19.07 -14.11
N LEU C 277 21.73 20.10 -14.32
CA LEU C 277 22.77 20.07 -15.33
C LEU C 277 24.10 20.45 -14.68
N LYS C 278 25.17 19.82 -15.15
CA LYS C 278 26.52 20.24 -14.79
C LYS C 278 27.15 20.79 -16.07
N LEU C 279 27.06 22.11 -16.23
CA LEU C 279 27.47 22.72 -17.48
C LEU C 279 28.86 23.32 -17.39
N ILE C 280 29.36 23.52 -16.19
CA ILE C 280 30.70 24.04 -15.98
C ILE C 280 31.53 22.90 -15.41
N ARG C 281 32.36 22.30 -16.26
CA ARG C 281 33.00 21.04 -15.94
C ARG C 281 34.20 21.16 -15.04
N TYR C 282 35.20 21.97 -15.41
CA TYR C 282 36.54 21.86 -14.86
C TYR C 282 36.69 22.86 -13.72
N VAL C 283 36.22 22.44 -12.54
CA VAL C 283 36.23 23.30 -11.36
C VAL C 283 37.04 22.62 -10.25
N THR C 284 36.75 21.36 -9.97
CA THR C 284 37.45 20.62 -8.93
C THR C 284 38.37 19.59 -9.55
N THR C 285 39.24 19.02 -8.71
CA THR C 285 40.21 18.02 -9.15
C THR C 285 39.56 16.72 -9.59
N PHE C 286 38.52 16.28 -8.87
CA PHE C 286 37.77 15.09 -9.25
C PHE C 286 37.10 15.24 -10.60
N ASP C 287 36.75 16.46 -11.00
CA ASP C 287 36.27 16.70 -12.36
C ASP C 287 37.35 16.47 -13.41
N PHE C 288 38.60 16.84 -13.12
CA PHE C 288 39.68 16.51 -14.04
C PHE C 288 39.93 15.01 -14.11
N PHE C 289 39.76 14.32 -12.98
CA PHE C 289 39.90 12.86 -13.02
C PHE C 289 38.74 12.21 -13.79
N LEU C 290 37.56 12.81 -13.72
CA LEU C 290 36.44 12.34 -14.54
C LEU C 290 36.70 12.56 -16.03
N ALA C 291 37.34 13.68 -16.38
CA ALA C 291 37.69 13.91 -17.77
C ALA C 291 38.74 12.92 -18.26
N ALA C 292 39.71 12.61 -17.40
CA ALA C 292 40.71 11.59 -17.72
C ALA C 292 40.07 10.22 -17.90
N CYS C 293 39.08 9.89 -17.07
CA CYS C 293 38.39 8.62 -17.22
C CYS C 293 37.49 8.61 -18.45
N GLU C 294 37.00 9.78 -18.89
CA GLU C 294 36.26 9.84 -20.15
C GLU C 294 37.17 9.53 -21.33
N ILE C 295 38.40 10.07 -21.31
CA ILE C 295 39.36 9.79 -22.38
C ILE C 295 39.75 8.31 -22.39
N ILE C 296 40.02 7.76 -21.20
CA ILE C 296 40.37 6.36 -21.10
C ILE C 296 39.20 5.46 -21.52
N PHE C 297 37.97 5.88 -21.23
CA PHE C 297 36.78 5.16 -21.69
C PHE C 297 36.65 5.15 -23.20
N CYS C 298 36.85 6.30 -23.86
CA CYS C 298 36.70 6.27 -25.31
C CYS C 298 37.86 5.53 -25.98
N PHE C 299 39.01 5.42 -25.31
CA PHE C 299 40.06 4.53 -25.82
C PHE C 299 39.66 3.07 -25.67
N PHE C 300 39.00 2.70 -24.56
CA PHE C 300 38.46 1.35 -24.43
C PHE C 300 37.43 1.04 -25.49
N ILE C 301 36.58 2.01 -25.81
CA ILE C 301 35.53 1.76 -26.80
C ILE C 301 36.12 1.68 -28.19
N PHE C 302 37.19 2.43 -28.45
CA PHE C 302 37.92 2.25 -29.71
C PHE C 302 38.53 0.86 -29.79
N TYR C 303 39.08 0.37 -28.68
CA TYR C 303 39.64 -0.98 -28.62
C TYR C 303 38.59 -2.05 -28.88
N TYR C 304 37.40 -1.92 -28.26
CA TYR C 304 36.38 -2.94 -28.43
C TYR C 304 35.76 -2.89 -29.83
N VAL C 305 35.66 -1.70 -30.43
CA VAL C 305 35.15 -1.63 -31.79
C VAL C 305 36.13 -2.27 -32.76
N VAL C 306 37.44 -2.04 -32.56
CA VAL C 306 38.45 -2.71 -33.38
C VAL C 306 38.40 -4.23 -33.20
N GLU C 307 38.24 -4.68 -31.96
CA GLU C 307 38.19 -6.12 -31.68
C GLU C 307 36.96 -6.79 -32.29
N GLU C 308 35.79 -6.15 -32.19
CA GLU C 308 34.58 -6.79 -32.71
C GLU C 308 34.51 -6.69 -34.23
N ILE C 309 35.14 -5.67 -34.82
CA ILE C 309 35.25 -5.65 -36.28
C ILE C 309 36.21 -6.72 -36.77
N LEU C 310 37.33 -6.93 -36.07
CA LEU C 310 38.25 -7.99 -36.47
C LEU C 310 37.67 -9.38 -36.23
N GLU C 311 36.70 -9.50 -35.31
CA GLU C 311 36.06 -10.78 -35.11
C GLU C 311 34.93 -11.02 -36.11
N ILE C 312 34.18 -9.97 -36.46
CA ILE C 312 33.06 -10.14 -37.40
C ILE C 312 33.54 -10.31 -38.84
N ARG C 313 34.76 -9.89 -39.16
CA ARG C 313 35.23 -9.99 -40.54
C ARG C 313 35.59 -11.42 -40.89
N ILE C 314 35.94 -12.23 -39.89
CA ILE C 314 36.27 -13.62 -40.11
C ILE C 314 35.04 -14.42 -40.54
N HIS C 315 33.89 -14.18 -39.90
CA HIS C 315 32.70 -14.94 -40.17
C HIS C 315 31.46 -14.09 -39.97
N LYS C 316 30.59 -14.08 -40.97
CA LYS C 316 29.51 -13.10 -41.07
C LYS C 316 28.36 -13.40 -40.12
N LEU C 317 27.40 -14.19 -40.58
CA LEU C 317 26.23 -14.55 -39.80
C LEU C 317 26.52 -15.60 -38.72
N HIS C 318 27.71 -16.22 -38.76
CA HIS C 318 28.12 -17.09 -37.65
C HIS C 318 28.43 -16.28 -36.41
N TYR C 319 28.80 -15.02 -36.59
CA TYR C 319 29.08 -14.12 -35.46
C TYR C 319 27.83 -13.87 -34.62
N PHE C 320 26.68 -13.71 -35.27
CA PHE C 320 25.44 -13.46 -34.55
C PHE C 320 24.77 -14.71 -34.03
N ARG C 321 25.38 -15.88 -34.23
CA ARG C 321 24.91 -17.11 -33.59
C ARG C 321 25.67 -17.32 -32.27
N SER C 322 25.46 -16.35 -31.38
CA SER C 322 26.10 -16.27 -30.09
C SER C 322 25.37 -15.19 -29.31
N PHE C 323 25.40 -15.28 -27.98
CA PHE C 323 24.81 -14.23 -27.17
C PHE C 323 25.81 -13.17 -26.82
N TRP C 324 27.09 -13.55 -26.67
CA TRP C 324 28.06 -12.58 -26.19
C TRP C 324 28.54 -11.67 -27.28
N ASN C 325 28.57 -12.14 -28.52
CA ASN C 325 28.91 -11.26 -29.63
C ASN C 325 27.79 -10.25 -29.87
N CYS C 326 26.53 -10.68 -29.74
CA CYS C 326 25.41 -9.74 -29.81
C CYS C 326 25.43 -8.75 -28.67
N LEU C 327 25.83 -9.18 -27.47
CA LEU C 327 25.91 -8.25 -26.35
C LEU C 327 27.06 -7.27 -26.53
N ASP C 328 28.17 -7.71 -27.13
CA ASP C 328 29.28 -6.80 -27.41
C ASP C 328 28.89 -5.78 -28.47
N VAL C 329 28.10 -6.20 -29.46
CA VAL C 329 27.57 -5.28 -30.46
C VAL C 329 26.68 -4.24 -29.82
N VAL C 330 25.79 -4.67 -28.91
CA VAL C 330 24.90 -3.73 -28.20
C VAL C 330 25.70 -2.74 -27.36
N ILE C 331 26.75 -3.22 -26.68
CA ILE C 331 27.56 -2.34 -25.83
C ILE C 331 28.31 -1.32 -26.66
N VAL C 332 28.91 -1.73 -27.78
CA VAL C 332 29.69 -0.74 -28.54
C VAL C 332 28.77 0.22 -29.30
N VAL C 333 27.57 -0.21 -29.70
CA VAL C 333 26.63 0.73 -30.32
C VAL C 333 26.14 1.76 -29.31
N LEU C 334 25.72 1.32 -28.12
CA LEU C 334 25.29 2.25 -27.08
C LEU C 334 26.42 3.15 -26.61
N SER C 335 27.65 2.66 -26.61
CA SER C 335 28.76 3.49 -26.17
C SER C 335 29.15 4.51 -27.22
N VAL C 336 29.04 4.17 -28.50
CA VAL C 336 29.30 5.16 -29.56
C VAL C 336 28.21 6.22 -29.56
N VAL C 337 26.97 5.83 -29.28
CA VAL C 337 25.89 6.82 -29.16
C VAL C 337 26.11 7.72 -27.94
N ALA C 338 26.65 7.16 -26.86
CA ALA C 338 26.96 7.97 -25.68
C ALA C 338 28.08 8.97 -25.95
N ILE C 339 29.12 8.55 -26.66
CA ILE C 339 30.21 9.46 -27.02
C ILE C 339 29.72 10.52 -28.00
N GLY C 340 28.80 10.15 -28.89
CA GLY C 340 28.28 11.11 -29.84
C GLY C 340 27.41 12.17 -29.19
N ILE C 341 26.58 11.77 -28.22
CA ILE C 341 25.80 12.74 -27.46
C ILE C 341 26.70 13.63 -26.61
N ASN C 342 27.71 13.03 -25.98
CA ASN C 342 28.58 13.81 -25.11
C ASN C 342 29.52 14.74 -25.87
N ILE C 343 29.72 14.52 -27.17
CA ILE C 343 30.50 15.47 -27.96
C ILE C 343 29.61 16.47 -28.67
N TYR C 344 28.67 16.01 -29.48
CA TYR C 344 27.97 16.92 -30.39
C TYR C 344 26.78 17.61 -29.75
N ARG C 345 26.40 17.22 -28.54
CA ARG C 345 25.20 17.79 -27.94
C ARG C 345 25.41 18.28 -26.51
N THR C 346 25.85 17.40 -25.61
CA THR C 346 25.89 17.75 -24.19
C THR C 346 27.00 18.72 -23.89
N SER C 347 28.16 18.55 -24.51
CA SER C 347 29.25 19.50 -24.36
C SER C 347 29.24 20.59 -25.42
N ASN C 348 28.09 21.21 -25.67
CA ASN C 348 28.02 22.39 -26.51
C ASN C 348 27.37 23.49 -25.69
N VAL C 349 28.19 24.18 -24.91
CA VAL C 349 27.71 25.18 -23.94
C VAL C 349 27.90 26.54 -24.62
N GLU C 350 27.40 26.64 -25.84
CA GLU C 350 27.33 27.92 -26.52
C GLU C 350 26.28 28.85 -25.95
N VAL C 351 25.20 28.31 -25.38
CA VAL C 351 24.15 29.16 -24.83
C VAL C 351 24.53 29.69 -23.46
N LEU C 352 25.46 29.03 -22.79
CA LEU C 352 25.87 29.48 -21.47
C LEU C 352 26.75 30.71 -21.56
N LEU C 353 27.76 30.69 -22.42
CA LEU C 353 28.60 31.86 -22.65
C LEU C 353 27.82 32.98 -23.33
N GLN C 354 26.79 32.64 -24.10
CA GLN C 354 25.93 33.65 -24.69
C GLN C 354 25.06 34.31 -23.63
N PHE C 355 24.59 33.53 -22.65
CA PHE C 355 23.84 34.09 -21.54
C PHE C 355 24.68 34.93 -20.61
N LEU C 356 25.94 34.56 -20.38
CA LEU C 356 26.80 35.32 -19.47
C LEU C 356 27.13 36.73 -19.96
N GLU C 357 26.85 37.04 -21.22
CA GLU C 357 26.97 38.43 -21.69
C GLU C 357 25.87 39.31 -21.10
N ASP C 358 24.63 38.86 -21.16
CA ASP C 358 23.48 39.65 -20.72
C ASP C 358 22.63 38.85 -19.72
N GLN C 359 22.54 39.33 -18.50
CA GLN C 359 21.84 38.63 -17.44
C GLN C 359 20.35 38.97 -17.40
N ASN C 360 19.84 39.69 -18.39
CA ASN C 360 18.45 40.15 -18.39
C ASN C 360 17.62 39.41 -19.42
N THR C 361 18.12 38.32 -19.98
CA THR C 361 17.40 37.55 -20.98
C THR C 361 17.10 36.15 -20.45
N PHE C 362 16.39 35.39 -21.26
CA PHE C 362 16.02 34.03 -20.90
C PHE C 362 17.09 33.07 -21.38
N PRO C 363 17.66 32.23 -20.51
CA PRO C 363 18.67 31.25 -20.94
C PRO C 363 18.03 29.98 -21.48
N ASN C 364 18.30 29.71 -22.76
CA ASN C 364 17.74 28.53 -23.43
C ASN C 364 18.48 27.26 -23.05
N PHE C 365 18.09 26.62 -21.96
CA PHE C 365 18.70 25.38 -21.54
C PHE C 365 17.79 24.19 -21.81
N GLU C 366 16.86 24.32 -22.75
CA GLU C 366 15.91 23.25 -23.02
C GLU C 366 16.52 22.13 -23.86
N HIS C 367 17.57 22.43 -24.60
CA HIS C 367 18.21 21.41 -25.43
C HIS C 367 19.27 20.67 -24.65
N LEU C 368 19.99 21.38 -23.79
CA LEU C 368 20.99 20.76 -22.93
C LEU C 368 20.35 19.79 -21.96
N ALA C 369 19.17 20.13 -21.45
CA ALA C 369 18.46 19.23 -20.55
C ALA C 369 17.94 18.01 -21.27
N TYR C 370 17.49 18.18 -22.52
CA TYR C 370 17.01 17.06 -23.31
C TYR C 370 18.11 16.07 -23.59
N TRP C 371 19.26 16.57 -24.04
CA TRP C 371 20.34 15.65 -24.34
C TRP C 371 21.04 15.15 -23.11
N GLN C 372 20.93 15.83 -21.97
CA GLN C 372 21.39 15.26 -20.72
C GLN C 372 20.51 14.10 -20.28
N ILE C 373 19.21 14.19 -20.51
CA ILE C 373 18.32 13.06 -20.21
C ILE C 373 18.61 11.89 -21.13
N GLN C 374 18.83 12.16 -22.42
CA GLN C 374 19.17 11.09 -23.36
C GLN C 374 20.51 10.45 -23.02
N PHE C 375 21.48 11.26 -22.61
CA PHE C 375 22.78 10.72 -22.23
C PHE C 375 22.70 9.90 -20.96
N ASN C 376 21.86 10.30 -20.01
CA ASN C 376 21.72 9.51 -18.79
C ASN C 376 21.02 8.18 -19.06
N ASN C 377 20.04 8.18 -19.96
CA ASN C 377 19.38 6.92 -20.32
C ASN C 377 20.34 5.97 -21.03
N ILE C 378 21.07 6.48 -22.02
CA ILE C 378 22.06 5.69 -22.75
C ILE C 378 23.15 5.17 -21.82
N ALA C 379 23.65 6.02 -20.92
CA ALA C 379 24.75 5.61 -20.06
C ALA C 379 24.31 4.61 -19.01
N ALA C 380 23.09 4.75 -18.49
CA ALA C 380 22.58 3.78 -17.54
C ALA C 380 22.36 2.42 -18.16
N VAL C 381 21.81 2.40 -19.38
CA VAL C 381 21.62 1.14 -20.09
C VAL C 381 22.96 0.51 -20.48
N THR C 382 23.96 1.33 -20.81
CA THR C 382 25.29 0.82 -21.13
C THR C 382 25.95 0.18 -19.92
N VAL C 383 25.84 0.82 -18.75
CA VAL C 383 26.40 0.26 -17.52
C VAL C 383 25.71 -1.05 -17.16
N PHE C 384 24.39 -1.11 -17.38
CA PHE C 384 23.64 -2.35 -17.16
C PHE C 384 24.17 -3.50 -18.01
N PHE C 385 24.32 -3.28 -19.32
CA PHE C 385 24.79 -4.38 -20.15
C PHE C 385 26.28 -4.69 -19.97
N VAL C 386 27.07 -3.72 -19.52
CA VAL C 386 28.46 -4.03 -19.21
C VAL C 386 28.55 -4.91 -17.97
N TRP C 387 27.67 -4.71 -16.99
CA TRP C 387 27.61 -5.67 -15.89
C TRP C 387 27.05 -7.02 -16.30
N ILE C 388 26.14 -7.06 -17.28
CA ILE C 388 25.66 -8.34 -17.77
C ILE C 388 26.77 -9.08 -18.52
N LYS C 389 27.73 -8.35 -19.09
CA LYS C 389 28.82 -8.97 -19.84
C LYS C 389 29.75 -9.78 -18.93
N LEU C 390 29.72 -9.51 -17.62
CA LEU C 390 30.56 -10.18 -16.62
C LEU C 390 30.33 -11.69 -16.51
N PHE C 391 29.25 -12.20 -17.12
CA PHE C 391 28.93 -13.61 -17.07
C PHE C 391 29.70 -14.46 -18.07
N LYS C 392 30.51 -13.85 -18.92
CA LYS C 392 31.48 -14.64 -19.67
C LYS C 392 32.55 -15.22 -18.77
N PHE C 393 32.77 -14.62 -17.61
CA PHE C 393 33.94 -14.88 -16.81
C PHE C 393 33.63 -15.51 -15.47
N ILE C 394 32.39 -15.91 -15.23
CA ILE C 394 32.10 -16.71 -14.04
C ILE C 394 31.59 -18.10 -14.42
N ASN C 395 32.20 -18.73 -15.41
CA ASN C 395 32.09 -20.17 -15.56
C ASN C 395 33.35 -20.83 -14.97
N PHE C 396 33.71 -20.35 -13.79
CA PHE C 396 34.93 -20.75 -13.10
C PHE C 396 34.75 -21.99 -12.26
N ASN C 397 33.60 -22.63 -12.32
CA ASN C 397 33.25 -23.66 -11.36
C ASN C 397 32.28 -24.60 -12.04
N ARG C 398 32.15 -25.80 -11.50
CA ARG C 398 31.19 -26.76 -12.05
C ARG C 398 29.77 -26.33 -11.75
N THR C 399 29.54 -25.73 -10.58
CA THR C 399 28.20 -25.28 -10.21
C THR C 399 27.75 -24.11 -11.05
N MET C 400 28.63 -23.14 -11.27
CA MET C 400 28.31 -21.99 -12.10
C MET C 400 28.07 -22.40 -13.54
N SER C 401 28.81 -23.41 -14.02
CA SER C 401 28.57 -23.94 -15.35
C SER C 401 27.23 -24.67 -15.44
N GLN C 402 26.81 -25.34 -14.37
CA GLN C 402 25.47 -25.95 -14.38
C GLN C 402 24.38 -24.89 -14.42
N LEU C 403 24.55 -23.79 -13.70
CA LEU C 403 23.55 -22.73 -13.71
C LEU C 403 23.48 -22.05 -15.08
N SER C 404 24.64 -21.79 -15.67
CA SER C 404 24.69 -21.16 -16.98
C SER C 404 24.12 -22.06 -18.07
N THR C 405 24.44 -23.35 -18.01
CA THR C 405 23.91 -24.30 -18.98
C THR C 405 22.40 -24.47 -18.82
N THR C 406 21.91 -24.40 -17.58
CA THR C 406 20.48 -24.44 -17.33
C THR C 406 19.75 -23.30 -18.01
N MET C 407 20.21 -22.06 -17.77
CA MET C 407 19.46 -20.94 -18.34
C MET C 407 19.66 -20.82 -19.85
N SER C 408 20.83 -21.20 -20.37
CA SER C 408 21.00 -21.17 -21.81
C SER C 408 20.20 -22.25 -22.51
N ARG C 409 19.92 -23.38 -21.84
CA ARG C 409 19.09 -24.38 -22.47
C ARG C 409 17.61 -24.14 -22.28
N CYS C 410 17.21 -23.38 -21.27
CA CYS C 410 15.78 -23.09 -21.14
C CYS C 410 15.39 -21.77 -21.76
N ALA C 411 16.35 -21.01 -22.33
CA ALA C 411 16.05 -19.73 -22.95
C ALA C 411 15.01 -19.84 -24.07
N LYS C 412 15.11 -20.87 -24.90
CA LYS C 412 14.19 -21.00 -26.04
C LYS C 412 12.76 -21.31 -25.59
N ASP C 413 12.61 -22.20 -24.61
CA ASP C 413 11.28 -22.56 -24.18
C ASP C 413 10.67 -21.47 -23.29
N LEU C 414 11.49 -20.74 -22.56
CA LEU C 414 11.00 -19.56 -21.87
C LEU C 414 10.60 -18.46 -22.82
N PHE C 415 11.27 -18.34 -23.97
CA PHE C 415 10.84 -17.35 -24.96
C PHE C 415 9.54 -17.75 -25.62
N GLY C 416 9.35 -19.04 -25.89
CA GLY C 416 8.08 -19.50 -26.41
C GLY C 416 6.93 -19.27 -25.45
N PHE C 417 7.13 -19.59 -24.18
CA PHE C 417 6.06 -19.32 -23.24
C PHE C 417 5.95 -17.83 -22.91
N ALA C 418 6.99 -17.05 -23.14
CA ALA C 418 6.85 -15.60 -23.00
C ALA C 418 5.97 -15.03 -24.09
N ILE C 419 6.06 -15.58 -25.31
CA ILE C 419 5.13 -15.21 -26.38
C ILE C 419 3.69 -15.55 -25.99
N MET C 420 3.47 -16.78 -25.52
CA MET C 420 2.11 -17.22 -25.16
C MET C 420 1.56 -16.44 -23.96
N PHE C 421 2.42 -16.16 -22.98
CA PHE C 421 2.05 -15.41 -21.79
C PHE C 421 1.69 -13.99 -22.15
N PHE C 422 2.45 -13.35 -23.05
CA PHE C 422 2.14 -11.97 -23.39
C PHE C 422 0.94 -11.87 -24.32
N ILE C 423 0.60 -12.93 -25.05
CA ILE C 423 -0.67 -12.91 -25.77
C ILE C 423 -1.84 -12.90 -24.80
N ILE C 424 -1.81 -13.74 -23.76
CA ILE C 424 -2.92 -13.70 -22.80
C ILE C 424 -2.88 -12.43 -21.96
N PHE C 425 -1.68 -11.90 -21.74
CA PHE C 425 -1.48 -10.70 -20.93
C PHE C 425 -2.01 -9.47 -21.64
N LEU C 426 -1.77 -9.36 -22.94
CA LEU C 426 -2.30 -8.23 -23.70
C LEU C 426 -3.77 -8.41 -24.02
N ALA C 427 -4.27 -9.65 -24.05
CA ALA C 427 -5.72 -9.83 -24.12
C ALA C 427 -6.40 -9.27 -22.89
N TYR C 428 -5.86 -9.57 -21.70
CA TYR C 428 -6.39 -8.97 -20.47
C TYR C 428 -6.20 -7.47 -20.43
N ALA C 429 -5.07 -6.95 -20.92
CA ALA C 429 -4.86 -5.51 -20.90
C ALA C 429 -5.82 -4.77 -21.81
N GLN C 430 -6.18 -5.35 -22.95
CA GLN C 430 -7.15 -4.72 -23.80
C GLN C 430 -8.57 -4.84 -23.26
N LEU C 431 -8.89 -5.97 -22.61
CA LEU C 431 -10.12 -6.07 -21.83
C LEU C 431 -10.22 -4.98 -20.77
N ALA C 432 -9.17 -4.80 -19.98
CA ALA C 432 -9.18 -3.83 -18.89
C ALA C 432 -9.17 -2.40 -19.40
N TYR C 433 -8.60 -2.17 -20.58
CA TYR C 433 -8.66 -0.84 -21.16
C TYR C 433 -10.04 -0.52 -21.68
N LEU C 434 -10.72 -1.48 -22.30
CA LEU C 434 -12.09 -1.26 -22.73
C LEU C 434 -13.06 -1.11 -21.57
N VAL C 435 -12.78 -1.72 -20.43
CA VAL C 435 -13.71 -1.67 -19.31
C VAL C 435 -13.41 -0.48 -18.38
N PHE C 436 -12.16 -0.24 -18.02
CA PHE C 436 -11.85 0.77 -17.01
C PHE C 436 -11.15 1.99 -17.58
N GLY C 437 -11.05 2.11 -18.89
CA GLY C 437 -10.20 3.13 -19.46
C GLY C 437 -10.73 4.54 -19.37
N THR C 438 -12.00 4.69 -19.04
CA THR C 438 -12.60 5.99 -18.87
C THR C 438 -12.82 6.37 -17.42
N GLN C 439 -12.55 5.47 -16.49
CA GLN C 439 -12.91 5.65 -15.10
C GLN C 439 -11.73 5.61 -14.16
N VAL C 440 -10.75 4.76 -14.41
CA VAL C 440 -9.66 4.51 -13.47
C VAL C 440 -8.40 5.17 -14.00
N ASP C 441 -7.65 5.79 -13.09
CA ASP C 441 -6.37 6.41 -13.42
C ASP C 441 -5.39 5.39 -13.96
N ASP C 442 -5.33 4.23 -13.34
CA ASP C 442 -4.35 3.18 -13.66
C ASP C 442 -4.67 2.45 -14.96
N PHE C 443 -5.80 2.71 -15.59
CA PHE C 443 -6.15 2.03 -16.83
C PHE C 443 -6.42 3.02 -17.94
N SER C 444 -5.94 4.26 -17.82
CA SER C 444 -6.39 5.33 -18.69
C SER C 444 -5.82 5.23 -20.09
N THR C 445 -4.60 4.72 -20.23
CA THR C 445 -3.98 4.44 -21.52
C THR C 445 -3.59 2.98 -21.55
N PHE C 446 -3.28 2.47 -22.75
CA PHE C 446 -3.10 1.03 -22.92
C PHE C 446 -1.80 0.55 -22.29
N GLN C 447 -0.74 1.34 -22.41
CA GLN C 447 0.51 0.98 -21.74
C GLN C 447 0.36 1.04 -20.23
N GLU C 448 -0.49 1.93 -19.72
CA GLU C 448 -0.72 1.98 -18.29
C GLU C 448 -1.56 0.79 -17.83
N CYS C 449 -2.36 0.21 -18.72
CA CYS C 449 -3.03 -1.04 -18.41
C CYS C 449 -2.03 -2.19 -18.29
N ILE C 450 -1.03 -2.20 -19.17
CA ILE C 450 0.03 -3.22 -19.09
C ILE C 450 0.79 -3.11 -17.78
N PHE C 451 1.15 -1.88 -17.41
CA PHE C 451 1.99 -1.68 -16.24
C PHE C 451 1.20 -1.92 -14.96
N THR C 452 -0.10 -1.59 -14.99
CA THR C 452 -1.00 -1.90 -13.90
C THR C 452 -1.14 -3.40 -13.72
N GLN C 453 -1.11 -4.17 -14.80
CA GLN C 453 -1.21 -5.62 -14.63
C GLN C 453 0.07 -6.23 -14.08
N PHE C 454 1.23 -5.68 -14.43
CA PHE C 454 2.46 -6.10 -13.74
C PHE C 454 2.39 -5.79 -12.25
N ARG C 455 1.83 -4.63 -11.90
CA ARG C 455 1.64 -4.31 -10.49
C ARG C 455 0.64 -5.21 -9.80
N ILE C 456 -0.41 -5.65 -10.51
CA ILE C 456 -1.38 -6.57 -9.91
C ILE C 456 -0.75 -7.93 -9.68
N ILE C 457 0.11 -8.38 -10.61
CA ILE C 457 0.82 -9.64 -10.43
C ILE C 457 1.75 -9.57 -9.22
N LEU C 458 2.38 -8.43 -9.00
CA LEU C 458 3.17 -8.31 -7.77
C LEU C 458 2.30 -8.16 -6.54
N GLY C 459 1.38 -7.22 -6.55
CA GLY C 459 0.50 -7.05 -5.41
C GLY C 459 0.27 -5.60 -5.08
N ASP C 460 0.46 -4.73 -6.07
CA ASP C 460 0.23 -3.30 -5.92
C ASP C 460 -1.11 -2.98 -6.58
N ILE C 461 -2.17 -3.11 -5.81
CA ILE C 461 -3.54 -3.01 -6.30
C ILE C 461 -4.16 -1.79 -5.66
N ASN C 462 -5.01 -1.09 -6.41
CA ASN C 462 -6.05 -0.24 -5.84
C ASN C 462 -7.37 -0.83 -6.34
N PHE C 463 -7.88 -1.81 -5.62
CA PHE C 463 -9.07 -2.53 -6.02
C PHE C 463 -10.34 -1.78 -5.71
N ALA C 464 -10.28 -0.76 -4.84
CA ALA C 464 -11.47 0.01 -4.52
C ALA C 464 -11.99 0.78 -5.72
N GLU C 465 -11.09 1.43 -6.46
CA GLU C 465 -11.50 2.16 -7.65
C GLU C 465 -11.85 1.27 -8.82
N ILE C 466 -11.23 0.10 -8.94
CA ILE C 466 -11.62 -0.86 -9.97
C ILE C 466 -13.02 -1.40 -9.69
N GLU C 467 -13.26 -1.78 -8.45
CA GLU C 467 -14.54 -2.33 -8.06
C GLU C 467 -15.66 -1.31 -8.04
N GLU C 468 -15.35 -0.01 -7.90
CA GLU C 468 -16.41 0.97 -8.05
C GLU C 468 -16.50 1.56 -9.46
N ALA C 469 -15.54 1.26 -10.33
CA ALA C 469 -15.69 1.65 -11.74
C ALA C 469 -16.70 0.75 -12.44
N ASN C 470 -16.59 -0.55 -12.25
CA ASN C 470 -17.52 -1.53 -12.76
C ASN C 470 -17.65 -2.61 -11.72
N ARG C 471 -18.84 -2.81 -11.19
CA ARG C 471 -19.04 -3.71 -10.07
C ARG C 471 -19.19 -5.16 -10.47
N VAL C 472 -19.34 -5.47 -11.75
CA VAL C 472 -19.44 -6.83 -12.21
C VAL C 472 -18.14 -7.28 -12.89
N LEU C 473 -17.65 -6.51 -13.85
CA LEU C 473 -16.44 -6.92 -14.53
C LEU C 473 -15.17 -6.48 -13.82
N GLY C 474 -15.26 -5.60 -12.83
CA GLY C 474 -14.14 -5.33 -11.96
C GLY C 474 -13.75 -6.55 -11.17
N PRO C 475 -14.67 -7.06 -10.36
CA PRO C 475 -14.55 -8.42 -9.81
C PRO C 475 -14.13 -9.53 -10.75
N ILE C 476 -14.80 -9.70 -11.90
CA ILE C 476 -14.53 -10.84 -12.77
C ILE C 476 -13.16 -10.72 -13.42
N TYR C 477 -12.82 -9.52 -13.90
CA TYR C 477 -11.49 -9.24 -14.40
C TYR C 477 -10.41 -9.52 -13.36
N PHE C 478 -10.60 -9.05 -12.14
CA PHE C 478 -9.56 -9.19 -11.13
C PHE C 478 -9.39 -10.64 -10.70
N THR C 479 -10.50 -11.35 -10.47
CA THR C 479 -10.39 -12.72 -9.98
C THR C 479 -9.92 -13.67 -11.06
N THR C 480 -10.36 -13.48 -12.32
CA THR C 480 -9.87 -14.36 -13.38
C THR C 480 -8.45 -14.02 -13.78
N PHE C 481 -8.03 -12.77 -13.60
CA PHE C 481 -6.64 -12.43 -13.85
C PHE C 481 -5.74 -12.98 -12.75
N VAL C 482 -6.21 -13.01 -11.50
CA VAL C 482 -5.41 -13.61 -10.45
C VAL C 482 -5.37 -15.12 -10.60
N PHE C 483 -6.48 -15.75 -10.97
CA PHE C 483 -6.48 -17.20 -11.10
C PHE C 483 -5.69 -17.65 -12.33
N PHE C 484 -5.95 -17.07 -13.49
CA PHE C 484 -5.31 -17.62 -14.68
C PHE C 484 -3.88 -17.16 -14.84
N MET C 485 -3.52 -15.98 -14.35
CA MET C 485 -2.11 -15.59 -14.46
C MET C 485 -1.32 -16.03 -13.25
N PHE C 486 -1.71 -15.57 -12.06
CA PHE C 486 -0.85 -15.74 -10.91
C PHE C 486 -0.84 -17.17 -10.39
N PHE C 487 -1.93 -17.91 -10.56
CA PHE C 487 -1.94 -19.26 -10.01
C PHE C 487 -1.41 -20.26 -11.00
N ILE C 488 -1.62 -20.04 -12.30
CA ILE C 488 -1.44 -21.08 -13.31
C ILE C 488 -0.34 -20.72 -14.30
N LEU C 489 -0.48 -19.61 -15.01
CA LEU C 489 0.47 -19.32 -16.08
C LEU C 489 1.77 -18.75 -15.52
N LEU C 490 1.78 -18.32 -14.28
CA LEU C 490 3.01 -17.84 -13.69
C LEU C 490 3.88 -19.03 -13.33
N ASN C 491 3.25 -20.18 -13.08
CA ASN C 491 3.95 -21.37 -12.62
C ASN C 491 4.50 -22.16 -13.78
N MET C 492 4.22 -21.73 -14.99
CA MET C 492 4.65 -22.48 -16.16
C MET C 492 6.08 -22.13 -16.56
N PHE C 493 6.48 -20.87 -16.41
CA PHE C 493 7.90 -20.49 -16.45
C PHE C 493 8.71 -21.30 -15.46
N LEU C 494 8.14 -21.45 -14.27
CA LEU C 494 8.76 -22.19 -13.20
C LEU C 494 8.88 -23.67 -13.54
N ALA C 495 7.88 -24.23 -14.22
CA ALA C 495 7.93 -25.60 -14.67
C ALA C 495 9.02 -25.83 -15.71
N ILE C 496 9.15 -24.89 -16.65
CA ILE C 496 10.22 -24.96 -17.64
C ILE C 496 11.59 -24.94 -16.98
N ILE C 497 11.78 -24.05 -16.01
CA ILE C 497 13.06 -23.95 -15.33
C ILE C 497 13.36 -25.18 -14.46
N ASN C 498 12.34 -25.72 -13.76
CA ASN C 498 12.51 -26.95 -12.99
C ASN C 498 12.96 -28.11 -13.86
N ASP C 499 12.27 -28.32 -14.98
CA ASP C 499 12.58 -29.45 -15.83
C ASP C 499 13.94 -29.29 -16.49
N THR C 500 14.29 -28.07 -16.88
CA THR C 500 15.60 -27.87 -17.52
C THR C 500 16.73 -28.02 -16.52
N TYR C 501 16.52 -27.59 -15.27
CA TYR C 501 17.58 -27.76 -14.28
C TYR C 501 17.77 -29.22 -13.90
N SER C 502 16.67 -29.98 -13.77
CA SER C 502 16.81 -31.41 -13.51
C SER C 502 17.46 -32.13 -14.67
N GLU C 503 17.15 -31.72 -15.90
CA GLU C 503 17.77 -32.32 -17.07
C GLU C 503 19.27 -32.04 -17.15
N VAL C 504 19.66 -30.78 -16.90
CA VAL C 504 21.06 -30.40 -16.98
C VAL C 504 21.87 -31.04 -15.86
N LYS C 505 21.30 -31.14 -14.66
CA LYS C 505 22.02 -31.81 -13.58
C LYS C 505 22.16 -33.30 -13.82
N SER C 506 21.09 -33.97 -14.25
CA SER C 506 21.20 -35.40 -14.51
C SER C 506 21.98 -35.70 -15.78
N ASP C 507 22.20 -34.73 -16.65
CA ASP C 507 23.05 -34.95 -17.80
C ASP C 507 24.53 -34.69 -17.49
N LEU C 508 24.84 -33.60 -16.79
CA LEU C 508 26.23 -33.33 -16.45
C LEU C 508 26.72 -34.18 -15.29
N ALA C 509 25.83 -34.88 -14.60
CA ALA C 509 26.28 -35.89 -13.65
C ALA C 509 26.56 -37.21 -14.34
N GLN C 510 25.74 -37.56 -15.33
CA GLN C 510 26.02 -38.76 -16.12
C GLN C 510 27.27 -38.59 -16.99
N GLN C 511 27.54 -37.36 -17.44
CA GLN C 511 28.79 -37.11 -18.15
C GLN C 511 29.99 -37.21 -17.22
N LYS C 512 29.86 -36.73 -15.98
CA LYS C 512 30.95 -36.84 -15.02
C LYS C 512 31.18 -38.26 -14.55
N ALA C 513 30.12 -39.07 -14.44
CA ALA C 513 30.26 -40.45 -14.00
C ALA C 513 30.72 -41.38 -15.10
N GLU C 514 30.13 -41.27 -16.30
CA GLU C 514 30.44 -42.19 -17.39
C GLU C 514 31.84 -41.99 -17.95
N MET C 515 32.43 -40.80 -17.77
CA MET C 515 33.84 -40.63 -18.06
C MET C 515 34.71 -41.28 -16.99
N GLU C 516 34.20 -41.41 -15.77
CA GLU C 516 35.00 -41.98 -14.68
C GLU C 516 34.83 -43.49 -14.60
N LEU C 517 33.94 -44.05 -15.43
CA LEU C 517 33.73 -45.49 -15.46
C LEU C 517 34.46 -46.12 -16.64
N ARG D 30 27.13 -45.91 21.18
CA ARG D 30 25.86 -45.26 20.89
C ARG D 30 25.26 -44.63 22.15
N GLU D 31 25.39 -45.34 23.29
CA GLU D 31 24.87 -44.80 24.55
C GLU D 31 25.71 -43.63 25.04
N LYS D 32 27.02 -43.66 24.78
CA LYS D 32 27.89 -42.55 25.13
C LYS D 32 27.74 -41.38 24.17
N TYR D 33 27.49 -41.66 22.89
CA TYR D 33 27.18 -40.63 21.91
C TYR D 33 25.87 -39.94 22.28
N LEU D 34 24.86 -40.73 22.64
CA LEU D 34 23.58 -40.16 23.06
C LEU D 34 23.73 -39.42 24.39
N LYS D 35 24.65 -39.88 25.26
CA LYS D 35 24.87 -39.21 26.54
C LYS D 35 25.54 -37.85 26.35
N SER D 36 26.51 -37.78 25.44
CA SER D 36 27.17 -36.51 25.16
C SER D 36 26.22 -35.55 24.44
N VAL D 37 25.40 -36.06 23.51
CA VAL D 37 24.39 -35.25 22.84
C VAL D 37 23.36 -34.74 23.85
N LEU D 38 22.99 -35.57 24.82
CA LEU D 38 22.04 -35.18 25.85
C LEU D 38 22.60 -34.12 26.79
N ARG D 39 23.86 -34.24 27.20
CA ARG D 39 24.39 -33.22 28.11
C ARG D 39 24.64 -31.90 27.38
N GLU D 40 25.06 -31.93 26.10
CA GLU D 40 25.19 -30.66 25.40
C GLU D 40 23.83 -30.08 25.03
N LEU D 41 22.80 -30.92 24.87
CA LEU D 41 21.46 -30.41 24.64
C LEU D 41 20.90 -29.72 25.88
N VAL D 42 21.04 -30.32 27.06
CA VAL D 42 20.51 -29.67 28.25
C VAL D 42 21.33 -28.45 28.63
N THR D 43 22.64 -28.44 28.32
CA THR D 43 23.45 -27.24 28.51
C THR D 43 22.96 -26.10 27.62
N TYR D 44 22.73 -26.41 26.34
CA TYR D 44 22.22 -25.42 25.41
C TYR D 44 20.80 -24.96 25.78
N LEU D 45 19.97 -25.85 26.31
CA LEU D 45 18.61 -25.44 26.66
C LEU D 45 18.60 -24.52 27.87
N LEU D 46 19.46 -24.80 28.86
CA LEU D 46 19.62 -23.88 29.99
C LEU D 46 20.14 -22.53 29.51
N PHE D 47 21.11 -22.55 28.59
CA PHE D 47 21.66 -21.33 28.02
C PHE D 47 20.61 -20.53 27.25
N LEU D 48 19.76 -21.22 26.50
CA LEU D 48 18.71 -20.54 25.75
C LEU D 48 17.64 -19.98 26.67
N ILE D 49 17.33 -20.67 27.77
CA ILE D 49 16.38 -20.13 28.74
C ILE D 49 16.94 -18.88 29.41
N VAL D 50 18.21 -18.91 29.80
CA VAL D 50 18.83 -17.76 30.47
C VAL D 50 18.93 -16.57 29.53
N LEU D 51 19.24 -16.83 28.27
CA LEU D 51 19.31 -15.75 27.29
C LEU D 51 17.94 -15.16 26.96
N CYS D 52 16.91 -16.00 26.89
CA CYS D 52 15.57 -15.48 26.63
C CYS D 52 14.99 -14.78 27.85
N ILE D 53 15.48 -15.09 29.06
CA ILE D 53 15.12 -14.28 30.21
C ILE D 53 15.81 -12.93 30.14
N LEU D 54 17.07 -12.90 29.73
CA LEU D 54 17.79 -11.63 29.63
C LEU D 54 17.18 -10.70 28.59
N THR D 55 16.70 -11.22 27.48
CA THR D 55 16.05 -10.35 26.52
C THR D 55 14.55 -10.21 26.74
N TYR D 56 14.02 -10.80 27.78
CA TYR D 56 12.72 -10.42 28.31
C TYR D 56 12.81 -9.19 29.19
N GLY D 57 13.96 -8.95 29.81
CA GLY D 57 14.15 -7.79 30.66
C GLY D 57 14.82 -6.64 29.97
N MET D 58 15.37 -6.86 28.79
CA MET D 58 15.79 -5.76 27.94
C MET D 58 14.58 -5.00 27.42
N MET D 59 13.57 -5.73 26.98
CA MET D 59 12.32 -5.13 26.51
C MET D 59 11.36 -5.06 27.68
N SER D 60 11.16 -3.86 28.21
CA SER D 60 10.01 -3.65 29.08
C SER D 60 8.74 -3.71 28.24
N SER D 61 7.60 -3.85 28.92
CA SER D 61 6.38 -4.28 28.26
C SER D 61 5.83 -3.20 27.33
N ASN D 62 5.96 -1.94 27.72
CA ASN D 62 5.45 -0.86 26.89
C ASN D 62 6.41 0.31 26.89
N VAL D 63 7.48 0.20 26.12
CA VAL D 63 8.37 1.34 25.91
C VAL D 63 7.99 2.04 24.62
N TYR D 64 7.30 1.33 23.73
CA TYR D 64 6.82 1.92 22.49
C TYR D 64 5.84 3.06 22.78
N TYR D 65 5.02 2.90 23.82
CA TYR D 65 4.11 3.96 24.18
C TYR D 65 4.78 5.03 25.02
N TYR D 66 6.09 4.91 25.24
CA TYR D 66 6.83 5.97 25.88
C TYR D 66 7.61 6.76 24.84
N THR D 67 7.97 6.11 23.74
CA THR D 67 8.62 6.84 22.67
C THR D 67 7.63 7.51 21.74
N ARG D 68 6.44 6.92 21.55
CA ARG D 68 5.52 7.55 20.60
C ARG D 68 4.81 8.74 21.20
N MET D 69 4.68 8.84 22.52
CA MET D 69 4.11 10.04 23.09
C MET D 69 5.08 11.19 23.01
N MET D 70 6.36 10.92 23.23
CA MET D 70 7.39 11.93 23.02
C MET D 70 7.50 12.32 21.55
N SER D 71 7.38 11.36 20.64
CA SER D 71 7.44 11.64 19.22
C SER D 71 6.25 12.47 18.77
N GLN D 72 5.04 12.07 19.15
CA GLN D 72 3.87 12.84 18.79
C GLN D 72 3.78 14.17 19.50
N LEU D 73 4.48 14.35 20.61
CA LEU D 73 4.54 15.67 21.21
C LEU D 73 5.49 16.57 20.44
N PHE D 74 6.67 16.07 20.09
CA PHE D 74 7.66 16.94 19.47
C PHE D 74 7.67 16.89 17.97
N LEU D 75 7.36 15.76 17.34
CA LEU D 75 7.46 15.72 15.89
C LEU D 75 6.15 16.06 15.23
N ASP D 76 5.04 15.51 15.73
CA ASP D 76 3.77 15.55 15.05
C ASP D 76 2.88 16.71 15.45
N THR D 77 3.26 17.50 16.47
CA THR D 77 2.38 18.63 16.67
C THR D 77 2.67 19.71 15.66
N PRO D 78 1.63 20.41 15.19
CA PRO D 78 1.83 21.54 14.28
C PRO D 78 2.65 22.62 14.94
N VAL D 79 3.48 23.27 14.14
CA VAL D 79 4.55 24.12 14.65
C VAL D 79 3.96 25.38 15.29
N SER D 80 3.00 25.99 14.62
CA SER D 80 2.29 27.13 15.19
C SER D 80 0.79 26.90 15.03
N LYS D 81 0.00 27.71 15.71
CA LYS D 81 -1.45 27.56 15.71
C LYS D 81 -2.09 27.93 14.37
N THR D 82 -1.41 28.71 13.54
CA THR D 82 -1.85 28.94 12.18
C THR D 82 -1.01 28.21 11.15
N GLU D 83 -0.13 27.31 11.56
CA GLU D 83 0.74 26.55 10.67
C GLU D 83 0.39 25.08 10.74
N LYS D 84 0.62 24.39 9.62
CA LYS D 84 0.36 22.97 9.53
C LYS D 84 1.62 22.14 9.39
N THR D 85 2.78 22.77 9.38
CA THR D 85 4.03 22.03 9.27
C THR D 85 4.36 21.38 10.60
N ASN D 86 4.95 20.20 10.53
CA ASN D 86 5.42 19.46 11.67
C ASN D 86 6.87 19.81 11.95
N PHE D 87 7.52 19.00 12.78
CA PHE D 87 8.97 18.90 12.68
C PHE D 87 9.35 17.96 11.56
N LYS D 88 8.50 16.97 11.28
CA LYS D 88 8.79 15.99 10.23
C LYS D 88 8.73 16.61 8.86
N THR D 89 7.98 17.69 8.70
CA THR D 89 7.77 18.35 7.42
C THR D 89 8.31 19.78 7.42
N LEU D 90 9.40 20.02 8.13
CA LEU D 90 10.07 21.30 8.01
C LEU D 90 10.71 21.41 6.64
N SER D 91 10.60 22.59 6.03
CA SER D 91 11.13 22.80 4.69
C SER D 91 12.03 24.01 4.57
N SER D 92 12.18 24.83 5.61
CA SER D 92 12.93 26.06 5.49
C SER D 92 13.54 26.40 6.84
N MET D 93 14.40 27.39 6.85
CA MET D 93 15.03 27.85 8.09
C MET D 93 14.07 28.63 8.97
N GLU D 94 13.11 29.34 8.36
CA GLU D 94 12.14 30.07 9.17
C GLU D 94 11.12 29.14 9.80
N ASP D 95 10.82 28.01 9.15
CA ASP D 95 10.04 26.98 9.82
C ASP D 95 10.78 26.39 11.00
N PHE D 96 12.11 26.30 10.90
CA PHE D 96 12.90 25.86 12.05
C PHE D 96 12.87 26.87 13.18
N TRP D 97 12.86 28.17 12.87
CA TRP D 97 12.72 29.13 13.96
C TRP D 97 11.32 29.12 14.57
N LYS D 98 10.30 28.89 13.76
CA LYS D 98 8.95 28.76 14.30
C LYS D 98 8.83 27.52 15.18
N PHE D 99 9.55 26.45 14.85
CA PHE D 99 9.57 25.26 15.70
C PHE D 99 10.30 25.52 17.01
N THR D 100 11.48 26.14 16.93
CA THR D 100 12.28 26.37 18.13
C THR D 100 11.64 27.37 19.07
N GLU D 101 10.90 28.34 18.53
CA GLU D 101 10.15 29.27 19.35
C GLU D 101 8.78 28.74 19.76
N GLY D 102 8.33 27.65 19.15
CA GLY D 102 6.94 27.28 19.29
C GLY D 102 6.68 25.91 19.85
N SER D 103 6.75 24.90 18.98
CA SER D 103 6.37 23.55 19.39
C SER D 103 7.41 22.95 20.34
N LEU D 104 8.67 23.34 20.19
CA LEU D 104 9.70 22.85 21.10
C LEU D 104 9.50 23.40 22.50
N LEU D 105 9.20 24.68 22.61
CA LEU D 105 8.99 25.28 23.92
C LEU D 105 7.67 24.86 24.55
N ASP D 106 6.64 24.63 23.75
CA ASP D 106 5.38 24.15 24.29
C ASP D 106 5.41 22.66 24.60
N GLY D 107 6.38 21.93 24.07
CA GLY D 107 6.55 20.54 24.44
C GLY D 107 7.46 20.34 25.62
N LEU D 108 8.51 21.15 25.74
CA LEU D 108 9.47 20.98 26.84
C LEU D 108 8.91 21.49 28.15
N TYR D 109 8.26 22.64 28.15
CA TYR D 109 7.94 23.34 29.38
C TYR D 109 6.45 23.21 29.68
N TRP D 110 6.15 22.58 30.81
CA TRP D 110 4.80 22.27 31.25
C TRP D 110 4.59 22.90 32.62
N LYS D 111 3.53 23.68 32.76
CA LYS D 111 3.28 24.40 34.00
C LYS D 111 2.83 23.43 35.09
N MET D 112 3.42 23.58 36.27
CA MET D 112 3.18 22.65 37.37
C MET D 112 1.79 22.84 37.96
N GLN D 113 1.35 21.87 38.73
CA GLN D 113 0.05 21.95 39.38
C GLN D 113 0.06 22.94 40.55
N ASN D 122 10.26 26.18 40.00
CA ASN D 122 9.90 24.80 39.72
C ASN D 122 10.57 24.27 38.45
N ARG D 123 10.00 23.19 37.92
CA ARG D 123 10.60 22.47 36.81
C ARG D 123 9.52 21.64 36.14
N SER D 124 9.78 21.20 34.92
CA SER D 124 8.70 20.76 34.06
C SER D 124 8.61 19.24 34.00
N PHE D 125 7.40 18.74 34.17
CA PHE D 125 7.07 17.34 33.99
C PHE D 125 6.26 17.19 32.72
N ILE D 126 6.89 16.61 31.70
CA ILE D 126 6.28 16.45 30.38
C ILE D 126 5.23 15.36 30.46
N PHE D 127 4.00 15.68 30.03
CA PHE D 127 2.78 14.88 30.20
C PHE D 127 2.46 14.62 31.67
N TYR D 128 2.98 15.50 32.53
CA TYR D 128 2.90 15.43 34.00
C TYR D 128 3.46 14.11 34.54
N GLU D 129 4.39 13.50 33.82
CA GLU D 129 4.99 12.23 34.22
C GLU D 129 6.49 12.31 34.06
N ASN D 130 6.95 12.89 32.96
CA ASN D 130 8.33 12.78 32.52
C ASN D 130 9.08 14.04 32.91
N LEU D 131 9.98 13.92 33.87
CA LEU D 131 10.75 15.05 34.34
C LEU D 131 11.81 15.47 33.34
N LEU D 132 11.77 16.72 32.88
CA LEU D 132 12.86 17.25 32.06
C LEU D 132 14.13 17.38 32.89
N LEU D 133 15.17 16.67 32.50
CA LEU D 133 16.41 16.66 33.27
C LEU D 133 17.29 17.82 32.85
N GLY D 134 17.50 18.74 33.76
CA GLY D 134 18.44 19.82 33.51
C GLY D 134 17.89 20.79 32.49
N VAL D 135 18.77 21.26 31.63
CA VAL D 135 18.40 22.17 30.55
C VAL D 135 18.63 21.45 29.24
N PRO D 136 17.94 21.80 28.17
CA PRO D 136 18.32 21.30 26.85
C PRO D 136 19.53 22.05 26.30
N ARG D 137 19.87 21.74 25.05
CA ARG D 137 21.04 22.30 24.42
C ARG D 137 20.83 22.35 22.92
N ILE D 138 21.01 23.52 22.33
CA ILE D 138 21.00 23.67 20.89
C ILE D 138 22.44 23.92 20.43
N ARG D 139 22.83 23.28 19.33
CA ARG D 139 24.21 23.30 18.86
C ARG D 139 24.20 23.39 17.34
N GLN D 140 25.12 24.16 16.79
CA GLN D 140 25.18 24.46 15.37
C GLN D 140 26.53 24.03 14.81
N LEU D 141 26.54 23.56 13.56
CA LEU D 141 27.76 23.28 12.83
C LEU D 141 27.81 24.16 11.60
N ARG D 142 28.96 24.78 11.36
CA ARG D 142 29.09 25.79 10.32
C ARG D 142 30.21 25.45 9.37
N VAL D 143 30.08 25.89 8.13
CA VAL D 143 31.16 25.81 7.17
C VAL D 143 31.64 27.22 6.83
N ARG D 144 32.85 27.28 6.30
CA ARG D 144 33.48 28.55 6.04
C ARG D 144 32.95 29.18 4.76
N ASN D 145 32.97 30.50 4.72
CA ASN D 145 32.94 31.22 3.47
C ASN D 145 34.22 30.93 2.70
N GLY D 146 34.10 30.74 1.40
CA GLY D 146 35.27 30.42 0.60
C GLY D 146 35.72 28.99 0.72
N SER D 147 34.89 28.11 1.27
CA SER D 147 35.24 26.70 1.40
C SER D 147 35.05 25.92 0.12
N CYS D 148 34.49 26.52 -0.91
CA CYS D 148 34.47 25.96 -2.25
C CYS D 148 35.04 26.97 -3.26
N SER D 149 35.01 26.59 -4.53
CA SER D 149 35.59 27.40 -5.59
C SER D 149 34.51 27.77 -6.60
N ILE D 150 34.21 29.06 -6.69
CA ILE D 150 33.30 29.59 -7.69
C ILE D 150 34.02 29.52 -9.03
N PRO D 151 33.40 29.03 -10.10
CA PRO D 151 34.08 28.96 -11.40
C PRO D 151 34.38 30.34 -11.94
N GLN D 152 35.36 30.38 -12.85
CA GLN D 152 36.00 31.64 -13.22
C GLN D 152 35.07 32.55 -14.01
N ASP D 153 34.11 31.99 -14.73
CA ASP D 153 33.17 32.81 -15.47
C ASP D 153 32.04 33.35 -14.59
N LEU D 154 31.97 32.95 -13.33
CA LEU D 154 30.89 33.37 -12.44
C LEU D 154 31.39 34.04 -11.17
N ARG D 155 32.65 34.44 -11.13
CA ARG D 155 33.14 35.15 -9.95
C ARG D 155 32.73 36.61 -9.95
N ASP D 156 32.10 37.08 -11.02
CA ASP D 156 31.53 38.42 -11.01
C ASP D 156 30.15 38.44 -10.37
N GLU D 157 29.31 37.45 -10.67
CA GLU D 157 27.92 37.48 -10.22
C GLU D 157 27.80 36.99 -8.79
N ILE D 158 28.39 35.85 -8.48
CA ILE D 158 28.25 35.21 -7.17
C ILE D 158 29.51 35.51 -6.35
N LYS D 159 29.31 36.08 -5.17
CA LYS D 159 30.44 36.48 -4.34
C LYS D 159 30.93 35.32 -3.49
N GLU D 160 30.02 34.62 -2.82
CA GLU D 160 30.38 33.70 -1.77
C GLU D 160 29.79 32.33 -2.04
N CYS D 161 30.49 31.29 -1.60
CA CYS D 161 29.97 29.94 -1.68
C CYS D 161 30.38 29.17 -0.44
N TYR D 162 29.53 28.26 -0.04
CA TYR D 162 29.69 27.49 1.19
C TYR D 162 29.61 26.02 0.83
N ASP D 163 30.69 25.30 1.04
CA ASP D 163 30.81 23.92 0.61
C ASP D 163 29.90 23.02 1.44
N VAL D 164 29.70 21.80 0.94
CA VAL D 164 29.08 20.73 1.72
C VAL D 164 29.92 20.47 2.96
N TYR D 165 29.27 20.04 4.05
CA TYR D 165 29.94 19.85 5.32
C TYR D 165 31.01 18.77 5.24
N SER D 166 32.24 19.16 5.55
CA SER D 166 33.30 18.23 5.90
C SER D 166 34.02 18.82 7.10
N VAL D 167 34.96 18.07 7.65
CA VAL D 167 35.71 18.58 8.79
C VAL D 167 36.74 19.62 8.32
N SER D 168 37.24 19.47 7.09
CA SER D 168 38.16 20.47 6.56
C SER D 168 37.46 21.78 6.23
N SER D 169 36.19 21.73 5.84
CA SER D 169 35.42 22.91 5.51
C SER D 169 34.82 23.61 6.71
N GLU D 170 34.99 23.06 7.91
CA GLU D 170 34.25 23.51 9.07
C GLU D 170 34.79 24.84 9.58
N ASP D 171 33.87 25.70 10.01
CA ASP D 171 34.21 27.04 10.45
C ASP D 171 34.58 27.00 11.93
N ARG D 172 35.73 27.60 12.27
CA ARG D 172 36.15 27.72 13.66
C ARG D 172 36.09 29.13 14.18
N ALA D 173 35.69 30.10 13.36
CA ALA D 173 35.86 31.48 13.72
C ALA D 173 34.71 31.93 14.64
N PRO D 174 34.94 32.92 15.50
CA PRO D 174 33.80 33.54 16.17
C PRO D 174 33.01 34.38 15.18
N PHE D 175 31.74 34.61 15.45
CA PHE D 175 30.90 35.38 14.56
C PHE D 175 29.78 36.02 15.35
N GLY D 176 29.02 36.88 14.68
CA GLY D 176 27.93 37.58 15.31
C GLY D 176 28.42 38.53 16.39
N PRO D 177 27.67 38.63 17.48
CA PRO D 177 28.09 39.47 18.61
C PRO D 177 29.29 38.96 19.40
N ARG D 178 29.67 37.70 19.22
CA ARG D 178 30.92 37.12 19.73
C ARG D 178 31.00 37.10 21.26
N ASN D 179 29.89 37.26 21.98
CA ASN D 179 30.04 37.35 23.43
C ASN D 179 29.38 36.19 24.18
N GLY D 180 29.34 35.00 23.61
CA GLY D 180 28.80 33.87 24.32
C GLY D 180 29.42 32.57 23.85
N THR D 181 28.86 31.47 24.33
CA THR D 181 29.22 30.15 23.81
C THR D 181 28.50 29.83 22.52
N ALA D 182 27.40 30.54 22.23
CA ALA D 182 26.68 30.33 21.00
C ALA D 182 27.37 30.95 19.81
N TRP D 183 28.34 31.83 20.04
CA TRP D 183 28.98 32.59 18.99
C TRP D 183 30.45 32.28 18.84
N ILE D 184 30.96 31.32 19.61
CA ILE D 184 32.38 30.98 19.66
C ILE D 184 32.50 29.47 19.54
N TYR D 185 33.43 29.02 18.71
CA TYR D 185 33.62 27.60 18.46
C TYR D 185 34.16 26.88 19.68
N THR D 186 33.57 25.73 19.98
CA THR D 186 34.01 24.86 21.05
C THR D 186 34.33 23.51 20.45
N SER D 187 35.49 22.96 20.77
CA SER D 187 35.96 21.74 20.14
C SER D 187 35.16 20.53 20.60
N GLU D 188 35.43 19.39 19.96
CA GLU D 188 34.73 18.16 20.34
C GLU D 188 35.21 17.66 21.69
N LYS D 189 36.46 17.92 22.03
CA LYS D 189 37.01 17.46 23.30
C LYS D 189 36.50 18.32 24.46
N ASP D 190 35.97 19.50 24.16
CA ASP D 190 35.65 20.44 25.23
C ASP D 190 34.16 20.45 25.54
N LEU D 191 33.31 20.00 24.63
CA LEU D 191 31.89 19.89 24.97
C LEU D 191 31.46 18.44 25.08
N ASN D 192 32.43 17.53 25.17
CA ASN D 192 32.24 16.12 25.57
C ASN D 192 31.41 15.36 24.56
N GLY D 193 31.39 15.85 23.31
CA GLY D 193 30.52 15.33 22.29
C GLY D 193 31.20 14.22 21.52
N SER D 194 30.50 13.74 20.50
CA SER D 194 30.97 12.67 19.65
C SER D 194 30.30 12.81 18.29
N SER D 195 30.85 12.11 17.31
CA SER D 195 30.39 12.28 15.94
C SER D 195 29.02 11.65 15.73
N HIS D 196 28.16 12.37 15.04
CA HIS D 196 26.81 11.92 14.73
C HIS D 196 26.70 11.62 13.25
N TRP D 197 26.14 10.46 12.93
CA TRP D 197 25.98 10.01 11.55
C TRP D 197 24.58 10.36 11.10
N GLY D 198 24.47 11.41 10.30
CA GLY D 198 23.20 11.91 9.85
C GLY D 198 22.86 11.44 8.46
N ILE D 199 21.92 12.14 7.84
CA ILE D 199 21.36 11.68 6.57
C ILE D 199 22.33 11.97 5.42
N ILE D 200 22.86 13.19 5.36
CA ILE D 200 23.73 13.57 4.25
C ILE D 200 25.19 13.70 4.64
N ALA D 201 25.51 13.72 5.92
CA ALA D 201 26.90 13.79 6.33
C ALA D 201 27.06 13.13 7.69
N THR D 202 28.32 12.96 8.09
CA THR D 202 28.65 12.60 9.46
C THR D 202 29.20 13.83 10.15
N TYR D 203 28.54 14.24 11.23
CA TYR D 203 28.74 15.53 11.84
C TYR D 203 29.57 15.41 13.09
N SER D 204 30.61 16.21 13.18
CA SER D 204 31.48 16.22 14.34
C SER D 204 30.75 16.73 15.56
N GLY D 205 31.21 16.31 16.72
CA GLY D 205 30.59 16.68 17.98
C GLY D 205 30.94 18.05 18.49
N ALA D 206 31.60 18.87 17.70
CA ALA D 206 32.02 20.20 18.09
C ALA D 206 30.96 21.21 17.68
N GLY D 207 31.30 22.49 17.75
CA GLY D 207 30.40 23.48 17.21
C GLY D 207 30.09 24.65 18.11
N TYR D 208 28.95 25.26 17.88
CA TYR D 208 28.52 26.50 18.51
C TYR D 208 27.29 26.17 19.33
N TYR D 209 27.46 25.92 20.61
CA TYR D 209 26.34 25.42 21.40
C TYR D 209 25.77 26.50 22.30
N LEU D 210 24.54 26.28 22.74
CA LEU D 210 23.89 27.13 23.72
C LEU D 210 23.04 26.26 24.61
N ASP D 211 23.39 26.17 25.89
CA ASP D 211 22.53 25.50 26.85
C ASP D 211 21.37 26.42 27.19
N LEU D 212 20.18 25.86 27.24
CA LEU D 212 18.97 26.65 27.42
C LEU D 212 18.68 26.77 28.91
N SER D 213 17.41 26.88 29.30
CA SER D 213 17.07 27.20 30.68
C SER D 213 15.99 26.28 31.22
N ARG D 214 15.77 26.38 32.54
CA ARG D 214 14.80 25.54 33.22
C ARG D 214 13.37 25.98 32.97
N THR D 215 13.16 27.27 32.69
CA THR D 215 11.82 27.82 32.53
C THR D 215 11.63 28.28 31.09
N ARG D 216 10.36 28.50 30.72
CA ARG D 216 10.04 28.76 29.33
C ARG D 216 10.41 30.18 28.93
N GLU D 217 10.35 31.12 29.88
CA GLU D 217 10.49 32.53 29.52
C GLU D 217 11.94 32.90 29.29
N GLU D 218 12.85 32.36 30.11
CA GLU D 218 14.27 32.54 29.87
C GLU D 218 14.71 31.88 28.57
N THR D 219 14.16 30.70 28.27
CA THR D 219 14.52 29.98 27.06
C THR D 219 13.96 30.68 25.83
N ALA D 220 12.77 31.24 25.93
CA ALA D 220 12.20 32.00 24.83
C ALA D 220 12.99 33.28 24.59
N ALA D 221 13.48 33.91 25.66
CA ALA D 221 14.36 35.06 25.50
C ALA D 221 15.66 34.68 24.82
N GLN D 222 16.22 33.52 25.15
CA GLN D 222 17.46 33.09 24.51
C GLN D 222 17.27 32.73 23.05
N VAL D 223 16.16 32.06 22.72
CA VAL D 223 15.90 31.70 21.32
C VAL D 223 15.59 32.95 20.50
N ALA D 224 14.89 33.92 21.08
CA ALA D 224 14.64 35.17 20.38
C ALA D 224 15.90 35.99 20.22
N SER D 225 16.83 35.88 21.17
CA SER D 225 18.11 36.55 21.02
C SER D 225 19.02 35.87 20.00
N LEU D 226 18.88 34.56 19.80
CA LEU D 226 19.59 33.91 18.70
C LEU D 226 18.99 34.26 17.35
N LYS D 227 17.67 34.31 17.25
CA LYS D 227 17.02 34.68 15.99
C LYS D 227 17.24 36.13 15.63
N LYS D 228 17.31 37.03 16.61
CA LYS D 228 17.49 38.44 16.33
C LYS D 228 18.87 38.72 15.76
N ASN D 229 19.91 38.14 16.35
CA ASN D 229 21.28 38.37 15.92
C ASN D 229 21.69 37.52 14.73
N VAL D 230 20.75 36.78 14.13
CA VAL D 230 20.92 35.85 13.01
C VAL D 230 22.00 34.83 13.36
N TRP D 231 21.58 33.77 14.04
CA TRP D 231 22.52 32.74 14.45
C TRP D 231 22.64 31.69 13.36
N LEU D 232 21.53 31.39 12.71
CA LEU D 232 21.56 30.46 11.58
C LEU D 232 21.56 31.26 10.29
N ASP D 233 22.62 31.09 9.50
CA ASP D 233 22.67 31.77 8.22
C ASP D 233 23.05 30.82 7.09
N ARG D 234 23.86 31.30 6.14
CA ARG D 234 24.16 30.49 4.98
C ARG D 234 25.28 29.49 5.25
N GLY D 235 26.03 29.69 6.32
CA GLY D 235 27.07 28.75 6.64
C GLY D 235 26.62 27.58 7.46
N THR D 236 25.40 27.61 7.95
CA THR D 236 24.89 26.56 8.82
C THR D 236 24.67 25.27 8.04
N ARG D 237 25.16 24.16 8.60
CA ARG D 237 24.99 22.87 7.97
C ARG D 237 24.27 21.85 8.82
N ALA D 238 24.09 22.09 10.11
CA ALA D 238 23.41 21.18 11.01
C ALA D 238 23.00 21.96 12.25
N THR D 239 21.90 21.55 12.85
CA THR D 239 21.49 22.09 14.13
C THR D 239 20.93 20.95 14.97
N PHE D 240 21.56 20.71 16.11
CA PHE D 240 21.20 19.64 17.02
C PHE D 240 20.41 20.22 18.18
N ILE D 241 19.35 19.53 18.60
CA ILE D 241 18.62 19.88 19.81
C ILE D 241 18.60 18.63 20.66
N ASP D 242 19.19 18.70 21.85
CA ASP D 242 19.38 17.54 22.70
C ASP D 242 18.77 17.81 24.06
N PHE D 243 17.97 16.87 24.56
CA PHE D 243 17.48 16.93 25.93
C PHE D 243 17.17 15.51 26.38
N SER D 244 16.93 15.36 27.68
CA SER D 244 16.70 14.06 28.29
C SER D 244 15.58 14.20 29.29
N VAL D 245 14.66 13.23 29.30
CA VAL D 245 13.60 13.19 30.29
C VAL D 245 13.76 11.92 31.11
N TYR D 246 13.06 11.88 32.24
CA TYR D 246 13.06 10.71 33.11
C TYR D 246 11.64 10.41 33.57
N ASN D 247 11.23 9.16 33.42
CA ASN D 247 9.94 8.71 33.90
C ASN D 247 10.14 7.92 35.18
N ALA D 248 9.70 8.48 36.31
CA ALA D 248 9.82 7.78 37.58
C ALA D 248 8.89 6.60 37.71
N ASN D 249 7.85 6.53 36.88
CA ASN D 249 6.84 5.49 37.05
C ASN D 249 7.33 4.15 36.52
N ILE D 250 8.02 4.17 35.39
CA ILE D 250 8.52 2.98 34.74
C ILE D 250 10.02 2.87 34.80
N ASN D 251 10.70 3.90 35.35
CA ASN D 251 12.15 3.96 35.55
C ASN D 251 12.90 3.85 34.22
N LEU D 252 12.64 4.82 33.36
CA LEU D 252 13.36 4.91 32.09
C LEU D 252 13.71 6.36 31.83
N PHE D 253 14.95 6.58 31.42
CA PHE D 253 15.34 7.83 30.80
C PHE D 253 14.95 7.79 29.35
N CYS D 254 14.95 8.94 28.68
CA CYS D 254 14.70 8.99 27.24
C CYS D 254 15.55 10.12 26.68
N VAL D 255 16.55 9.77 25.90
CA VAL D 255 17.49 10.73 25.37
C VAL D 255 17.01 11.15 24.00
N VAL D 256 16.60 12.40 23.87
CA VAL D 256 16.06 12.93 22.64
C VAL D 256 17.16 13.71 21.93
N ARG D 257 17.34 13.43 20.65
CA ARG D 257 18.20 14.22 19.78
C ARG D 257 17.43 14.56 18.52
N LEU D 258 17.21 15.84 18.28
CA LEU D 258 16.57 16.34 17.07
C LEU D 258 17.65 16.96 16.22
N LEU D 259 17.79 16.48 15.00
CA LEU D 259 18.77 17.01 14.05
C LEU D 259 18.05 17.65 12.87
N VAL D 260 18.47 18.84 12.51
CA VAL D 260 18.05 19.48 11.28
C VAL D 260 19.29 19.70 10.43
N GLU D 261 19.31 19.08 9.26
CA GLU D 261 20.44 19.24 8.35
C GLU D 261 20.10 20.26 7.29
N PHE D 262 20.99 21.22 7.12
CA PHE D 262 20.84 22.31 6.17
C PHE D 262 21.76 22.00 5.01
N PRO D 263 21.25 21.53 3.87
CA PRO D 263 22.14 21.14 2.78
C PRO D 263 22.73 22.37 2.09
N ALA D 264 23.74 22.14 1.25
CA ALA D 264 24.30 23.22 0.47
C ALA D 264 23.34 23.66 -0.61
N THR D 265 22.37 22.80 -0.93
CA THR D 265 21.38 23.09 -1.95
C THR D 265 20.30 24.04 -1.42
N GLY D 266 20.22 24.18 -0.11
CA GLY D 266 19.19 24.96 0.52
C GLY D 266 18.07 24.08 1.00
N GLY D 267 17.38 24.55 2.02
CA GLY D 267 16.31 23.78 2.60
C GLY D 267 16.70 23.18 3.94
N VAL D 268 15.98 22.12 4.31
CA VAL D 268 16.01 21.52 5.64
C VAL D 268 15.72 20.04 5.51
N ILE D 269 16.54 19.20 6.13
CA ILE D 269 16.24 17.78 6.25
C ILE D 269 16.12 17.44 7.73
N PRO D 270 14.93 17.30 8.29
CA PRO D 270 14.81 16.99 9.72
C PRO D 270 15.06 15.52 10.00
N SER D 271 15.56 15.24 11.19
CA SER D 271 15.84 13.89 11.65
C SER D 271 15.79 13.88 13.17
N TRP D 272 15.38 12.75 13.73
CA TRP D 272 15.13 12.64 15.15
C TRP D 272 15.64 11.32 15.66
N GLN D 273 15.64 11.19 16.99
CA GLN D 273 16.12 9.98 17.66
C GLN D 273 15.61 10.03 19.08
N PHE D 274 14.68 9.14 19.41
CA PHE D 274 14.12 9.02 20.76
C PHE D 274 14.61 7.69 21.31
N GLN D 275 15.47 7.74 22.30
CA GLN D 275 16.20 6.54 22.73
C GLN D 275 16.07 6.31 24.23
N PRO D 276 15.37 5.27 24.67
CA PRO D 276 15.22 5.03 26.11
C PRO D 276 16.40 4.30 26.72
N LEU D 277 16.71 4.70 27.95
CA LEU D 277 17.80 4.11 28.70
C LEU D 277 17.30 3.66 30.06
N LYS D 278 17.84 2.56 30.55
CA LYS D 278 17.62 2.13 31.92
C LYS D 278 18.96 2.26 32.63
N LEU D 279 19.15 3.41 33.28
CA LEU D 279 20.46 3.72 33.85
C LEU D 279 20.49 3.43 35.35
N ILE D 280 19.34 3.28 35.97
CA ILE D 280 19.28 2.94 37.39
C ILE D 280 18.75 1.52 37.48
N ARG D 281 19.65 0.59 37.74
CA ARG D 281 19.37 -0.83 37.58
C ARG D 281 18.59 -1.44 38.72
N TYR D 282 19.06 -1.31 39.95
CA TYR D 282 18.63 -2.17 41.05
C TYR D 282 17.54 -1.48 41.84
N VAL D 283 16.31 -1.59 41.33
CA VAL D 283 15.15 -0.92 41.93
C VAL D 283 14.11 -1.96 42.31
N THR D 284 13.77 -2.86 41.38
CA THR D 284 12.78 -3.89 41.63
C THR D 284 13.46 -5.24 41.76
N THR D 285 12.69 -6.23 42.22
CA THR D 285 13.18 -7.59 42.42
C THR D 285 13.53 -8.28 41.10
N PHE D 286 12.71 -8.08 40.06
CA PHE D 286 12.99 -8.64 38.74
C PHE D 286 14.28 -8.09 38.15
N ASP D 287 14.68 -6.87 38.52
CA ASP D 287 15.99 -6.36 38.15
C ASP D 287 17.13 -7.14 38.80
N PHE D 288 16.97 -7.54 40.07
CA PHE D 288 17.98 -8.39 40.70
C PHE D 288 18.02 -9.76 40.04
N PHE D 289 16.87 -10.28 39.62
CA PHE D 289 16.88 -11.55 38.90
C PHE D 289 17.52 -11.41 37.53
N LEU D 290 17.37 -10.25 36.88
CA LEU D 290 18.07 -10.00 35.64
C LEU D 290 19.57 -9.90 35.84
N ALA D 291 20.02 -9.34 36.97
CA ALA D 291 21.45 -9.30 37.26
C ALA D 291 22.00 -10.70 37.51
N ALA D 292 21.23 -11.53 38.22
CA ALA D 292 21.60 -12.93 38.43
C ALA D 292 21.69 -13.68 37.12
N CYS D 293 20.77 -13.43 36.20
CA CYS D 293 20.82 -14.08 34.90
C CYS D 293 21.96 -13.54 34.05
N GLU D 294 22.38 -12.29 34.26
CA GLU D 294 23.57 -11.78 33.59
C GLU D 294 24.83 -12.51 34.05
N ILE D 295 24.93 -12.76 35.36
CA ILE D 295 26.07 -13.50 35.89
C ILE D 295 26.08 -14.94 35.39
N ILE D 296 24.91 -15.58 35.39
CA ILE D 296 24.82 -16.95 34.90
C ILE D 296 25.09 -17.01 33.40
N PHE D 297 24.71 -15.98 32.65
CA PHE D 297 25.04 -15.90 31.24
C PHE D 297 26.54 -15.78 30.99
N CYS D 298 27.23 -14.93 31.73
CA CYS D 298 28.66 -14.82 31.47
C CYS D 298 29.42 -16.06 31.95
N PHE D 299 28.85 -16.81 32.89
CA PHE D 299 29.43 -18.12 33.20
C PHE D 299 29.21 -19.13 32.06
N PHE D 300 28.04 -19.09 31.42
CA PHE D 300 27.82 -19.90 30.22
C PHE D 300 28.79 -19.53 29.10
N ILE D 301 29.05 -18.25 28.93
CA ILE D 301 29.92 -17.84 27.83
C ILE D 301 31.37 -18.20 28.14
N PHE D 302 31.74 -18.16 29.43
CA PHE D 302 33.06 -18.69 29.82
C PHE D 302 33.16 -20.18 29.51
N TYR D 303 32.09 -20.92 29.79
CA TYR D 303 32.05 -22.36 29.50
C TYR D 303 32.19 -22.64 28.01
N TYR D 304 31.46 -21.89 27.17
CA TYR D 304 31.52 -22.15 25.73
C TYR D 304 32.85 -21.71 25.13
N VAL D 305 33.47 -20.66 25.67
CA VAL D 305 34.78 -20.27 25.17
C VAL D 305 35.82 -21.31 25.52
N VAL D 306 35.75 -21.88 26.74
CA VAL D 306 36.63 -22.97 27.13
C VAL D 306 36.41 -24.20 26.25
N GLU D 307 35.14 -24.53 25.96
CA GLU D 307 34.83 -25.69 25.13
C GLU D 307 35.31 -25.53 23.69
N GLU D 308 35.12 -24.35 23.10
CA GLU D 308 35.51 -24.18 21.71
C GLU D 308 37.02 -24.01 21.57
N ILE D 309 37.69 -23.51 22.61
CA ILE D 309 39.15 -23.50 22.59
C ILE D 309 39.71 -24.92 22.73
N LEU D 310 39.11 -25.74 23.59
CA LEU D 310 39.57 -27.12 23.71
C LEU D 310 39.23 -27.95 22.46
N GLU D 311 38.23 -27.53 21.69
CA GLU D 311 37.94 -28.23 20.45
C GLU D 311 38.83 -27.76 19.30
N ILE D 312 39.14 -26.47 19.25
CA ILE D 312 39.95 -25.95 18.15
C ILE D 312 41.43 -26.31 18.31
N ARG D 313 41.87 -26.64 19.53
CA ARG D 313 43.29 -26.95 19.74
C ARG D 313 43.64 -28.33 19.20
N ILE D 314 42.64 -29.21 19.11
CA ILE D 314 42.87 -30.55 18.59
C ILE D 314 43.15 -30.50 17.09
N HIS D 315 42.43 -29.67 16.35
CA HIS D 315 42.57 -29.62 14.90
C HIS D 315 42.28 -28.22 14.39
N LYS D 316 43.20 -27.69 13.58
CA LYS D 316 43.23 -26.28 13.25
C LYS D 316 42.17 -25.91 12.21
N LEU D 317 42.52 -26.01 10.93
CA LEU D 317 41.62 -25.67 9.85
C LEU D 317 40.56 -26.73 9.58
N HIS D 318 40.67 -27.90 10.22
CA HIS D 318 39.60 -28.89 10.15
C HIS D 318 38.40 -28.44 10.98
N TYR D 319 38.64 -27.59 11.98
CA TYR D 319 37.57 -27.05 12.81
C TYR D 319 36.63 -26.16 12.00
N PHE D 320 37.17 -25.36 11.09
CA PHE D 320 36.36 -24.47 10.28
C PHE D 320 35.74 -25.16 9.07
N ARG D 321 35.96 -26.46 8.89
CA ARG D 321 35.25 -27.23 7.87
C ARG D 321 34.01 -27.87 8.49
N SER D 322 33.13 -26.98 8.95
CA SER D 322 31.89 -27.31 9.64
C SER D 322 31.08 -26.04 9.72
N PHE D 323 29.76 -26.17 9.81
CA PHE D 323 28.93 -24.99 9.98
C PHE D 323 28.70 -24.69 11.44
N TRP D 324 28.65 -25.72 12.28
CA TRP D 324 28.29 -25.49 13.66
C TRP D 324 29.45 -24.98 14.49
N ASN D 325 30.67 -25.35 14.12
CA ASN D 325 31.82 -24.76 14.81
C ASN D 325 31.98 -23.30 14.43
N CYS D 326 31.73 -22.95 13.16
CA CYS D 326 31.72 -21.54 12.76
C CYS D 326 30.62 -20.76 13.45
N LEU D 327 29.45 -21.38 13.64
CA LEU D 327 28.36 -20.70 14.33
C LEU D 327 28.66 -20.53 15.81
N ASP D 328 29.35 -21.50 16.42
CA ASP D 328 29.75 -21.36 17.82
C ASP D 328 30.80 -20.27 17.98
N VAL D 329 31.71 -20.14 17.00
CA VAL D 329 32.68 -19.06 17.00
C VAL D 329 31.98 -17.71 16.92
N VAL D 330 30.99 -17.58 16.02
CA VAL D 330 30.22 -16.35 15.88
C VAL D 330 29.48 -16.00 17.17
N ILE D 331 28.89 -17.00 17.83
CA ILE D 331 28.14 -16.77 19.06
C ILE D 331 29.06 -16.32 20.18
N VAL D 332 30.22 -16.96 20.35
CA VAL D 332 31.06 -16.55 21.47
C VAL D 332 31.77 -15.22 21.19
N VAL D 333 32.05 -14.89 19.93
CA VAL D 333 32.60 -13.57 19.64
C VAL D 333 31.58 -12.47 19.91
N LEU D 334 30.35 -12.63 19.41
CA LEU D 334 29.29 -11.65 19.68
C LEU D 334 28.95 -11.56 21.15
N SER D 335 29.04 -12.66 21.89
CA SER D 335 28.73 -12.62 23.30
C SER D 335 29.84 -11.95 24.11
N VAL D 336 31.10 -12.14 23.72
CA VAL D 336 32.19 -11.44 24.39
C VAL D 336 32.12 -9.95 24.10
N VAL D 337 31.72 -9.58 22.88
CA VAL D 337 31.53 -8.16 22.55
C VAL D 337 30.37 -7.58 23.35
N ALA D 338 29.32 -8.37 23.58
CA ALA D 338 28.19 -7.92 24.40
C ALA D 338 28.58 -7.71 25.85
N ILE D 339 29.38 -8.63 26.41
CA ILE D 339 29.85 -8.48 27.79
C ILE D 339 30.81 -7.29 27.89
N GLY D 340 31.61 -7.06 26.86
CA GLY D 340 32.52 -5.93 26.88
C GLY D 340 31.83 -4.60 26.82
N ILE D 341 30.77 -4.49 26.01
CA ILE D 341 29.98 -3.27 25.97
C ILE D 341 29.23 -3.08 27.28
N ASN D 342 28.67 -4.15 27.84
CA ASN D 342 27.91 -4.02 29.06
C ASN D 342 28.78 -3.77 30.29
N ILE D 343 30.09 -4.01 30.22
CA ILE D 343 30.97 -3.65 31.33
C ILE D 343 31.62 -2.29 31.10
N TYR D 344 32.34 -2.13 29.99
CA TYR D 344 33.19 -0.96 29.85
C TYR D 344 32.46 0.27 29.32
N ARG D 345 31.22 0.12 28.89
CA ARG D 345 30.51 1.25 28.29
C ARG D 345 29.13 1.49 28.86
N THR D 346 28.26 0.50 28.81
CA THR D 346 26.86 0.71 29.15
C THR D 346 26.68 0.89 30.65
N SER D 347 27.41 0.11 31.45
CA SER D 347 27.37 0.27 32.89
C SER D 347 28.46 1.20 33.40
N ASN D 348 28.61 2.38 32.79
CA ASN D 348 29.48 3.42 33.31
C ASN D 348 28.62 4.68 33.47
N VAL D 349 27.93 4.74 34.61
CA VAL D 349 26.97 5.81 34.87
C VAL D 349 27.68 6.85 35.73
N GLU D 350 28.85 7.26 35.27
CA GLU D 350 29.56 8.37 35.88
C GLU D 350 28.92 9.71 35.58
N VAL D 351 28.24 9.86 34.44
CA VAL D 351 27.62 11.14 34.09
C VAL D 351 26.31 11.32 34.84
N LEU D 352 25.70 10.23 35.29
CA LEU D 352 24.43 10.33 36.00
C LEU D 352 24.63 10.85 37.41
N LEU D 353 25.59 10.28 38.14
CA LEU D 353 25.91 10.79 39.47
C LEU D 353 26.54 12.18 39.40
N GLN D 354 27.21 12.49 38.30
CA GLN D 354 27.75 13.84 38.11
C GLN D 354 26.63 14.84 37.85
N PHE D 355 25.60 14.43 37.13
CA PHE D 355 24.43 15.28 36.92
C PHE D 355 23.61 15.48 38.18
N LEU D 356 23.49 14.45 39.02
CA LEU D 356 22.68 14.56 40.23
C LEU D 356 23.22 15.55 41.25
N GLU D 357 24.47 16.02 41.08
CA GLU D 357 24.98 17.10 41.92
C GLU D 357 24.31 18.43 41.57
N ASP D 358 24.25 18.77 40.29
CA ASP D 358 23.71 20.05 39.84
C ASP D 358 22.65 19.83 38.77
N GLN D 359 21.43 20.25 39.09
CA GLN D 359 20.28 20.03 38.20
C GLN D 359 20.12 21.14 37.18
N ASN D 360 21.07 22.06 37.07
CA ASN D 360 20.96 23.21 36.20
C ASN D 360 21.89 23.12 34.99
N THR D 361 22.46 21.95 34.75
CA THR D 361 23.37 21.75 33.64
C THR D 361 22.78 20.74 32.66
N PHE D 362 23.51 20.54 31.57
CA PHE D 362 23.08 19.62 30.52
C PHE D 362 23.64 18.23 30.83
N PRO D 363 22.80 17.19 30.89
CA PRO D 363 23.29 15.83 31.12
C PRO D 363 23.76 15.15 29.84
N ASN D 364 25.04 14.82 29.79
CA ASN D 364 25.62 14.18 28.62
C ASN D 364 25.29 12.70 28.54
N PHE D 365 24.15 12.38 27.96
CA PHE D 365 23.75 10.98 27.80
C PHE D 365 23.91 10.53 26.34
N GLU D 366 24.76 11.19 25.57
CA GLU D 366 24.92 10.83 24.17
C GLU D 366 25.79 9.61 23.97
N HIS D 367 26.63 9.27 24.93
CA HIS D 367 27.48 8.10 24.81
C HIS D 367 26.78 6.86 25.33
N LEU D 368 26.01 7.02 26.40
CA LEU D 368 25.23 5.92 26.94
C LEU D 368 24.18 5.46 25.96
N ALA D 369 23.57 6.39 25.23
CA ALA D 369 22.59 6.01 24.23
C ALA D 369 23.23 5.32 23.04
N TYR D 370 24.43 5.75 22.65
CA TYR D 370 25.15 5.13 21.55
C TYR D 370 25.51 3.69 21.88
N TRP D 371 26.08 3.47 23.07
CA TRP D 371 26.45 2.12 23.41
C TRP D 371 25.27 1.26 23.82
N GLN D 372 24.14 1.86 24.20
CA GLN D 372 22.93 1.08 24.37
C GLN D 372 22.38 0.61 23.03
N ILE D 373 22.49 1.43 21.99
CA ILE D 373 22.09 0.99 20.66
C ILE D 373 23.01 -0.13 20.16
N GLN D 374 24.31 0.02 20.37
CA GLN D 374 25.25 -1.03 19.96
C GLN D 374 25.02 -2.32 20.73
N PHE D 375 24.72 -2.21 22.02
CA PHE D 375 24.44 -3.39 22.81
C PHE D 375 23.15 -4.07 22.40
N ASN D 376 22.13 -3.29 22.02
CA ASN D 376 20.90 -3.90 21.57
C ASN D 376 21.07 -4.60 20.23
N ASN D 377 21.87 -4.02 19.33
CA ASN D 377 22.14 -4.67 18.05
C ASN D 377 22.90 -5.99 18.24
N ILE D 378 23.97 -5.94 19.05
CA ILE D 378 24.77 -7.13 19.36
C ILE D 378 23.93 -8.20 20.03
N ALA D 379 23.10 -7.81 21.01
CA ALA D 379 22.33 -8.79 21.76
C ALA D 379 21.22 -9.41 20.92
N ALA D 380 20.60 -8.62 20.04
CA ALA D 380 19.57 -9.16 19.17
C ALA D 380 20.16 -10.14 18.16
N VAL D 381 21.31 -9.81 17.58
CA VAL D 381 21.97 -10.73 16.66
C VAL D 381 22.46 -11.98 17.37
N THR D 382 22.91 -11.86 18.62
CA THR D 382 23.33 -13.02 19.39
C THR D 382 22.17 -13.96 19.69
N VAL D 383 21.01 -13.41 20.07
CA VAL D 383 19.82 -14.22 20.31
C VAL D 383 19.37 -14.92 19.04
N PHE D 384 19.47 -14.22 17.90
CA PHE D 384 19.14 -14.83 16.61
C PHE D 384 20.01 -16.05 16.32
N PHE D 385 21.34 -15.91 16.45
CA PHE D 385 22.18 -17.06 16.15
C PHE D 385 22.13 -18.15 17.21
N VAL D 386 21.77 -17.82 18.44
CA VAL D 386 21.58 -18.87 19.44
C VAL D 386 20.34 -19.69 19.12
N TRP D 387 19.29 -19.05 18.60
CA TRP D 387 18.16 -19.84 18.11
C TRP D 387 18.49 -20.63 16.85
N ILE D 388 19.38 -20.12 16.01
CA ILE D 388 19.79 -20.90 14.83
C ILE D 388 20.63 -22.11 15.26
N LYS D 389 21.30 -22.02 16.41
CA LYS D 389 22.12 -23.14 16.90
C LYS D 389 21.28 -24.36 17.28
N LEU D 390 19.98 -24.16 17.52
CA LEU D 390 19.05 -25.22 17.92
C LEU D 390 18.89 -26.33 16.89
N PHE D 391 19.37 -26.13 15.67
CA PHE D 391 19.26 -27.12 14.61
C PHE D 391 20.29 -28.21 14.68
N LYS D 392 21.25 -28.14 15.61
CA LYS D 392 22.05 -29.31 15.90
C LYS D 392 21.25 -30.43 16.53
N PHE D 393 20.12 -30.09 17.14
CA PHE D 393 19.43 -30.98 18.04
C PHE D 393 18.06 -31.38 17.54
N ILE D 394 17.68 -31.01 16.32
CA ILE D 394 16.47 -31.54 15.74
C ILE D 394 16.75 -32.40 14.51
N ASN D 395 17.78 -33.23 14.57
CA ASN D 395 17.88 -34.36 13.65
C ASN D 395 17.40 -35.62 14.36
N PHE D 396 16.25 -35.47 15.03
CA PHE D 396 15.68 -36.50 15.87
C PHE D 396 14.79 -37.47 15.10
N ASN D 397 14.73 -37.34 13.79
CA ASN D 397 13.73 -38.01 13.00
C ASN D 397 14.29 -38.23 11.62
N ARG D 398 13.70 -39.17 10.88
CA ARG D 398 14.14 -39.39 9.51
C ARG D 398 13.72 -38.24 8.61
N THR D 399 12.55 -37.66 8.86
CA THR D 399 12.07 -36.55 8.04
C THR D 399 12.90 -35.30 8.26
N MET D 400 13.23 -34.99 9.52
CA MET D 400 14.05 -33.84 9.82
C MET D 400 15.45 -33.99 9.28
N SER D 401 15.97 -35.23 9.26
CA SER D 401 17.26 -35.49 8.64
C SER D 401 17.20 -35.33 7.14
N GLN D 402 16.08 -35.68 6.50
CA GLN D 402 15.96 -35.42 5.07
C GLN D 402 15.94 -33.94 4.75
N LEU D 403 15.25 -33.15 5.58
CA LEU D 403 15.19 -31.71 5.35
C LEU D 403 16.57 -31.07 5.55
N SER D 404 17.28 -31.49 6.60
CA SER D 404 18.60 -30.95 6.89
C SER D 404 19.61 -31.34 5.82
N THR D 405 19.55 -32.60 5.34
CA THR D 405 20.45 -33.05 4.30
C THR D 405 20.15 -32.35 2.98
N THR D 406 18.86 -32.05 2.73
CA THR D 406 18.48 -31.28 1.55
C THR D 406 19.13 -29.90 1.54
N MET D 407 18.96 -29.15 2.62
CA MET D 407 19.49 -27.79 2.59
C MET D 407 21.01 -27.75 2.70
N SER D 408 21.62 -28.71 3.39
CA SER D 408 23.08 -28.73 3.42
C SER D 408 23.67 -29.16 2.08
N ARG D 409 22.94 -29.95 1.29
CA ARG D 409 23.48 -30.30 -0.02
C ARG D 409 23.16 -29.27 -1.09
N CYS D 410 22.13 -28.45 -0.89
CA CYS D 410 21.88 -27.41 -1.88
C CYS D 410 22.50 -26.07 -1.52
N ALA D 411 23.16 -25.97 -0.36
CA ALA D 411 23.80 -24.72 0.06
C ALA D 411 24.81 -24.20 -0.95
N LYS D 412 25.62 -25.07 -1.53
CA LYS D 412 26.67 -24.62 -2.46
C LYS D 412 26.08 -24.09 -3.76
N ASP D 413 25.08 -24.77 -4.30
CA ASP D 413 24.51 -24.34 -5.56
C ASP D 413 23.60 -23.13 -5.37
N LEU D 414 22.96 -23.00 -4.20
CA LEU D 414 22.25 -21.77 -3.89
C LEU D 414 23.21 -20.60 -3.68
N PHE D 415 24.41 -20.86 -3.17
CA PHE D 415 25.38 -19.77 -3.05
C PHE D 415 25.91 -19.34 -4.40
N GLY D 416 26.13 -20.30 -5.31
CA GLY D 416 26.52 -19.94 -6.66
C GLY D 416 25.47 -19.13 -7.39
N PHE D 417 24.20 -19.55 -7.30
CA PHE D 417 23.19 -18.74 -7.94
C PHE D 417 22.88 -17.48 -7.16
N ALA D 418 23.22 -17.40 -5.88
CA ALA D 418 23.10 -16.13 -5.17
C ALA D 418 24.13 -15.13 -5.67
N ILE D 419 25.33 -15.59 -6.01
CA ILE D 419 26.32 -14.74 -6.67
C ILE D 419 25.80 -14.22 -8.00
N MET D 420 25.27 -15.13 -8.83
CA MET D 420 24.79 -14.73 -10.15
C MET D 420 23.56 -13.81 -10.07
N PHE D 421 22.68 -14.10 -9.12
CA PHE D 421 21.48 -13.31 -8.89
C PHE D 421 21.84 -11.92 -8.42
N PHE D 422 22.81 -11.79 -7.52
CA PHE D 422 23.16 -10.47 -7.02
C PHE D 422 23.98 -9.68 -8.04
N ILE D 423 24.65 -10.35 -8.98
CA ILE D 423 25.25 -9.59 -10.07
C ILE D 423 24.18 -8.94 -10.94
N ILE D 424 23.13 -9.69 -11.30
CA ILE D 424 22.07 -9.07 -12.10
C ILE D 424 21.27 -8.06 -11.27
N PHE D 425 21.17 -8.31 -9.97
CA PHE D 425 20.41 -7.46 -9.06
C PHE D 425 21.10 -6.12 -8.87
N LEU D 426 22.43 -6.12 -8.72
CA LEU D 426 23.16 -4.87 -8.59
C LEU D 426 23.34 -4.18 -9.93
N ALA D 427 23.30 -4.91 -11.04
CA ALA D 427 23.23 -4.26 -12.34
C ALA D 427 21.94 -3.44 -12.47
N TYR D 428 20.81 -4.03 -12.09
CA TYR D 428 19.55 -3.28 -12.08
C TYR D 428 19.56 -2.14 -11.07
N ALA D 429 20.17 -2.34 -9.90
CA ALA D 429 20.20 -1.27 -8.91
C ALA D 429 21.04 -0.09 -9.36
N GLN D 430 22.12 -0.34 -10.08
CA GLN D 430 22.91 0.77 -10.60
C GLN D 430 22.23 1.44 -11.79
N LEU D 431 21.53 0.69 -12.63
CA LEU D 431 20.64 1.26 -13.62
C LEU D 431 19.60 2.19 -12.99
N ALA D 432 18.92 1.72 -11.96
CA ALA D 432 17.86 2.50 -11.33
C ALA D 432 18.41 3.68 -10.56
N TYR D 433 19.62 3.59 -10.07
CA TYR D 433 20.24 4.74 -9.42
C TYR D 433 20.63 5.80 -10.43
N LEU D 434 21.17 5.41 -11.57
CA LEU D 434 21.48 6.38 -12.61
C LEU D 434 20.25 7.00 -13.23
N VAL D 435 19.11 6.31 -13.24
CA VAL D 435 17.91 6.84 -13.86
C VAL D 435 17.05 7.62 -12.88
N PHE D 436 16.81 7.11 -11.68
CA PHE D 436 15.86 7.73 -10.76
C PHE D 436 16.51 8.37 -9.55
N GLY D 437 17.84 8.45 -9.52
CA GLY D 437 18.50 8.83 -8.30
C GLY D 437 18.39 10.28 -7.93
N THR D 438 17.95 11.12 -8.85
CA THR D 438 17.77 12.53 -8.61
C THR D 438 16.31 12.91 -8.44
N GLN D 439 15.39 11.99 -8.64
CA GLN D 439 13.97 12.30 -8.71
C GLN D 439 13.14 11.58 -7.69
N VAL D 440 13.47 10.33 -7.38
CA VAL D 440 12.62 9.48 -6.54
C VAL D 440 13.28 9.33 -5.18
N ASP D 441 12.45 9.39 -4.13
CA ASP D 441 12.92 9.20 -2.76
C ASP D 441 13.53 7.82 -2.58
N ASP D 442 12.88 6.80 -3.13
CA ASP D 442 13.26 5.41 -2.95
C ASP D 442 14.50 5.01 -3.73
N PHE D 443 15.02 5.88 -4.58
CA PHE D 443 16.22 5.57 -5.35
C PHE D 443 17.34 6.57 -5.11
N SER D 444 17.28 7.30 -4.02
CA SER D 444 18.14 8.48 -3.85
C SER D 444 19.58 8.10 -3.57
N THR D 445 19.81 7.01 -2.87
CA THR D 445 21.15 6.47 -2.63
C THR D 445 21.18 5.04 -3.15
N PHE D 446 22.39 4.49 -3.28
CA PHE D 446 22.54 3.20 -3.95
C PHE D 446 22.02 2.05 -3.10
N GLN D 447 22.25 2.12 -1.79
CA GLN D 447 21.69 1.09 -0.92
C GLN D 447 20.17 1.18 -0.87
N GLU D 448 19.62 2.38 -1.02
CA GLU D 448 18.17 2.51 -1.06
C GLU D 448 17.60 1.98 -2.37
N CYS D 449 18.41 1.98 -3.44
CA CYS D 449 18.00 1.31 -4.67
C CYS D 449 17.95 -0.20 -4.48
N ILE D 450 18.92 -0.75 -3.75
CA ILE D 450 18.90 -2.18 -3.45
C ILE D 450 17.68 -2.56 -2.63
N PHE D 451 17.37 -1.76 -1.61
CA PHE D 451 16.28 -2.11 -0.71
C PHE D 451 14.93 -1.90 -1.38
N THR D 452 14.86 -0.90 -2.26
CA THR D 452 13.68 -0.67 -3.08
C THR D 452 13.44 -1.84 -4.02
N GLN D 453 14.50 -2.46 -4.53
CA GLN D 453 14.29 -3.60 -5.41
C GLN D 453 13.84 -4.85 -4.66
N PHE D 454 14.32 -5.04 -3.43
CA PHE D 454 13.73 -6.10 -2.60
C PHE D 454 12.25 -5.85 -2.33
N ARG D 455 11.87 -4.59 -2.12
CA ARG D 455 10.46 -4.26 -1.97
C ARG D 455 9.66 -4.46 -3.25
N ILE D 456 10.25 -4.22 -4.41
CA ILE D 456 9.55 -4.44 -5.66
C ILE D 456 9.34 -5.93 -5.90
N ILE D 457 10.34 -6.75 -5.53
CA ILE D 457 10.20 -8.20 -5.64
C ILE D 457 9.08 -8.71 -4.74
N LEU D 458 8.94 -8.13 -3.54
CA LEU D 458 7.80 -8.51 -2.71
C LEU D 458 6.49 -7.94 -3.24
N GLY D 459 6.44 -6.64 -3.47
CA GLY D 459 5.23 -6.03 -4.00
C GLY D 459 4.92 -4.73 -3.33
N ASP D 460 5.94 -4.08 -2.78
CA ASP D 460 5.81 -2.77 -2.15
C ASP D 460 6.36 -1.74 -3.12
N ILE D 461 5.49 -1.26 -4.00
CA ILE D 461 5.86 -0.40 -5.11
C ILE D 461 5.19 0.94 -4.89
N ASN D 462 5.88 2.02 -5.25
CA ASN D 462 5.24 3.29 -5.57
C ASN D 462 5.60 3.55 -7.03
N PHE D 463 4.80 3.01 -7.95
CA PHE D 463 5.09 3.10 -9.36
C PHE D 463 4.68 4.44 -9.96
N ALA D 464 3.85 5.22 -9.25
CA ALA D 464 3.43 6.52 -9.77
C ALA D 464 4.61 7.48 -9.87
N GLU D 465 5.44 7.53 -8.83
CA GLU D 465 6.60 8.40 -8.85
C GLU D 465 7.71 7.90 -9.76
N ILE D 466 7.86 6.58 -9.92
CA ILE D 466 8.82 6.04 -10.87
C ILE D 466 8.41 6.38 -12.29
N GLU D 467 7.14 6.16 -12.60
CA GLU D 467 6.61 6.41 -13.93
C GLU D 467 6.52 7.90 -14.26
N GLU D 468 6.45 8.79 -13.27
CA GLU D 468 6.53 10.21 -13.60
C GLU D 468 7.93 10.77 -13.46
N ALA D 469 8.89 10.02 -12.93
CA ALA D 469 10.28 10.46 -12.96
C ALA D 469 10.86 10.32 -14.35
N ASN D 470 10.64 9.17 -14.97
CA ASN D 470 11.05 8.90 -16.34
C ASN D 470 9.97 8.04 -16.96
N ARG D 471 9.33 8.54 -18.01
CA ARG D 471 8.17 7.88 -18.58
C ARG D 471 8.52 6.77 -19.55
N VAL D 472 9.77 6.65 -19.96
CA VAL D 472 10.19 5.58 -20.86
C VAL D 472 10.98 4.51 -20.10
N LEU D 473 12.00 4.90 -19.35
CA LEU D 473 12.78 3.89 -18.64
C LEU D 473 12.19 3.53 -17.29
N GLY D 474 11.22 4.27 -16.78
CA GLY D 474 10.46 3.84 -15.63
C GLY D 474 9.69 2.57 -15.92
N PRO D 475 8.78 2.66 -16.90
CA PRO D 475 8.20 1.45 -17.52
C PRO D 475 9.16 0.32 -17.89
N ILE D 476 10.24 0.60 -18.63
CA ILE D 476 11.10 -0.48 -19.13
C ILE D 476 11.87 -1.12 -17.99
N TYR D 477 12.41 -0.31 -17.08
CA TYR D 477 13.04 -0.82 -15.87
C TYR D 477 12.10 -1.68 -15.06
N PHE D 478 10.87 -1.22 -14.84
CA PHE D 478 9.96 -1.96 -13.98
C PHE D 478 9.51 -3.26 -14.62
N THR D 479 9.16 -3.24 -15.90
CA THR D 479 8.65 -4.43 -16.54
C THR D 479 9.76 -5.46 -16.79
N THR D 480 10.96 -5.02 -17.14
CA THR D 480 12.04 -5.98 -17.34
C THR D 480 12.58 -6.49 -16.01
N PHE D 481 12.47 -5.70 -14.95
CA PHE D 481 12.84 -6.21 -13.64
C PHE D 481 11.83 -7.19 -13.12
N VAL D 482 10.54 -6.99 -13.41
CA VAL D 482 9.55 -7.97 -13.00
C VAL D 482 9.66 -9.24 -13.82
N PHE D 483 9.91 -9.12 -15.12
CA PHE D 483 10.02 -10.31 -15.96
C PHE D 483 11.29 -11.09 -15.67
N PHE D 484 12.44 -10.43 -15.66
CA PHE D 484 13.67 -11.21 -15.55
C PHE D 484 13.98 -11.62 -14.13
N MET D 485 13.55 -10.87 -13.12
CA MET D 485 13.79 -11.33 -11.75
C MET D 485 12.65 -12.19 -11.25
N PHE D 486 11.44 -11.63 -11.20
CA PHE D 486 10.36 -12.28 -10.49
C PHE D 486 9.81 -13.48 -11.24
N PHE D 487 9.86 -13.46 -12.57
CA PHE D 487 9.29 -14.60 -13.28
C PHE D 487 10.30 -15.70 -13.51
N ILE D 488 11.57 -15.36 -13.68
CA ILE D 488 12.57 -16.28 -14.19
C ILE D 488 13.67 -16.58 -13.18
N LEU D 489 14.39 -15.55 -12.73
CA LEU D 489 15.54 -15.82 -11.88
C LEU D 489 15.13 -16.10 -10.44
N LEU D 490 13.90 -15.78 -10.09
CA LEU D 490 13.44 -16.10 -8.75
C LEU D 490 13.12 -17.59 -8.67
N ASN D 491 12.79 -18.18 -9.82
CA ASN D 491 12.36 -19.57 -9.87
C ASN D 491 13.55 -20.52 -9.97
N MET D 492 14.74 -19.96 -10.06
CA MET D 492 15.93 -20.77 -10.24
C MET D 492 16.47 -21.29 -8.91
N PHE D 493 16.38 -20.48 -7.85
CA PHE D 493 16.56 -20.96 -6.48
C PHE D 493 15.63 -22.12 -6.18
N LEU D 494 14.40 -21.96 -6.63
CA LEU D 494 13.36 -22.95 -6.44
C LEU D 494 13.68 -24.23 -7.20
N ALA D 495 14.24 -24.11 -8.40
CA ALA D 495 14.66 -25.26 -9.17
C ALA D 495 15.79 -26.02 -8.51
N ILE D 496 16.77 -25.30 -7.94
CA ILE D 496 17.85 -25.92 -7.20
C ILE D 496 17.32 -26.69 -6.01
N ILE D 497 16.39 -26.09 -5.26
CA ILE D 497 15.83 -26.76 -4.09
C ILE D 497 14.96 -27.96 -4.46
N ASN D 498 14.16 -27.87 -5.54
CA ASN D 498 13.37 -29.00 -6.03
C ASN D 498 14.25 -30.19 -6.38
N ASP D 499 15.30 -29.93 -7.17
CA ASP D 499 16.15 -31.01 -7.63
C ASP D 499 16.94 -31.62 -6.48
N THR D 500 17.39 -30.81 -5.53
CA THR D 500 18.14 -31.35 -4.40
C THR D 500 17.25 -32.15 -3.48
N TYR D 501 16.00 -31.72 -3.30
CA TYR D 501 15.09 -32.48 -2.44
C TYR D 501 14.70 -33.81 -3.07
N SER D 502 14.45 -33.82 -4.38
CA SER D 502 14.17 -35.08 -5.06
C SER D 502 15.37 -36.01 -5.02
N GLU D 503 16.57 -35.46 -5.16
CA GLU D 503 17.79 -36.28 -5.10
C GLU D 503 18.00 -36.87 -3.71
N VAL D 504 17.81 -36.07 -2.66
CA VAL D 504 18.04 -36.54 -1.31
C VAL D 504 16.99 -37.56 -0.90
N LYS D 505 15.73 -37.36 -1.32
CA LYS D 505 14.70 -38.34 -1.01
C LYS D 505 14.93 -39.65 -1.75
N SER D 506 15.23 -39.59 -3.05
CA SER D 506 15.46 -40.82 -3.79
C SER D 506 16.79 -41.48 -3.43
N ASP D 507 17.70 -40.77 -2.78
CA ASP D 507 18.93 -41.39 -2.30
C ASP D 507 18.76 -42.02 -0.93
N LEU D 508 18.12 -41.32 0.02
CA LEU D 508 17.91 -41.88 1.34
C LEU D 508 16.78 -42.90 1.37
N ALA D 509 15.99 -43.00 0.31
CA ALA D 509 15.05 -44.11 0.20
C ALA D 509 15.74 -45.34 -0.39
N GLN D 510 16.65 -45.15 -1.35
CA GLN D 510 17.43 -46.27 -1.87
C GLN D 510 18.40 -46.80 -0.82
N GLN D 511 18.91 -45.93 0.05
CA GLN D 511 19.74 -46.40 1.16
C GLN D 511 18.93 -47.18 2.17
N LYS D 512 17.69 -46.76 2.44
CA LYS D 512 16.83 -47.48 3.37
C LYS D 512 16.35 -48.81 2.79
N ALA D 513 16.12 -48.88 1.47
CA ALA D 513 15.65 -50.11 0.86
C ALA D 513 16.77 -51.11 0.61
N GLU D 514 17.92 -50.64 0.09
CA GLU D 514 19.00 -51.55 -0.28
C GLU D 514 19.70 -52.15 0.94
N MET D 515 19.59 -51.50 2.10
CA MET D 515 20.02 -52.16 3.33
C MET D 515 19.01 -53.21 3.77
N GLU D 516 17.75 -53.08 3.38
CA GLU D 516 16.73 -54.02 3.82
C GLU D 516 16.59 -55.18 2.84
N LEU D 517 17.32 -55.12 1.72
CA LEU D 517 17.30 -56.19 0.73
C LEU D 517 18.52 -57.09 0.88
C1 NAG E . -26.40 -4.02 39.56
C2 NAG E . -26.97 -2.60 39.58
C3 NAG E . -28.15 -2.51 40.55
C4 NAG E . -29.19 -3.58 40.25
C5 NAG E . -28.54 -4.96 40.21
C6 NAG E . -29.48 -6.05 39.78
C7 NAG E . -25.36 -0.81 39.05
C8 NAG E . -24.37 0.15 39.61
N2 NAG E . -25.95 -1.63 39.93
O3 NAG E . -28.68 -1.19 40.44
O4 NAG E . -30.17 -3.64 41.29
O5 NAG E . -27.45 -4.95 39.28
O6 NAG E . -28.88 -7.33 39.89
O7 NAG E . -25.63 -0.85 37.86
C1 NAG E . -31.35 -2.88 41.02
C2 NAG E . -32.61 -3.53 41.61
C3 NAG E . -33.81 -2.62 41.45
C4 NAG E . -33.53 -1.25 42.06
C5 NAG E . -32.27 -0.66 41.44
C6 NAG E . -31.85 0.63 42.09
C7 NAG E . -32.59 -5.99 41.58
C8 NAG E . -32.92 -7.23 40.81
N2 NAG E . -32.87 -4.83 40.99
O3 NAG E . -34.94 -3.20 42.09
O4 NAG E . -34.63 -0.37 41.82
O5 NAG E . -31.18 -1.58 41.60
O6 NAG E . -31.23 0.38 43.35
O7 NAG E . -32.07 -6.05 42.70
C1 NAG F . -41.81 10.51 -20.52
C2 NAG F . -41.83 12.00 -20.18
C3 NAG F . -42.89 12.72 -21.01
C4 NAG F . -42.72 12.44 -22.50
C5 NAG F . -42.66 10.94 -22.74
C6 NAG F . -42.32 10.57 -24.17
C7 NAG F . -41.13 12.59 -17.91
C8 NAG F . -41.57 12.82 -16.49
N2 NAG F . -42.08 12.22 -18.76
O3 NAG F . -42.80 14.11 -20.71
O4 NAG F . -43.84 12.91 -23.25
O5 NAG F . -41.63 10.35 -21.92
O6 NAG F . -42.44 9.18 -24.40
O7 NAG F . -39.95 12.74 -18.24
C1 NAG F . -43.65 14.22 -23.81
C2 NAG F . -44.35 14.37 -25.16
C3 NAG F . -44.28 15.82 -25.65
C4 NAG F . -44.81 16.76 -24.59
C5 NAG F . -44.08 16.55 -23.28
C6 NAG F . -44.66 17.36 -22.15
C7 NAG F . -44.39 12.34 -26.54
C8 NAG F . -43.68 11.53 -27.57
N2 NAG F . -43.80 13.47 -26.15
O3 NAG F . -45.02 15.96 -26.85
O4 NAG F . -44.65 18.11 -25.02
O5 NAG F . -44.18 15.18 -22.88
O6 NAG F . -45.87 16.78 -21.68
O7 NAG F . -45.46 11.96 -26.05
C1 NAG G . 17.10 32.74 -30.27
C2 NAG G . 16.80 33.98 -29.44
C3 NAG G . 17.56 35.19 -29.97
C4 NAG G . 19.05 34.89 -30.11
C5 NAG G . 19.25 33.63 -30.93
C6 NAG G . 20.69 33.18 -30.99
C7 NAG G . 14.61 34.00 -28.32
C8 NAG G . 13.17 34.40 -28.44
N2 NAG G . 15.37 34.25 -29.38
O3 NAG G . 17.30 36.27 -29.08
O4 NAG G . 19.71 35.93 -30.83
O5 NAG G . 18.51 32.54 -30.34
O6 NAG G . 20.87 32.10 -31.88
O7 NAG G . 15.06 33.47 -27.30
C1 NAG G . 20.32 36.93 -29.99
C2 NAG G . 21.61 37.48 -30.60
C3 NAG G . 22.13 38.65 -29.77
C4 NAG G . 21.06 39.70 -29.59
C5 NAG G . 19.81 39.08 -28.99
C6 NAG G . 18.65 40.04 -28.91
C7 NAG G . 22.91 35.86 -31.90
C8 NAG G . 23.99 34.82 -31.85
N2 NAG G . 22.63 36.45 -30.74
O3 NAG G . 23.28 39.20 -30.41
O4 NAG G . 21.54 40.73 -28.73
O5 NAG G . 19.37 37.99 -29.80
O6 NAG G . 18.07 40.24 -30.19
O7 NAG G . 22.33 36.14 -32.94
C1 NAG H . 32.48 18.23 29.85
C2 NAG H . 31.65 19.39 30.37
C3 NAG H . 32.28 19.98 31.62
C4 NAG H . 32.55 18.91 32.68
C5 NAG H . 33.35 17.77 32.05
C6 NAG H . 33.53 16.60 32.99
C7 NAG H . 30.34 20.61 28.69
C8 NAG H . 30.34 21.75 27.72
N2 NAG H . 31.48 20.42 29.37
O3 NAG H . 31.41 20.99 32.12
O4 NAG H . 33.36 19.42 33.75
O5 NAG H . 32.68 17.28 30.90
O6 NAG H . 34.41 15.62 32.44
O7 NAG H . 29.36 19.90 28.84
C1 NAG H . 32.60 19.86 34.88
C2 NAG H . 33.35 19.62 36.20
C3 NAG H . 32.58 20.25 37.35
C4 NAG H . 32.33 21.73 37.09
C5 NAG H . 31.60 21.89 35.76
C6 NAG H . 31.45 23.35 35.36
C7 NAG H . 34.71 17.58 36.24
C8 NAG H . 34.74 16.11 36.54
N2 NAG H . 33.54 18.20 36.43
O3 NAG H . 33.34 20.10 38.56
O4 NAG H . 31.55 22.28 38.14
O5 NAG H . 32.36 21.27 34.71
O6 NAG H . 32.68 23.86 34.88
O7 NAG H . 35.70 18.18 35.82
C1 CLR I . -12.66 -20.25 20.68
C2 CLR I . -13.43 -19.01 21.03
C3 CLR I . -12.48 -17.98 21.56
C4 CLR I . -11.49 -17.61 20.44
C5 CLR I . -10.84 -18.84 19.87
C6 CLR I . -9.57 -18.77 19.54
C7 CLR I . -8.77 -19.95 19.13
C8 CLR I . -9.65 -21.00 18.47
C9 CLR I . -10.89 -21.28 19.31
C10 CLR I . -11.72 -19.99 19.52
C11 CLR I . -11.74 -22.36 18.68
C12 CLR I . -10.98 -23.64 18.48
C13 CLR I . -9.66 -23.42 17.70
C14 CLR I . -8.87 -22.31 18.43
C15 CLR I . -7.52 -22.33 17.72
C16 CLR I . -7.29 -23.83 17.49
C17 CLR I . -8.64 -24.57 17.74
C18 CLR I . -9.89 -23.01 16.23
C19 CLR I . -12.51 -19.62 18.26
C20 CLR I . -8.91 -25.75 16.75
C21 CLR I . -9.72 -26.87 17.42
C22 CLR I . -7.62 -26.37 16.20
C23 CLR I . -7.95 -27.28 15.01
C24 CLR I . -7.35 -28.67 15.21
C25 CLR I . -7.48 -29.50 13.92
C26 CLR I . -6.81 -30.86 14.12
C27 CLR I . -8.95 -29.69 13.56
O1 CLR I . -13.26 -16.88 21.87
C1 NAG J . 2.25 11.12 47.13
C2 NAG J . 1.69 12.44 47.66
C3 NAG J . 2.84 13.33 48.14
C4 NAG J . 3.67 12.60 49.19
C5 NAG J . 4.17 11.27 48.61
C6 NAG J . 4.91 10.43 49.62
C7 NAG J . -0.42 13.01 46.56
C8 NAG J . -1.08 13.78 45.44
N2 NAG J . 0.91 13.12 46.64
O3 NAG J . 2.29 14.52 48.71
O4 NAG J . 4.79 13.39 49.56
O5 NAG J . 3.05 10.49 48.15
O6 NAG J . 5.08 9.09 49.15
O7 NAG J . -1.07 12.33 47.34
C1 NAG K . -21.21 18.07 46.63
C2 NAG K . -20.15 18.80 45.75
C3 NAG K . -20.82 19.90 44.89
C4 NAG K . -22.07 19.38 44.20
C5 NAG K . -23.01 18.76 45.21
C6 NAG K . -24.27 18.20 44.61
C7 NAG K . -17.93 19.82 46.17
C8 NAG K . -17.03 20.40 47.21
N2 NAG K . -19.12 19.38 46.60
O3 NAG K . -19.90 20.34 43.90
O4 NAG K . -22.74 20.48 43.57
O5 NAG K . -22.33 17.66 45.82
O6 NAG K . -25.28 18.01 45.59
O7 NAG K . -17.60 19.74 44.99
C2 UMQ L . -12.65 -8.25 20.73
C4 UMQ L . -11.44 -6.53 22.00
C5 UMQ L . -11.82 -7.28 23.24
C6 UMQ L . -11.94 -6.30 24.37
O2 UMQ L . -12.51 -9.19 19.76
O4 UMQ L . -10.21 -5.98 22.28
C1 UMQ L . -13.00 -8.86 22.04
C3 UMQ L . -11.31 -7.56 20.87
O1 UMQ L . -11.92 -9.67 22.36
O3 UMQ L . -11.06 -6.82 19.75
O5 UMQ L . -13.07 -7.89 23.02
O6 UMQ L . -12.83 -6.83 25.29
C1' UMQ L . -11.37 -13.50 23.48
C2' UMQ L . -12.11 -13.32 22.15
C3' UMQ L . -11.83 -11.89 21.70
C4' UMQ L . -12.32 -10.92 22.77
C5' UMQ L . -11.58 -11.26 24.08
C6' UMQ L . -12.03 -10.37 25.21
O1' UMQ L . -11.67 -14.76 23.94
O3' UMQ L . -12.55 -11.64 20.55
O5' UMQ L . -11.92 -12.59 24.41
O6' UMQ L . -11.56 -10.95 26.36
O2' UMQ L . -11.54 -14.11 21.19
CA UMQ L . -10.86 -15.11 25.01
CB UMQ L . -10.16 -16.38 24.64
CC UMQ L . -10.70 -17.47 25.56
CD UMQ L . -10.65 -18.83 24.87
CF UMQ L . -9.28 -19.11 24.26
CG UMQ L . -9.41 -20.25 23.28
CH UMQ L . -9.54 -21.59 23.98
CI UMQ L . -8.21 -22.30 23.82
CJ UMQ L . -8.00 -22.78 22.40
CK UMQ L . -8.33 -24.25 22.35
CL UMQ L . -7.22 -25.06 22.97
C2 UMQ M . -37.31 -18.93 25.91
C4 UMQ M . -39.44 -20.11 25.57
C5 UMQ M . -39.01 -20.32 24.09
C6 UMQ M . -40.24 -20.40 23.17
O2 UMQ M . -36.18 -18.85 26.70
O4 UMQ M . -40.21 -21.20 25.92
C1 UMQ M . -36.97 -19.20 24.44
C3 UMQ M . -38.15 -20.10 26.43
O1 UMQ M . -36.34 -20.48 24.39
O3 UMQ M . -38.54 -19.86 27.74
O5 UMQ M . -38.15 -19.27 23.69
O6 UMQ M . -40.25 -19.24 22.39
C1' UMQ M . -33.16 -22.16 22.51
C2' UMQ M . -32.85 -20.74 23.00
C3' UMQ M . -33.98 -20.30 23.98
C4' UMQ M . -35.41 -20.56 23.36
C5' UMQ M . -35.44 -22.02 22.79
C6' UMQ M . -36.76 -22.33 22.08
O1' UMQ M . -32.20 -22.50 21.59
O3' UMQ M . -33.86 -18.94 24.21
O5' UMQ M . -34.40 -22.11 21.83
O6' UMQ M . -37.51 -23.13 22.94
O2' UMQ M . -31.72 -20.76 23.78
CA UMQ M . -31.50 -23.65 22.02
CB UMQ M . -30.11 -23.61 21.43
CC UMQ M . -30.30 -23.39 19.95
CD UMQ M . -29.15 -22.63 19.37
CF UMQ M . -27.91 -23.47 19.35
CG UMQ M . -26.88 -22.80 18.50
CH UMQ M . -27.18 -22.94 17.04
CI UMQ M . -26.11 -22.21 16.26
CJ UMQ M . -24.76 -22.83 16.49
CK UMQ M . -23.92 -22.61 15.25
CL UMQ M . -22.55 -23.21 15.43
O1 UMQ N . -6.97 -11.56 30.55
C1' UMQ N . -7.21 -12.28 26.53
C2' UMQ N . -8.35 -12.92 27.36
C3' UMQ N . -8.35 -12.23 28.75
C4' UMQ N . -6.94 -12.33 29.39
C5' UMQ N . -5.88 -11.74 28.40
C6' UMQ N . -4.48 -11.88 28.97
O1' UMQ N . -7.16 -12.88 25.29
O3' UMQ N . -9.25 -12.88 29.59
O5' UMQ N . -5.96 -12.52 27.21
O6' UMQ N . -3.74 -10.79 28.52
O2' UMQ N . -9.56 -12.58 26.82
CA UMQ N . -6.54 -14.13 25.32
CB UMQ N . -6.22 -14.55 23.92
CC UMQ N . -6.28 -16.06 23.92
CD UMQ N . -5.48 -16.62 22.77
CF UMQ N . -6.26 -17.72 22.08
CG UMQ N . -5.30 -18.85 21.77
CH UMQ N . -5.15 -19.06 20.28
CI UMQ N . -4.18 -20.22 20.08
CJ UMQ N . -4.74 -21.52 20.63
CK UMQ N . -4.00 -22.67 19.97
CL UMQ N . -4.72 -23.98 20.21
C2 UMQ O . -17.44 -14.10 33.76
C4 UMQ O . -18.14 -12.14 32.29
C5 UMQ O . -16.77 -12.34 31.60
C6 UMQ O . -16.22 -11.06 30.98
O2 UMQ O . -17.84 -15.35 34.15
O4 UMQ O . -19.03 -11.73 31.32
C1 UMQ O . -16.16 -14.14 32.92
C3 UMQ O . -18.59 -13.52 32.90
O1 UMQ O . -16.48 -14.84 31.73
O3 UMQ O . -19.69 -13.26 33.70
O5 UMQ O . -15.86 -12.82 32.55
O6 UMQ O . -14.84 -11.10 31.13
C1' UMQ O . -13.62 -17.30 29.80
C2' UMQ O . -13.00 -15.92 30.30
C3' UMQ O . -13.99 -15.04 31.18
C4' UMQ O . -15.43 -15.63 31.10
C5' UMQ O . -15.30 -17.05 31.66
C6' UMQ O . -16.63 -17.65 32.08
O1' UMQ O . -14.03 -17.13 28.50
O3' UMQ O . -13.98 -13.73 30.73
O5' UMQ O . -14.77 -17.84 30.58
O6' UMQ O . -16.49 -19.04 32.02
O2' UMQ O . -11.89 -16.17 31.11
CA UMQ O . -14.80 -18.21 28.05
CB UMQ O . -14.48 -18.49 26.60
CC UMQ O . -15.41 -19.59 26.19
CD UMQ O . -15.00 -20.16 24.86
CF UMQ O . -13.87 -21.15 25.02
CG UMQ O . -14.23 -22.41 24.26
CH UMQ O . -13.02 -23.11 23.69
CI UMQ O . -13.49 -24.33 22.95
CJ UMQ O . -12.36 -25.26 22.61
CK UMQ O . -12.88 -26.31 21.63
CL UMQ O . -11.80 -27.32 21.26
O1 UMQ P . -2.11 -10.52 26.91
C1' UMQ P . -2.52 -11.82 23.09
C2' UMQ P . -2.16 -12.93 24.08
C3' UMQ P . -2.55 -12.36 25.46
C4' UMQ P . -1.68 -11.11 25.72
C5' UMQ P . -1.86 -10.08 24.55
C6' UMQ P . -0.91 -8.91 24.69
O1' UMQ P . -2.36 -12.30 21.81
O3' UMQ P . -2.26 -13.29 26.43
O5' UMQ P . -1.59 -10.77 23.32
O6' UMQ P . -1.63 -7.89 25.28
O2' UMQ P . -2.96 -14.04 23.89
CA UMQ P . -3.58 -12.25 21.11
CB UMQ P . -3.37 -12.87 19.74
CC UMQ P . -3.18 -14.35 19.98
CD UMQ P . -3.68 -15.14 18.80
CF UMQ P . -2.58 -15.38 17.78
CG UMQ P . -2.25 -16.87 17.75
CH UMQ P . -2.05 -17.38 16.33
CI UMQ P . -1.86 -18.90 16.43
CJ UMQ P . -2.69 -19.67 15.41
CK UMQ P . -3.30 -20.88 16.11
CL UMQ P . -3.98 -21.81 15.13
C2 UMQ Q . 7.87 -9.21 25.71
C4 UMQ Q . 5.71 -9.05 26.96
C5 UMQ Q . 5.57 -10.62 26.96
C6 UMQ Q . 4.26 -11.03 26.30
O2 UMQ Q . 9.19 -9.46 26.01
O4 UMQ Q . 5.08 -8.57 28.10
C1 UMQ Q . 7.12 -10.48 25.19
C3 UMQ Q . 7.22 -8.71 27.02
O1 UMQ Q . 7.93 -11.23 24.24
O3 UMQ Q . 7.32 -7.34 27.13
O5 UMQ Q . 6.66 -11.24 26.28
O6 UMQ Q . 3.22 -10.44 27.03
C1' UMQ Q . 9.39 -14.88 23.37
C2' UMQ Q . 8.19 -14.98 24.33
C3' UMQ Q . 7.48 -13.60 24.22
C4' UMQ Q . 8.48 -12.46 24.67
C5' UMQ Q . 9.85 -12.63 23.88
C6' UMQ Q . 10.95 -11.77 24.48
O1' UMQ Q . 10.00 -16.11 23.34
O3' UMQ Q . 6.39 -13.57 25.07
O5' UMQ Q . 10.29 -13.99 23.97
O6' UMQ Q . 12.12 -12.10 23.82
O2' UMQ Q . 7.26 -15.90 23.86
CA UMQ Q . 10.32 -16.50 22.02
CB UMQ Q . 9.14 -17.22 21.41
CC UMQ Q . 9.63 -18.53 20.83
CD UMQ Q . 9.23 -19.70 21.72
CF UMQ Q . 8.55 -20.81 20.91
CG UMQ Q . 9.62 -21.69 20.28
CH UMQ Q . 9.72 -23.06 20.94
CI UMQ Q . 11.01 -23.73 20.49
CJ UMQ Q . 10.76 -24.78 19.43
CK UMQ Q . 10.93 -26.17 20.06
CL UMQ Q . 10.73 -27.27 19.03
O1 UMQ R . -7.55 -41.99 4.71
C1' UMQ R . -7.42 -37.91 4.03
C2' UMQ R . -6.89 -38.80 2.87
C3' UMQ R . -7.36 -40.27 3.10
C4' UMQ R . -7.02 -40.71 4.54
C5' UMQ R . -7.71 -39.73 5.51
C6' UMQ R . -7.53 -40.18 6.95
O1' UMQ R . -6.81 -36.68 3.92
O3' UMQ R . -6.66 -41.11 2.25
O5' UMQ R . -7.06 -38.47 5.30
O6' UMQ R . -7.90 -41.53 7.00
O2' UMQ R . -7.50 -38.45 1.69
CA UMQ R . -7.72 -35.70 3.47
CB UMQ R . -7.03 -34.67 2.61
CC UMQ R . -6.70 -33.49 3.49
CD UMQ R . -7.95 -32.69 3.83
CF UMQ R . -7.60 -31.48 4.71
CG UMQ R . -7.05 -30.36 3.83
CH UMQ R . -7.74 -29.02 4.06
CI UMQ R . -7.00 -28.26 5.12
CJ UMQ R . -7.69 -26.95 5.47
CK UMQ R . -7.06 -26.32 6.71
CL UMQ R . -7.18 -27.22 7.92
O1 UMQ S . -1.82 -44.14 5.20
C1' UMQ S . -2.49 -40.30 6.49
C2' UMQ S . -1.18 -40.95 6.98
C3' UMQ S . -0.89 -42.11 6.00
C4' UMQ S . -2.07 -43.11 6.10
C5' UMQ S . -3.39 -42.36 5.71
C6' UMQ S . -4.61 -43.27 5.86
O1' UMQ S . -2.77 -39.26 7.33
O3' UMQ S . 0.28 -42.76 6.37
O5' UMQ S . -3.54 -41.27 6.62
O6' UMQ S . -4.50 -44.29 4.92
O2' UMQ S . -0.12 -40.07 6.81
CA UMQ S . -4.06 -38.76 7.13
CB UMQ S . -4.15 -37.42 7.80
CC UMQ S . -3.08 -36.56 7.17
CD UMQ S . -3.44 -35.09 7.32
CF UMQ S . -4.12 -34.56 6.09
CG UMQ S . -4.35 -33.07 6.26
CH UMQ S . -3.05 -32.30 6.25
CI UMQ S . -2.96 -31.52 4.94
CJ UMQ S . -1.62 -30.81 4.81
CK UMQ S . -1.52 -29.76 5.91
CL UMQ S . -0.18 -29.80 6.61
C2 UMQ T . -25.23 -12.76 3.51
C4 UMQ T . -26.66 -11.44 1.93
C5 UMQ T . -26.71 -12.65 0.92
C6 UMQ T . -26.17 -12.23 -0.44
O2 UMQ T . -25.43 -13.72 4.48
O4 UMQ T . -27.83 -10.71 1.78
C1 UMQ T . -24.82 -13.36 2.14
C3 UMQ T . -26.58 -12.02 3.36
O1 UMQ T . -23.81 -14.42 2.28
O3 UMQ T . -26.63 -10.94 4.23
O5 UMQ T . -25.95 -13.76 1.42
O6 UMQ T . -26.98 -11.18 -0.89
C1' UMQ T . -22.92 -18.23 1.35
C2' UMQ T . -23.97 -17.65 0.39
C3' UMQ T . -23.90 -16.12 0.59
C4' UMQ T . -24.22 -15.75 2.08
C5' UMQ T . -23.34 -16.64 3.04
C6' UMQ T . -23.81 -16.57 4.48
O1' UMQ T . -22.86 -19.59 1.16
O3' UMQ T . -24.84 -15.50 -0.23
O5' UMQ T . -23.41 -18.02 2.65
O6' UMQ T . -23.07 -17.50 5.20
O2' UMQ T . -23.61 -17.87 -0.93
CA UMQ T . -21.54 -20.06 1.09
CB UMQ T . -21.05 -19.96 -0.34
CC UMQ T . -20.46 -21.31 -0.73
CD UMQ T . -21.41 -22.08 -1.65
CF UMQ T . -20.69 -22.58 -2.89
CG UMQ T . -20.00 -23.89 -2.57
CH UMQ T . -20.68 -25.10 -3.21
CI UMQ T . -20.14 -26.36 -2.56
CJ UMQ T . -19.12 -27.07 -3.44
CK UMQ T . -19.78 -28.32 -4.04
CL UMQ T . -18.80 -29.09 -4.92
CA CA U . 3.16 -9.77 -3.20
C1 CLR V . -22.26 -10.13 -20.01
C2 CLR V . -22.63 -8.68 -19.91
C3 CLR V . -23.06 -8.38 -18.50
C4 CLR V . -21.84 -8.61 -17.58
C5 CLR V . -21.25 -9.97 -17.79
C6 CLR V . -20.81 -10.62 -16.73
C7 CLR V . -20.37 -12.03 -16.79
C8 CLR V . -19.82 -12.39 -18.15
C9 CLR V . -20.76 -11.93 -19.25
C10 CLR V . -21.01 -10.41 -19.19
C11 CLR V . -20.23 -12.33 -20.62
C12 CLR V . -20.00 -13.82 -20.73
C13 CLR V . -19.11 -14.35 -19.59
C14 CLR V . -19.74 -13.91 -18.25
C15 CLR V . -18.93 -14.66 -17.22
C16 CLR V . -18.71 -16.03 -17.90
C17 CLR V . -19.10 -15.89 -19.40
C18 CLR V . -17.66 -13.85 -19.67
C19 CLR V . -19.81 -9.63 -19.73
C20 CLR V . -18.17 -16.68 -20.37
C21 CLR V . -18.93 -17.15 -21.61
C22 CLR V . -17.52 -17.91 -19.70
C23 CLR V . -16.40 -18.43 -20.60
C24 CLR V . -16.57 -19.92 -20.87
C25 CLR V . -15.32 -20.50 -21.56
C26 CLR V . -15.49 -21.99 -21.76
C27 CLR V . -15.09 -19.83 -22.90
O1 CLR V . -23.41 -7.04 -18.49
C1 NAG W . -46.53 6.62 12.18
C2 NAG W . -47.06 8.00 12.53
C3 NAG W . -47.42 8.08 14.00
C4 NAG W . -48.40 6.97 14.36
C5 NAG W . -47.82 5.62 13.98
C6 NAG W . -48.78 4.48 14.19
C7 NAG W . -46.12 9.70 11.02
C8 NAG W . -45.05 10.73 10.82
N2 NAG W . -46.09 9.03 12.17
O3 NAG W . -48.00 9.35 14.29
O4 NAG W . -48.67 6.98 15.76
O5 NAG W . -47.49 5.62 12.58
O6 NAG W . -48.34 3.29 13.53
O7 NAG W . -46.98 9.48 10.16
C1 NAG X . -47.84 25.61 -3.18
C2 NAG X . -46.85 25.64 -1.97
C3 NAG X . -46.02 26.95 -1.98
C4 NAG X . -45.44 27.26 -3.35
C5 NAG X . -46.55 27.24 -4.39
C6 NAG X . -46.07 27.51 -5.79
C7 NAG X . -47.05 25.22 0.47
C8 NAG X . -47.99 25.15 1.62
N2 NAG X . -47.60 25.52 -0.73
O3 NAG X . -44.94 26.82 -1.05
O4 NAG X . -44.84 28.55 -3.33
O5 NAG X . -47.13 25.93 -4.39
O6 NAG X . -47.14 27.89 -6.63
O7 NAG X . -45.85 25.00 0.60
C2 UMQ Y . -21.99 -0.23 -13.21
C4 UMQ Y . -23.10 0.47 -11.14
C5 UMQ Y . -24.40 0.03 -11.78
C6 UMQ Y . -25.51 0.88 -11.22
O2 UMQ Y . -21.03 -1.07 -13.71
O4 UMQ Y . -23.27 0.22 -9.80
C1 UMQ Y . -23.34 -0.58 -13.74
C3 UMQ Y . -22.00 -0.43 -11.71
O1 UMQ Y . -23.59 -1.87 -13.29
O3 UMQ Y . -20.83 0.07 -11.19
O5 UMQ Y . -24.30 0.23 -13.16
O6 UMQ Y . -26.51 0.92 -12.18
C1' UMQ Y . -24.76 -5.36 -14.90
C2' UMQ Y . -23.49 -4.76 -15.51
C3' UMQ Y . -22.97 -3.73 -14.52
C4' UMQ Y . -24.06 -2.67 -14.29
C5' UMQ Y . -25.32 -3.41 -13.75
C6' UMQ Y . -26.45 -2.45 -13.52
O1' UMQ Y . -25.27 -6.24 -15.82
O3' UMQ Y . -21.88 -3.09 -15.07
O5' UMQ Y . -25.70 -4.32 -14.75
O6' UMQ Y . -27.57 -3.23 -13.37
O2' UMQ Y . -22.50 -5.71 -15.58
CA UMQ Y . -26.28 -7.02 -15.26
CB UMQ Y . -25.89 -8.46 -15.44
CC UMQ Y . -26.87 -9.08 -16.42
CD UMQ Y . -26.21 -10.20 -17.21
CF UMQ Y . -25.50 -11.19 -16.28
CG UMQ Y . -24.56 -12.03 -17.12
CH UMQ Y . -25.31 -13.08 -17.92
CI UMQ Y . -25.06 -14.42 -17.24
CJ UMQ Y . -23.64 -14.89 -17.46
CK UMQ Y . -23.66 -15.92 -18.58
CL UMQ Y . -24.20 -17.22 -18.07
C2 UMQ Z . -29.52 4.75 -39.05
C4 UMQ Z . -29.39 4.99 -41.49
C5 UMQ Z . -27.89 4.61 -41.39
C6 UMQ Z . -27.08 5.27 -42.51
O2 UMQ Z . -30.21 4.15 -38.01
O4 UMQ Z . -29.84 4.53 -42.71
C1 UMQ Z . -28.04 4.37 -39.06
C3 UMQ Z . -30.13 4.24 -40.35
O1 UMQ Z . -27.97 2.98 -39.26
O3 UMQ Z . -31.47 4.63 -40.44
O5 UMQ Z . -27.39 5.01 -40.13
O6 UMQ Z . -26.28 6.26 -41.94
C1' UMQ Z . -25.86 -0.17 -37.75
C2' UMQ Z . -26.29 0.82 -36.65
C3' UMQ Z . -27.34 1.79 -37.26
C4' UMQ Z . -26.85 2.39 -38.62
C5' UMQ Z . -26.33 1.24 -39.53
C6' UMQ Z . -25.75 1.75 -40.85
O1' UMQ Z . -24.88 -0.97 -37.24
O3' UMQ Z . -27.53 2.84 -36.37
O5' UMQ Z . -25.30 0.60 -38.80
O6' UMQ Z . -26.69 1.48 -41.84
O2' UMQ Z . -26.96 0.13 -35.67
CA UMQ Z . -25.27 -2.32 -37.28
CB UMQ Z . -24.56 -3.06 -36.16
CC UMQ Z . -23.11 -2.73 -36.32
CD UMQ Z . -22.41 -2.74 -34.99
CF UMQ Z . -22.30 -4.13 -34.46
CG UMQ Z . -21.35 -4.13 -33.30
CH UMQ Z . -19.92 -4.04 -33.75
CI UMQ Z . -19.05 -4.03 -32.53
CJ UMQ Z . -19.17 -5.30 -31.75
CK UMQ Z . -17.86 -5.56 -31.04
CL UMQ Z . -17.95 -6.84 -30.25
O1 UMQ AA . -31.37 -6.44 -9.60
C1' UMQ AA . -27.41 -6.79 -10.54
C2' UMQ AA . -28.35 -6.70 -11.76
C3' UMQ AA . -29.71 -6.16 -11.26
C4' UMQ AA . -30.23 -7.06 -10.11
C5' UMQ AA . -29.14 -7.15 -8.99
C6' UMQ AA . -29.59 -8.07 -7.87
O1' UMQ AA . -26.18 -7.27 -10.94
O3' UMQ AA . -30.64 -6.22 -12.30
O5' UMQ AA . -27.98 -7.70 -9.58
O6' UMQ AA . -29.06 -7.57 -6.68
O2' UMQ AA . -27.90 -5.71 -12.61
CA UMQ AA . -26.20 -8.66 -11.14
CB UMQ AA . -24.78 -9.15 -11.22
CC UMQ AA . -24.82 -10.36 -12.13
CD UMQ AA . -23.63 -11.25 -11.89
CF UMQ AA . -23.04 -11.70 -13.21
CG UMQ AA . -22.67 -13.16 -13.08
CH UMQ AA . -21.19 -13.39 -13.20
CI UMQ AA . -20.93 -14.87 -13.08
CJ UMQ AA . -21.55 -15.64 -14.23
CK UMQ AA . -20.87 -17.00 -14.33
CL UMQ AA . -21.20 -17.68 -15.64
C2 UMQ BA . -35.52 -2.70 -19.34
C4 UMQ BA . -34.08 -0.65 -18.93
C5 UMQ BA . -33.27 -1.57 -18.00
C6 UMQ BA . -32.58 -0.81 -16.86
O2 UMQ BA . -35.98 -3.53 -20.35
O4 UMQ BA . -33.17 0.22 -19.52
C1 UMQ BA . -34.58 -3.44 -18.39
C3 UMQ BA . -34.75 -1.55 -20.04
O1 UMQ BA . -33.45 -3.80 -19.15
O3 UMQ BA . -35.64 -0.74 -20.72
O5 UMQ BA . -34.15 -2.50 -17.44
O6 UMQ BA . -32.61 -1.63 -15.75
C1' UMQ BA . -31.34 -7.40 -18.36
C2' UMQ BA . -31.76 -6.62 -17.03
C3' UMQ BA . -32.69 -5.36 -17.27
C4' UMQ BA . -32.74 -5.02 -18.78
C5' UMQ BA . -33.33 -6.29 -19.44
C6' UMQ BA . -33.88 -6.04 -20.84
O1' UMQ BA . -30.07 -6.98 -18.71
O3' UMQ BA . -32.20 -4.28 -16.56
O5' UMQ BA . -32.23 -7.20 -19.54
O6' UMQ BA . -33.84 -7.26 -21.52
O2' UMQ BA . -32.47 -7.47 -16.19
CA UMQ BA . -29.71 -7.43 -19.98
CB UMQ BA . -28.26 -7.79 -20.00
CC UMQ BA . -27.95 -8.18 -21.43
CD UMQ BA . -26.61 -8.84 -21.52
CF UMQ BA . -26.70 -10.31 -21.14
CG UMQ BA . -26.01 -11.11 -22.21
CH UMQ BA . -25.35 -12.36 -21.66
CI UMQ BA . -24.68 -13.08 -22.81
CJ UMQ BA . -24.28 -14.48 -22.44
CK UMQ BA . -23.38 -15.03 -23.53
CL UMQ BA . -22.94 -16.46 -23.25
O1 UMQ CA . -27.31 -8.23 -5.33
C1' UMQ CA . -23.57 -8.97 -6.72
C2' UMQ CA . -24.55 -10.11 -6.98
C3' UMQ CA . -25.95 -9.46 -6.85
C4' UMQ CA . -26.10 -8.92 -5.39
C5' UMQ CA . -24.93 -7.94 -5.08
C6' UMQ CA . -24.95 -7.52 -3.63
O1' UMQ CA . -22.30 -9.41 -6.96
O3' UMQ CA . -26.92 -10.41 -7.06
O5' UMQ CA . -23.70 -8.63 -5.34
O6' UMQ CA . -25.57 -6.29 -3.58
O2' UMQ CA . -24.46 -10.57 -8.27
CA UMQ CA . -21.70 -8.67 -8.00
CB UMQ CA . -20.34 -9.27 -8.29
CC UMQ CA . -20.59 -10.60 -8.95
CD UMQ CA . -19.48 -10.94 -9.91
CF UMQ CA . -18.37 -11.73 -9.22
CG UMQ CA . -18.36 -13.13 -9.81
CH UMQ CA . -16.95 -13.65 -10.05
CI UMQ CA . -17.06 -15.00 -10.74
CJ UMQ CA . -16.13 -15.14 -11.94
CK UMQ CA . -16.92 -15.81 -13.07
CL UMQ CA . -16.03 -16.17 -14.24
O1 UMQ DA . -6.47 -30.52 -29.45
C1' UMQ DA . -5.68 -27.20 -27.10
C2' UMQ DA . -4.51 -28.21 -27.27
C3' UMQ DA . -4.81 -29.17 -28.46
C4' UMQ DA . -6.22 -29.75 -28.30
C5' UMQ DA . -7.22 -28.58 -28.23
C6' UMQ DA . -8.66 -29.10 -28.22
O1' UMQ DA . -5.49 -26.53 -25.91
O3' UMQ DA . -3.92 -30.22 -28.44
O5' UMQ DA . -6.93 -27.90 -27.01
O6' UMQ DA . -8.78 -30.00 -29.28
O2' UMQ DA . -3.36 -27.55 -27.66
CA UMQ DA . -5.09 -25.20 -26.15
CB UMQ DA . -4.15 -24.72 -25.07
CC UMQ DA . -4.97 -23.95 -24.06
CD UMQ DA . -5.39 -22.59 -24.59
CF UMQ DA . -6.20 -21.81 -23.56
CG UMQ DA . -5.25 -21.19 -22.54
CH UMQ DA . -5.50 -19.69 -22.35
CI UMQ DA . -6.48 -19.51 -21.20
CJ UMQ DA . -6.86 -18.05 -21.00
CK UMQ DA . -8.01 -17.92 -20.03
CL UMQ DA . -9.26 -18.63 -20.54
O1 UMQ EA . -6.51 -35.54 -25.93
C1' UMQ EA . -7.77 -32.03 -24.19
C2' UMQ EA . -8.16 -33.31 -23.44
C3' UMQ EA . -7.20 -34.41 -23.94
C4' UMQ EA . -7.42 -34.58 -25.47
C5' UMQ EA . -7.13 -33.20 -26.16
C6' UMQ EA . -7.40 -33.26 -27.67
O1' UMQ EA . -8.61 -31.03 -23.75
O3' UMQ EA . -7.49 -35.62 -23.33
O5' UMQ EA . -8.02 -32.24 -25.59
O6' UMQ EA . -6.48 -34.14 -28.23
O2' UMQ EA . -7.89 -33.18 -22.08
CA UMQ EA . -8.50 -29.89 -24.56
CB UMQ EA . -9.14 -28.75 -23.82
CC UMQ EA . -8.41 -28.62 -22.50
CD UMQ EA . -8.55 -27.21 -21.95
CF UMQ EA . -7.36 -26.35 -22.33
CG UMQ EA . -7.52 -25.02 -21.65
CH UMQ EA . -7.37 -25.11 -20.15
CI UMQ EA . -6.04 -24.48 -19.74
CJ UMQ EA . -5.78 -24.64 -18.26
CK UMQ EA . -6.84 -23.87 -17.48
CL UMQ EA . -7.42 -24.68 -16.35
C1 CLR FA . 17.74 4.67 -25.75
C2 CLR FA . 17.64 6.08 -25.24
C3 CLR FA . 16.21 6.52 -25.30
C4 CLR FA . 15.39 5.63 -24.36
C5 CLR FA . 15.62 4.18 -24.65
C6 CLR FA . 14.58 3.36 -24.56
C7 CLR FA . 14.64 1.95 -25.00
C8 CLR FA . 16.04 1.38 -24.86
C9 CLR FA . 17.06 2.32 -25.47
C10 CLR FA . 17.02 3.71 -24.82
C11 CLR FA . 18.46 1.72 -25.38
C12 CLR FA . 18.55 0.37 -26.03
C13 CLR FA . 17.47 -0.60 -25.51
C14 CLR FA . 16.10 0.09 -25.66
C15 CLR FA . 15.12 -1.02 -25.32
C16 CLR FA . 15.78 -2.26 -25.96
C17 CLR FA . 17.24 -1.88 -26.35
C18 CLR FA . 17.70 -1.00 -24.04
C19 CLR FA . 17.68 3.71 -23.44
C20 CLR FA . 18.27 -3.03 -26.10
C21 CLR FA . 19.43 -2.96 -27.11
C22 CLR FA . 17.63 -4.43 -26.21
C23 CLR FA . 18.60 -5.47 -25.65
C24 CLR FA . 18.82 -6.59 -26.66
C25 CLR FA . 19.60 -7.76 -26.02
C26 CLR FA . 19.74 -8.89 -27.02
C27 CLR FA . 20.98 -7.30 -25.56
O1 CLR FA . 16.21 7.82 -24.83
C1 NAG GA . -15.98 31.29 -33.48
C2 NAG GA . -16.33 32.73 -33.11
C3 NAG GA . -17.83 32.97 -33.24
C4 NAG GA . -18.31 32.58 -34.64
C5 NAG GA . -17.91 31.15 -34.95
C6 NAG GA . -18.23 30.74 -36.37
C7 NAG GA . -14.71 33.66 -31.53
C8 NAG GA . -14.39 33.91 -30.08
N2 NAG GA . -15.87 33.05 -31.77
O3 NAG GA . -18.13 34.33 -32.98
O4 NAG GA . -19.72 32.71 -34.72
O5 NAG GA . -16.49 31.00 -34.80
O6 NAG GA . -17.58 29.54 -36.73
O7 NAG GA . -13.94 33.98 -32.41
C1 NAG HA . -0.28 48.14 -25.22
C2 NAG HA . -1.40 47.58 -24.29
C3 NAG HA . -1.29 48.19 -22.88
C4 NAG HA . 0.14 48.16 -22.35
C5 NAG HA . 1.07 48.79 -23.36
C6 NAG HA . 2.52 48.79 -22.94
C7 NAG HA . -3.85 47.28 -24.48
C8 NAG HA . -5.09 47.73 -25.19
N2 NAG HA . -2.71 47.87 -24.87
O3 NAG HA . -2.11 47.45 -21.98
O4 NAG HA . 0.21 48.89 -21.13
O5 NAG HA . 0.99 48.04 -24.57
O6 NAG HA . 3.28 49.74 -23.68
O7 NAG HA . -3.88 46.42 -23.61
C2 UMQ IA . 11.26 12.52 -19.38
C4 UMQ IA . 9.12 13.67 -19.72
C5 UMQ IA . 9.62 14.05 -21.08
C6 UMQ IA . 9.00 15.36 -21.47
O2 UMQ IA . 11.82 11.30 -19.10
O4 UMQ IA . 7.77 13.52 -19.88
C1 UMQ IA . 11.66 13.00 -20.73
C3 UMQ IA . 9.75 12.32 -19.37
O1 UMQ IA . 11.15 12.07 -21.62
O3 UMQ IA . 9.36 12.06 -18.08
O5 UMQ IA . 11.02 14.19 -21.01
O6 UMQ IA . 9.87 15.97 -22.35
C1' UMQ IA . 12.56 9.88 -24.69
C2' UMQ IA . 13.30 9.68 -23.37
C3' UMQ IA . 12.38 10.21 -22.27
C4' UMQ IA . 12.08 11.70 -22.56
C5' UMQ IA . 11.42 11.78 -23.95
C6' UMQ IA . 11.12 13.19 -24.33
O1' UMQ IA . 13.40 9.47 -25.68
O3' UMQ IA . 13.04 10.14 -21.06
O5' UMQ IA . 12.36 11.27 -24.86
O6' UMQ IA . 10.84 13.19 -25.67
O2' UMQ IA . 13.43 8.34 -23.08
CA UMQ IA . 12.75 9.38 -26.91
CB UMQ IA . 12.91 7.97 -27.40
CC UMQ IA . 13.79 8.04 -28.64
CD UMQ IA . 14.60 6.76 -28.80
CF UMQ IA . 13.72 5.52 -28.69
CG UMQ IA . 14.60 4.31 -28.47
CH UMQ IA . 15.31 3.89 -29.75
CI UMQ IA . 14.62 2.62 -30.23
CJ UMQ IA . 14.95 1.45 -29.35
CK UMQ IA . 16.04 0.63 -30.04
CL UMQ IA . 15.44 -0.16 -31.18
C2 UMQ JA . 36.46 21.56 -25.02
C4 UMQ JA . 38.92 21.74 -25.00
C5 UMQ JA . 38.93 20.59 -23.97
C6 UMQ JA . 40.15 20.70 -23.03
O2 UMQ JA . 35.35 21.43 -25.83
O4 UMQ JA . 40.08 21.65 -25.73
C1 UMQ JA . 36.59 20.42 -24.02
C3 UMQ JA . 37.70 21.53 -25.92
O1 UMQ JA . 36.76 19.22 -24.77
O3 UMQ JA . 37.67 22.59 -26.82
O5 UMQ JA . 37.73 20.60 -23.22
O6 UMQ JA . 39.67 21.06 -21.76
C1' UMQ JA . 35.36 15.41 -24.67
C2' UMQ JA . 34.26 16.43 -24.37
C3' UMQ JA . 34.79 17.84 -24.74
C4' UMQ JA . 36.22 18.10 -24.12
C5' UMQ JA . 37.14 16.87 -24.42
C6' UMQ JA . 38.50 17.01 -23.77
O1' UMQ JA . 34.91 14.17 -24.26
O3' UMQ JA . 33.92 18.78 -24.23
O5' UMQ JA . 36.48 15.74 -23.86
O6' UMQ JA . 39.40 17.34 -24.78
O2' UMQ JA . 33.20 16.22 -25.23
CA UMQ JA . 34.88 13.28 -25.35
CB UMQ JA . 33.82 12.25 -25.09
CC UMQ JA . 34.11 11.70 -23.71
CD UMQ JA . 32.85 11.27 -23.04
CF UMQ JA . 32.29 10.04 -23.68
CG UMQ JA . 31.21 9.47 -22.80
CH UMQ JA . 31.79 8.77 -21.61
CI UMQ JA . 30.65 8.24 -20.78
CJ UMQ JA . 29.83 7.23 -21.53
CK UMQ JA . 29.23 6.27 -20.54
CL UMQ JA . 28.40 5.24 -21.26
O1 UMQ KA . 6.66 12.56 -30.26
C1' UMQ KA . 7.94 10.08 -27.30
C2' UMQ KA . 9.09 10.72 -28.12
C3' UMQ KA . 8.49 11.91 -28.89
C4' UMQ KA . 7.26 11.43 -29.73
C5' UMQ KA . 6.24 10.71 -28.78
C6' UMQ KA . 5.06 10.17 -29.57
O1' UMQ KA . 8.45 9.00 -26.59
O3' UMQ KA . 9.44 12.41 -29.78
O5' UMQ KA . 6.92 9.62 -28.19
O6' UMQ KA . 3.94 10.25 -28.75
O2' UMQ KA . 9.99 11.30 -27.27
CA UMQ KA . 8.60 7.87 -27.40
CB UMQ KA . 8.79 6.67 -26.52
CC UMQ KA . 9.66 5.71 -27.31
CD UMQ KA . 9.50 4.30 -26.80
CF UMQ KA . 10.85 3.64 -26.69
CG UMQ KA . 10.72 2.22 -27.20
CH UMQ KA . 10.96 1.20 -26.11
CI UMQ KA . 10.82 -0.18 -26.73
CJ UMQ KA . 11.90 -0.43 -27.78
CK UMQ KA . 12.01 -1.94 -27.98
CL UMQ KA . 13.27 -2.28 -28.75
C2 UMQ LA . 16.12 18.25 -32.44
C4 UMQ LA . 15.89 19.12 -30.06
C5 UMQ LA . 15.00 17.88 -29.82
C6 UMQ LA . 13.95 18.10 -28.73
O2 UMQ LA . 17.06 17.86 -33.36
O4 UMQ LA . 16.58 19.35 -28.87
C1 UMQ LA . 15.23 17.09 -31.99
C3 UMQ LA . 16.91 18.78 -31.21
O1 UMQ LA . 16.07 16.17 -31.33
O3 UMQ LA . 17.54 19.98 -31.54
O5 UMQ LA . 14.35 17.59 -31.03
O6 UMQ LA . 12.82 17.40 -29.11
C1' UMQ LA . 15.38 11.99 -31.55
C2' UMQ LA . 14.03 12.83 -31.33
C3' UMQ LA . 14.22 14.40 -31.42
C4' UMQ LA . 15.75 14.75 -31.40
C5' UMQ LA . 16.30 14.05 -32.65
C6' UMQ LA . 17.65 14.61 -33.09
O1' UMQ LA . 15.84 11.63 -30.30
O3' UMQ LA . 13.60 15.00 -30.34
O5' UMQ LA . 16.48 12.68 -32.27
O6' UMQ LA . 18.30 13.60 -33.81
O2' UMQ LA . 13.12 12.51 -32.32
CA UMQ LA . 17.14 11.09 -30.37
CB UMQ LA . 17.27 9.98 -29.38
CC UMQ LA . 18.71 9.53 -29.47
CD UMQ LA . 18.89 8.22 -28.74
CF UMQ LA . 18.47 7.06 -29.61
CG UMQ LA . 19.57 6.03 -29.58
CH UMQ LA . 19.05 4.61 -29.70
CI UMQ LA . 20.23 3.68 -29.66
CJ UMQ LA . 19.86 2.27 -30.08
CK UMQ LA . 21.01 1.35 -29.73
CL UMQ LA . 20.73 -0.08 -30.17
O1 UMQ MA . 2.73 8.69 -27.56
C1' UMQ MA . 4.42 6.02 -25.03
C2' UMQ MA . 4.56 5.63 -26.50
C3' UMQ MA . 4.33 6.95 -27.27
C4' UMQ MA . 2.88 7.43 -26.96
C5' UMQ MA . 2.70 7.59 -25.42
C6' UMQ MA . 1.26 7.90 -25.07
O1' UMQ MA . 4.76 4.93 -24.26
O3' UMQ MA . 4.43 6.71 -28.62
O5' UMQ MA . 3.04 6.33 -24.82
O6' UMQ MA . 1.20 9.27 -24.89
O2' UMQ MA . 5.84 5.24 -26.79
CA UMQ MA . 5.87 5.24 -23.42
CB UMQ MA . 6.25 4.00 -22.67
CC UMQ MA . 6.86 3.05 -23.69
CD UMQ MA . 7.91 2.17 -23.04
CF UMQ MA . 7.29 0.88 -22.52
CG UMQ MA . 7.84 -0.27 -23.35
CH UMQ MA . 8.18 -1.48 -22.50
CI UMQ MA . 8.82 -2.52 -23.42
CJ UMQ MA . 10.10 -3.13 -22.83
CK UMQ MA . 11.13 -3.21 -23.95
CL UMQ MA . 12.37 -3.97 -23.52
C2 UMQ NA . -6.01 3.54 -27.63
C4 UMQ NA . -4.52 5.48 -28.20
C5 UMQ NA . -3.56 4.53 -29.01
C6 UMQ NA . -2.15 4.62 -28.44
O2 UMQ NA . -7.01 2.83 -28.25
O4 UMQ NA . -4.46 6.74 -28.76
C1 UMQ NA . -4.63 2.85 -27.74
C3 UMQ NA . -5.97 4.91 -28.32
O1 UMQ NA . -4.72 1.41 -27.50
O3 UMQ NA . -6.81 5.82 -27.70
O5 UMQ NA . -4.02 3.17 -28.97
O6 UMQ NA . -1.74 5.95 -28.56
C1' UMQ NA . -3.81 -2.23 -28.99
C2' UMQ NA . -2.93 -1.12 -29.61
C3' UMQ NA . -3.08 0.10 -28.67
C4' UMQ NA . -4.59 0.55 -28.60
C5' UMQ NA . -5.49 -0.73 -28.29
C6' UMQ NA . -6.96 -0.44 -28.52
O1' UMQ NA . -3.65 -3.37 -29.73
O3' UMQ NA . -2.34 1.16 -29.16
O5' UMQ NA . -5.14 -1.80 -29.16
O6' UMQ NA . -7.64 -1.63 -28.36
O2' UMQ NA . -1.60 -1.47 -29.56
CA UMQ NA . -3.48 -4.50 -28.90
CB UMQ NA . -2.01 -4.66 -28.58
CC UMQ NA . -1.61 -6.09 -28.87
CD UMQ NA . -0.80 -6.17 -30.17
CF UMQ NA . 0.49 -6.96 -29.98
CG UMQ NA . 0.19 -8.45 -30.12
CH UMQ NA . 0.74 -9.03 -31.41
CI UMQ NA . 0.11 -10.40 -31.62
CJ UMQ NA . 1.06 -11.53 -31.25
CK UMQ NA . 1.55 -12.18 -32.55
CL UMQ NA . 2.49 -13.34 -32.27
O1 UMQ OA . 27.96 -20.80 -25.06
C1' UMQ OA . 25.78 -18.57 -22.35
C2' UMQ OA . 26.02 -20.07 -21.96
C3' UMQ OA . 27.16 -20.65 -22.85
C4' UMQ OA . 26.86 -20.35 -24.32
C5' UMQ OA . 26.73 -18.82 -24.49
C6' UMQ OA . 26.58 -18.43 -25.96
O1' UMQ OA . 24.63 -18.16 -21.71
O3' UMQ OA . 27.18 -22.03 -22.72
O5' UMQ OA . 25.56 -18.45 -23.76
O6' UMQ OA . 27.61 -19.08 -26.66
O2' UMQ OA . 26.53 -20.14 -20.68
CA UMQ OA . 24.93 -17.28 -20.65
CB UMQ OA . 23.95 -17.43 -19.51
CC UMQ OA . 22.89 -16.36 -19.66
CD UMQ OA . 23.43 -14.99 -19.30
CF UMQ OA . 22.35 -13.91 -19.43
CG UMQ OA . 21.43 -13.96 -18.20
CH UMQ OA . 21.26 -12.59 -17.56
CI UMQ OA . 20.03 -11.92 -18.17
CJ UMQ OA . 19.86 -10.51 -17.63
CK UMQ OA . 18.78 -9.78 -18.42
CL UMQ OA . 19.17 -9.65 -19.89
O1 UMQ PA . 24.31 -25.02 -27.62
C1' UMQ PA . 22.57 -21.46 -26.53
C2' UMQ PA . 21.75 -22.33 -27.50
C3' UMQ PA . 22.30 -23.76 -27.37
C4' UMQ PA . 23.80 -23.73 -27.78
C5' UMQ PA . 24.56 -22.75 -26.82
C6' UMQ PA . 26.02 -22.60 -27.21
O1' UMQ PA . 22.09 -20.18 -26.61
O3' UMQ PA . 21.64 -24.61 -28.23
O5' UMQ PA . 23.94 -21.46 -26.96
O6' UMQ PA . 26.65 -23.82 -27.01
O2' UMQ PA . 20.43 -22.41 -27.08
CA UMQ PA . 22.93 -19.28 -25.95
CB UMQ PA . 22.17 -17.99 -25.77
CC UMQ PA . 20.92 -18.34 -24.99
CD UMQ PA . 20.40 -17.10 -24.27
CF UMQ PA . 20.90 -17.05 -22.84
CG UMQ PA . 20.25 -15.88 -22.15
CH UMQ PA . 18.76 -16.07 -21.95
CI UMQ PA . 18.50 -16.31 -20.48
CJ UMQ PA . 17.03 -16.64 -20.22
CK UMQ PA . 16.20 -15.43 -20.58
CL UMQ PA . 15.00 -15.80 -21.43
C1 CLR QA . 27.34 -5.45 14.96
C2 CLR QA . 26.86 -4.24 15.71
C3 CLR QA . 26.79 -3.07 14.78
C4 CLR QA . 25.76 -3.38 13.70
C5 CLR QA . 26.04 -4.69 13.03
C6 CLR QA . 25.83 -4.79 11.73
C7 CLR QA . 26.24 -5.96 10.94
C8 CLR QA . 26.21 -7.22 11.78
C9 CLR QA . 26.95 -7.02 13.10
C10 CLR QA . 26.32 -5.85 13.91
C11 CLR QA . 26.97 -8.30 13.92
C12 CLR QA . 27.59 -9.45 13.17
C13 CLR QA . 26.94 -9.65 11.79
C14 CLR QA . 26.99 -8.30 11.04
C15 CLR QA . 26.53 -8.69 9.63
C16 CLR QA . 27.21 -10.06 9.42
C17 CLR QA . 27.72 -10.55 10.81
C18 CLR QA . 25.49 -10.15 11.88
C19 CLR QA . 25.01 -6.28 14.57
C20 CLR QA . 27.55 -12.10 11.02
C21 CLR QA . 28.66 -12.66 11.92
C22 CLR QA . 27.56 -12.88 9.70
C23 CLR QA . 27.07 -14.31 9.95
C24 CLR QA . 28.06 -15.33 9.41
C25 CLR QA . 27.46 -16.75 9.45
C26 CLR QA . 28.45 -17.74 8.85
C27 CLR QA . 27.15 -17.16 10.89
O1 CLR QA . 26.37 -2.01 15.56
C1 NAG RA . 32.64 35.77 1.58
C2 NAG RA . 32.28 37.15 2.14
C3 NAG RA . 32.27 38.19 1.03
C4 NAG RA . 33.61 38.19 0.30
C5 NAG RA . 33.93 36.78 -0.21
C6 NAG RA . 35.29 36.67 -0.84
C7 NAG RA . 30.86 36.94 4.14
C8 NAG RA . 29.46 36.93 4.66
N2 NAG RA . 30.99 37.11 2.81
O3 NAG RA . 32.01 39.46 1.58
O4 NAG RA . 33.57 39.09 -0.80
O5 NAG RA . 33.90 35.86 0.88
O6 NAG RA . 35.69 35.33 -1.01
O7 NAG RA . 31.84 36.80 4.86
C1 NAG SA . 26.26 40.58 24.71
C2 NAG SA . 25.22 40.73 23.55
C3 NAG SA . 23.83 41.12 24.11
C4 NAG SA . 23.44 40.28 25.32
C5 NAG SA . 24.55 40.30 26.36
C6 NAG SA . 24.26 39.47 27.57
C7 NAG SA . 25.17 41.86 21.36
C8 NAG SA . 25.78 42.95 20.53
N2 NAG SA . 25.67 41.71 22.59
O3 NAG SA . 22.84 40.95 23.10
O4 NAG SA . 22.24 40.80 25.90
O5 NAG SA . 25.73 39.77 25.75
O6 NAG SA . 25.08 39.84 28.67
O7 NAG SA . 24.28 41.13 20.92
C2 UMQ TA . 20.60 4.49 14.63
C4 UMQ TA . 20.78 6.65 13.48
C5 UMQ TA . 22.19 6.73 13.99
C6 UMQ TA . 22.55 8.17 14.18
O2 UMQ TA . 20.35 3.16 14.42
O4 UMQ TA . 20.81 7.29 12.28
C1 UMQ TA . 22.00 4.70 15.10
C3 UMQ TA . 20.45 5.16 13.28
O1 UMQ TA . 22.82 4.25 14.09
O3 UMQ TA . 19.12 5.15 12.92
O5 UMQ TA . 22.24 6.06 15.23
O6 UMQ TA . 23.52 8.22 15.17
C1' UMQ TA . 25.94 1.74 13.73
C2' UMQ TA . 24.68 1.12 14.35
C3' UMQ TA . 23.53 2.05 13.99
C4' UMQ TA . 23.82 3.45 14.55
C5' UMQ TA . 25.15 3.93 13.93
C6' UMQ TA . 25.53 5.28 14.45
O1' UMQ TA . 27.00 0.96 14.11
O3' UMQ TA . 22.39 1.58 14.59
O5' UMQ TA . 26.13 3.00 14.33
O6' UMQ TA . 26.84 5.47 14.10
O2' UMQ TA . 24.39 -0.07 13.72
CA UMQ TA . 28.15 1.30 13.41
CB UMQ TA . 28.63 0.05 12.71
CC UMQ TA . 29.95 -0.35 13.35
CD UMQ TA . 30.14 -1.86 13.28
CF UMQ TA . 29.93 -2.39 11.88
CG UMQ TA . 29.76 -3.89 11.94
CH UMQ TA . 31.08 -4.60 12.17
CI UMQ TA . 31.46 -5.24 10.85
CJ UMQ TA . 30.58 -6.42 10.53
CK UMQ TA . 31.35 -7.69 10.89
CL UMQ TA . 32.41 -7.98 9.87
C2 UMQ UA . 28.74 -2.08 39.92
C4 UMQ UA . 28.94 -3.30 42.04
C5 UMQ UA . 27.89 -4.29 41.49
C6 UMQ UA . 27.06 -4.91 42.63
O2 UMQ UA . 29.44 -1.53 38.86
O4 UMQ UA . 29.77 -4.01 42.87
C1 UMQ UA . 27.72 -3.12 39.47
C3 UMQ UA . 29.75 -2.76 40.83
O1 UMQ UA . 28.45 -4.17 38.87
O3 UMQ UA . 30.67 -1.85 41.33
O5 UMQ UA . 27.03 -3.64 40.58
O6 UMQ UA . 25.77 -4.40 42.56
C1' UMQ UA . 28.13 -6.53 35.58
C2' UMQ UA . 27.76 -5.08 35.27
C3' UMQ UA . 28.21 -4.20 36.47
C4' UMQ UA . 27.73 -4.81 37.84
C5' UMQ UA . 28.09 -6.33 37.87
C6' UMQ UA . 27.56 -7.02 39.14
O1' UMQ UA . 27.66 -7.32 34.55
O3' UMQ UA . 27.65 -2.95 36.33
O5' UMQ UA . 27.45 -6.92 36.76
O6' UMQ UA . 28.66 -7.22 39.98
O2' UMQ UA . 28.51 -4.63 34.21
CA UMQ UA . 28.72 -8.01 33.93
CB UMQ UA . 28.33 -8.27 32.49
CC UMQ UA . 26.98 -8.92 32.54
CD UMQ UA . 26.17 -8.59 31.32
CF UMQ UA . 26.73 -9.27 30.12
CG UMQ UA . 25.75 -9.16 28.99
CH UMQ UA . 24.60 -10.11 29.17
CI UMQ UA . 23.65 -9.92 28.01
CJ UMQ UA . 24.30 -10.26 26.70
CK UMQ UA . 23.23 -10.75 25.76
CL UMQ UA . 23.85 -11.12 24.43
O1 UMQ VA . 31.03 7.45 9.91
C1' UMQ VA . 28.13 4.58 9.82
C2' UMQ VA . 29.06 4.49 11.05
C3' UMQ VA . 29.82 5.84 11.16
C4' UMQ VA . 30.51 6.16 9.81
C5' UMQ VA . 29.47 6.12 8.65
C6' UMQ VA . 30.13 6.35 7.30
O1' UMQ VA . 27.44 3.40 9.69
O3' UMQ VA . 30.78 5.75 12.14
O5' UMQ VA . 28.92 4.81 8.64
O6' UMQ VA . 29.21 7.03 6.50
O2' UMQ VA . 28.31 4.44 12.20
CA UMQ VA . 28.23 2.39 9.10
CB UMQ VA . 27.34 1.26 8.67
CC UMQ VA . 28.19 0.02 8.77
CD UMQ VA . 27.64 -1.07 7.89
CF UMQ VA . 27.62 -2.39 8.63
CG UMQ VA . 28.08 -3.47 7.69
CH UMQ VA . 27.00 -4.48 7.40
CI UMQ VA . 27.56 -5.53 6.45
CJ UMQ VA . 28.70 -6.30 7.09
CK UMQ VA . 28.89 -7.60 6.33
CL UMQ VA . 29.75 -8.57 7.10
C2 UMQ WA . 34.18 6.89 20.69
C4 UMQ WA . 31.81 7.67 21.20
C5 UMQ WA . 31.48 7.14 19.78
C6 UMQ WA . 30.29 7.86 19.15
O2 UMQ WA . 35.18 6.06 21.16
O4 UMQ WA . 30.70 7.42 22.00
C1 UMQ WA . 33.64 6.42 19.34
C3 UMQ WA . 33.05 6.85 21.74
O1 UMQ WA . 33.03 5.16 19.57
O3 UMQ WA . 33.47 7.49 22.90
O5 UMQ WA . 32.62 7.30 18.98
O6 UMQ WA . 30.56 7.94 17.79
C1' UMQ WA . 33.07 2.11 16.64
C2' UMQ WA . 32.77 3.56 16.01
C3' UMQ WA . 32.91 4.75 17.05
C4' UMQ WA . 33.03 4.18 18.50
C5' UMQ WA . 34.31 3.32 18.45
C6' UMQ WA . 34.88 3.03 19.84
O1' UMQ WA . 31.87 1.51 16.91
O3' UMQ WA . 31.79 5.57 16.96
O5' UMQ WA . 33.92 2.07 17.86
O6' UMQ WA . 35.63 1.86 19.73
O2' UMQ WA . 33.66 3.83 14.99
CA UMQ WA . 32.05 0.34 17.67
CB UMQ WA . 31.04 -0.69 17.23
CC UMQ WA . 31.25 -1.87 18.16
CD UMQ WA . 30.52 -3.08 17.64
CF UMQ WA . 31.31 -3.76 16.56
CG UMQ WA . 31.36 -5.24 16.89
CH UMQ WA . 31.40 -6.12 15.65
CI UMQ WA . 31.43 -7.55 16.09
CJ UMQ WA . 31.78 -8.48 14.96
CK UMQ WA . 31.53 -9.91 15.41
CL UMQ WA . 31.89 -10.92 14.34
O1 UMQ XA . 27.88 6.38 4.74
C1' UMQ XA . 25.44 3.15 4.84
C2' UMQ XA . 26.91 2.80 4.60
C3' UMQ XA . 27.68 4.03 5.09
C4' UMQ XA . 27.27 5.24 4.20
C5' UMQ XA . 25.72 5.42 4.27
C6' UMQ XA . 25.25 6.49 3.29
O1' UMQ XA . 24.68 2.03 4.59
O3' UMQ XA . 29.04 3.84 4.92
O5' UMQ XA . 25.11 4.17 3.91
O6' UMQ XA . 25.10 7.65 4.04
O2' UMQ XA . 27.31 1.75 5.41
CA UMQ XA . 23.96 1.64 5.73
CB UMQ XA . 23.22 0.38 5.41
CC UMQ XA . 24.26 -0.72 5.30
CD UMQ XA . 23.69 -2.05 5.71
CF UMQ XA . 23.09 -2.79 4.53
CG UMQ XA . 23.93 -4.02 4.25
CH UMQ XA . 23.08 -5.25 3.92
CI UMQ XA . 24.02 -6.44 3.79
CJ UMQ XA . 23.55 -7.67 4.54
CK UMQ XA . 24.76 -8.29 5.25
CL UMQ XA . 24.42 -9.63 5.87
C2 UMQ YA . 27.02 7.06 -5.36
C4 UMQ YA . 27.78 7.84 -3.09
C5 UMQ YA . 28.64 6.54 -2.91
C6 UMQ YA . 28.22 5.80 -1.65
O2 UMQ YA . 27.53 7.06 -6.63
O4 UMQ YA . 28.38 8.86 -2.38
C1 UMQ YA . 27.24 5.71 -4.61
C3 UMQ YA . 27.76 8.19 -4.60
O1 UMQ YA . 26.96 4.57 -5.48
O3 UMQ YA . 27.08 9.39 -4.72
O5 UMQ YA . 28.54 5.69 -4.04
O6 UMQ YA . 28.39 6.67 -0.57
C1' UMQ YA . 28.44 1.10 -6.91
C2' UMQ YA . 29.16 1.54 -5.63
C3' UMQ YA . 28.25 2.59 -4.97
C4' UMQ YA . 28.05 3.82 -5.96
C5' UMQ YA . 27.63 3.26 -7.39
C6' UMQ YA . 27.73 4.33 -8.45
O1' UMQ YA . 29.16 0.09 -7.50
O3' UMQ YA . 28.82 3.07 -3.82
O5' UMQ YA . 28.50 2.21 -7.79
O6' UMQ YA . 27.48 3.72 -9.67
O2' UMQ YA . 29.22 0.48 -4.73
CA UMQ YA . 28.33 -0.97 -7.92
CB UMQ YA . 28.13 -1.94 -6.76
CC UMQ YA . 28.42 -3.34 -7.28
CD UMQ YA . 29.79 -3.81 -6.77
CF UMQ YA . 29.70 -5.20 -6.14
CG UMQ YA . 29.76 -6.25 -7.23
CH UMQ YA . 31.09 -7.00 -7.23
CI UMQ YA . 31.21 -7.78 -8.54
CJ UMQ YA . 30.91 -9.25 -8.36
CK UMQ YA . 32.22 -10.03 -8.45
CL UMQ YA . 31.99 -11.53 -8.30
O1 UMQ ZA . 26.95 -32.25 9.05
C1' UMQ ZA . 24.10 -29.27 8.76
C2' UMQ ZA . 23.71 -30.65 8.15
C3' UMQ ZA . 24.68 -31.75 8.68
C4' UMQ ZA . 26.13 -31.28 8.47
C5' UMQ ZA . 26.32 -29.94 9.22
C6' UMQ ZA . 27.77 -29.50 9.18
O1' UMQ ZA . 23.37 -28.30 8.10
O3' UMQ ZA . 24.51 -32.90 7.93
O5' UMQ ZA . 25.50 -29.01 8.52
O6' UMQ ZA . 28.55 -30.59 9.59
O2' UMQ ZA . 22.47 -31.04 8.64
CA UMQ ZA . 22.37 -27.78 8.95
CB UMQ ZA . 21.14 -27.39 8.15
CC UMQ ZA . 21.22 -25.90 7.88
CD UMQ ZA . 20.95 -25.09 9.13
CF UMQ ZA . 21.01 -23.59 8.83
CG UMQ ZA . 19.70 -23.14 8.17
CH UMQ ZA . 19.08 -21.93 8.85
CI UMQ ZA . 19.59 -20.67 8.17
CJ UMQ ZA . 19.07 -19.42 8.86
CK UMQ ZA . 19.78 -18.19 8.32
CL UMQ ZA . 21.28 -18.25 8.57
O1 UMQ AB . 29.06 -33.60 3.45
C1' UMQ AB . 27.90 -29.72 4.12
C2' UMQ AB . 28.78 -29.94 2.87
C3' UMQ AB . 28.66 -31.44 2.54
C4' UMQ AB . 29.20 -32.24 3.75
C5' UMQ AB . 28.35 -31.89 5.01
C6' UMQ AB . 28.87 -32.58 6.26
O1' UMQ AB . 27.97 -28.39 4.44
O3' UMQ AB . 29.44 -31.74 1.43
O5' UMQ AB . 28.47 -30.47 5.21
O6' UMQ AB . 28.70 -33.95 6.10
O2' UMQ AB . 28.24 -29.28 1.79
CA UMQ AB . 27.42 -28.13 5.70
CB UMQ AB . 27.20 -26.65 5.81
CC UMQ AB . 26.29 -26.26 4.67
CD UMQ AB . 25.56 -24.97 5.00
CF UMQ AB . 24.19 -25.25 5.57
CG UMQ AB . 23.48 -23.94 5.76
CH UMQ AB . 23.13 -23.26 4.45
CI UMQ AB . 21.63 -23.36 4.22
CJ UMQ AB . 21.24 -22.81 2.86
CK UMQ AB . 21.56 -21.33 2.82
CL UMQ AB . 22.28 -20.92 1.55
#